data_9L3M
#
_entry.id   9L3M
#
_cell.length_a   1.00
_cell.length_b   1.00
_cell.length_c   1.00
_cell.angle_alpha   90.00
_cell.angle_beta   90.00
_cell.angle_gamma   90.00
#
_symmetry.space_group_name_H-M   'P 1'
#
loop_
_entity.id
_entity.type
_entity.pdbx_description
1 polymer 'An unknown peptide substrate'
2 polymer 'Outer mitochondrial transmembrane helix translocase'
3 non-polymer "ADENOSINE-5'-TRIPHOSPHATE"
4 non-polymer 'MAGNESIUM ION'
#
loop_
_entity_poly.entity_id
_entity_poly.type
_entity_poly.pdbx_seq_one_letter_code
_entity_poly.pdbx_strand_id
1 'polypeptide(L)' (UNK)(UNK)(UNK)(UNK)(UNK)(UNK)(UNK)(UNK)(UNK)(UNK)(UNK)(UNK)(UNK)(UNK) G
2 'polypeptide(L)'
;MSRKFDLKTITDLSVLVGTGISLYYLVSRLLNDVESGPLSGKSRESKAKQSLQWEKLVKRSPALAEVTLDAYERTILSSI
VTPDEINITFQDIGGLDPLISDLHESVIYPLMMPEVYSNSPLLQAPSGVLLYGPPGCGKTMLAKALAKESGANFISIRMS
SIMDKWYGESNKIVDAMFSLANKLQPCIIFIDQIDSFLRERSSTDHEVTATLKAEFMTLWDGLLNNGRVMIIGATNRIND
IDDAFLRRLPKRFLVSLPGSDQRYKILSVLLKDTKLDEDEFDLQLIADNTKGFSGSDLKELCREAALDAAKEYIKQKRQL
IDSGTIDVNDTSSLKIRPLKTKDFTKKLRMDATSTLSSQPLD
;
A,B,C,D,E,F
#
# COMPACT_ATOMS: atom_id res chain seq x y z
N UNK A 1 3.68 1.29 7.39
CA UNK A 1 3.65 2.04 6.12
C UNK A 1 3.17 1.12 4.99
N UNK A 2 2.56 1.70 3.95
CA UNK A 2 1.82 0.92 2.94
C UNK A 2 1.93 1.59 1.57
N UNK A 3 2.03 0.80 0.51
CA UNK A 3 2.18 1.33 -0.86
C UNK A 3 0.94 0.97 -1.69
N UNK A 4 0.51 1.89 -2.56
CA UNK A 4 -0.79 1.75 -3.27
C UNK A 4 -0.53 1.54 -4.76
N UNK A 5 -1.04 0.44 -5.32
CA UNK A 5 -1.20 0.34 -6.79
C UNK A 5 -2.53 0.97 -7.21
N UNK A 6 -2.73 1.15 -8.51
CA UNK A 6 -3.82 2.03 -9.03
C UNK A 6 -4.45 1.39 -10.27
N UNK A 7 -5.75 1.15 -10.25
CA UNK A 7 -6.49 0.71 -11.44
C UNK A 7 -7.07 1.92 -12.17
N UNK A 8 -7.49 1.76 -13.42
CA UNK A 8 -7.73 2.90 -14.32
C UNK A 8 -9.08 2.72 -15.02
N UNK A 9 -10.01 3.66 -14.80
CA UNK A 9 -11.30 3.66 -15.54
C UNK A 9 -11.16 4.52 -16.79
N UNK A 10 -11.73 4.06 -17.91
CA UNK A 10 -11.67 4.79 -19.19
C UNK A 10 -12.86 5.74 -19.29
N UNK A 11 -12.75 6.78 -20.13
CA UNK A 11 -13.93 7.54 -20.61
C UNK A 11 -14.09 7.27 -22.12
N UNK A 12 -14.76 8.17 -22.83
CA UNK A 12 -14.86 8.09 -24.30
C UNK A 12 -15.13 9.48 -24.88
N UNK A 13 -15.27 9.57 -26.20
CA UNK A 13 -15.55 10.87 -26.87
C UNK A 13 -16.75 10.70 -27.80
N UNK A 14 -17.86 11.38 -27.48
CA UNK A 14 -19.02 11.45 -28.40
C UNK A 14 -18.53 11.78 -29.82
N GLN B 50 -9.26 27.42 0.28
CA GLN B 50 -9.73 28.33 1.32
C GLN B 50 -9.99 27.56 2.62
N SER B 51 -9.35 28.01 3.69
CA SER B 51 -9.52 27.39 5.01
C SER B 51 -9.57 28.49 6.06
N LEU B 52 -10.16 28.16 7.21
CA LEU B 52 -10.36 29.15 8.27
C LEU B 52 -9.03 29.67 8.80
N GLN B 53 -8.03 28.79 8.91
CA GLN B 53 -6.72 29.22 9.37
C GLN B 53 -6.05 30.15 8.35
N TRP B 54 -6.24 29.89 7.06
CA TRP B 54 -5.50 30.63 6.04
C TRP B 54 -6.02 32.05 5.88
N GLU B 55 -7.33 32.26 6.00
CA GLU B 55 -7.86 33.63 5.94
C GLU B 55 -7.37 34.46 7.12
N LYS B 56 -7.32 33.88 8.31
CA LYS B 56 -6.79 34.61 9.47
C LYS B 56 -5.30 34.87 9.32
N LEU B 57 -4.56 33.94 8.72
CA LEU B 57 -3.14 34.17 8.47
C LEU B 57 -2.93 35.27 7.44
N VAL B 58 -3.75 35.28 6.39
CA VAL B 58 -3.65 36.32 5.37
C VAL B 58 -4.05 37.68 5.95
N LYS B 59 -5.06 37.69 6.83
CA LYS B 59 -5.49 38.94 7.44
C LYS B 59 -4.41 39.54 8.32
N ARG B 60 -3.70 38.69 9.09
CA ARG B 60 -2.62 39.19 9.93
C ARG B 60 -1.42 39.62 9.09
N SER B 61 -1.02 38.78 8.13
CA SER B 61 0.10 39.07 7.23
C SER B 61 -0.40 39.14 5.81
N PRO B 62 -0.54 40.35 5.23
CA PRO B 62 -1.09 40.47 3.88
C PRO B 62 -0.23 39.85 2.79
N ALA B 63 1.06 39.62 3.06
CA ALA B 63 1.94 39.00 2.07
C ALA B 63 1.67 37.52 1.88
N LEU B 64 0.86 36.91 2.73
CA LEU B 64 0.57 35.48 2.64
C LEU B 64 -0.42 35.13 1.54
N ALA B 65 -1.11 36.13 0.98
CA ALA B 65 -2.06 35.86 -0.10
C ALA B 65 -1.35 35.37 -1.36
N GLU B 66 -0.17 35.93 -1.64
CA GLU B 66 0.60 35.49 -2.81
C GLU B 66 1.14 34.07 -2.62
N VAL B 67 1.37 33.65 -1.37
CA VAL B 67 1.97 32.36 -1.10
C VAL B 67 0.96 31.25 -1.36
N THR B 68 1.36 30.27 -2.16
CA THR B 68 0.51 29.12 -2.50
C THR B 68 0.94 27.91 -1.68
N LEU B 69 -0.05 27.10 -1.29
CA LEU B 69 0.18 25.93 -0.45
C LEU B 69 -0.26 24.67 -1.19
N ASP B 70 0.37 23.55 -0.85
CA ASP B 70 -0.03 22.26 -1.39
C ASP B 70 -0.84 21.49 -0.32
N ALA B 71 -1.14 20.22 -0.61
CA ALA B 71 -2.04 19.46 0.25
C ALA B 71 -1.45 19.19 1.62
N TYR B 72 -0.16 18.80 1.66
CA TYR B 72 0.47 18.50 2.95
C TYR B 72 0.64 19.77 3.79
N GLU B 73 0.95 20.89 3.14
CA GLU B 73 1.02 22.16 3.85
C GLU B 73 -0.35 22.55 4.40
N ARG B 74 -1.42 22.27 3.63
CA ARG B 74 -2.77 22.50 4.13
C ARG B 74 -3.09 21.59 5.32
N THR B 75 -2.57 20.36 5.31
CA THR B 75 -2.73 19.48 6.47
C THR B 75 -2.00 20.03 7.69
N ILE B 76 -0.79 20.57 7.48
CA ILE B 76 -0.05 21.20 8.58
C ILE B 76 -0.78 22.44 9.08
N LEU B 77 -1.50 23.14 8.20
CA LEU B 77 -2.22 24.35 8.56
C LEU B 77 -3.24 24.13 9.67
N SER B 78 -3.76 22.91 9.83
CA SER B 78 -4.77 22.66 10.85
C SER B 78 -4.21 22.78 12.27
N SER B 79 -2.89 22.65 12.43
CA SER B 79 -2.25 22.74 13.73
C SER B 79 -1.65 24.12 13.99
N ILE B 80 -2.01 25.12 13.19
CA ILE B 80 -1.53 26.48 13.42
C ILE B 80 -2.24 27.06 14.63
N VAL B 81 -1.46 27.54 15.59
CA VAL B 81 -1.99 28.15 16.81
C VAL B 81 -1.98 29.65 16.63
N THR B 82 -3.16 30.26 16.67
CA THR B 82 -3.47 31.67 16.53
C THR B 82 -3.81 32.27 17.90
N PRO B 83 -3.34 33.48 18.21
CA PRO B 83 -3.39 33.96 19.60
C PRO B 83 -4.79 34.14 20.19
N ASP B 84 -5.85 34.21 19.37
CA ASP B 84 -7.15 34.52 19.97
C ASP B 84 -7.78 33.32 20.68
N GLU B 85 -7.47 32.09 20.27
CA GLU B 85 -8.13 30.93 20.86
C GLU B 85 -7.46 30.45 22.14
N ILE B 86 -6.34 31.06 22.54
CA ILE B 86 -5.69 30.75 23.82
C ILE B 86 -5.51 32.05 24.59
N ASN B 87 -5.49 31.93 25.93
CA ASN B 87 -5.47 33.10 26.80
C ASN B 87 -4.30 33.10 27.77
N ILE B 88 -3.30 32.23 27.58
CA ILE B 88 -2.15 32.19 28.46
C ILE B 88 -1.24 33.38 28.17
N THR B 89 -0.88 34.12 29.23
CA THR B 89 -0.20 35.39 29.10
C THR B 89 1.14 35.32 29.84
N PHE B 90 2.15 36.00 29.28
CA PHE B 90 3.48 36.04 29.91
C PHE B 90 3.41 36.58 31.34
N GLN B 91 2.56 37.58 31.58
CA GLN B 91 2.38 38.12 32.93
C GLN B 91 1.70 37.14 33.86
N ASP B 92 1.06 36.08 33.34
CA ASP B 92 0.48 35.04 34.17
C ASP B 92 1.50 33.99 34.58
N ILE B 93 2.75 34.13 34.16
CA ILE B 93 3.82 33.20 34.54
C ILE B 93 4.50 33.75 35.78
N GLY B 94 4.48 32.98 36.86
CA GLY B 94 5.09 33.39 38.11
C GLY B 94 6.41 32.68 38.36
N GLY B 95 7.29 33.36 39.09
CA GLY B 95 8.54 32.77 39.52
C GLY B 95 9.56 32.52 38.42
N LEU B 96 9.31 33.01 37.21
CA LEU B 96 10.21 32.79 36.08
C LEU B 96 10.60 34.10 35.41
N ASP B 97 10.51 35.22 36.13
CA ASP B 97 10.80 36.52 35.52
C ASP B 97 12.22 36.66 34.97
N PRO B 98 13.29 36.22 35.65
CA PRO B 98 14.58 36.16 34.95
C PRO B 98 14.56 35.25 33.74
N LEU B 99 13.87 34.11 33.84
CA LEU B 99 13.69 33.24 32.68
C LEU B 99 12.83 33.91 31.62
N ILE B 100 11.82 34.69 32.04
CA ILE B 100 11.00 35.43 31.09
C ILE B 100 11.85 36.41 30.30
N SER B 101 12.70 37.17 31.00
CA SER B 101 13.55 38.15 30.34
C SER B 101 14.56 37.48 29.42
N ASP B 102 15.18 36.39 29.87
CA ASP B 102 16.14 35.68 29.04
C ASP B 102 15.47 35.10 27.79
N LEU B 103 14.29 34.50 27.96
CA LEU B 103 13.55 33.94 26.83
C LEU B 103 13.18 35.03 25.84
N HIS B 104 12.67 36.16 26.33
CA HIS B 104 12.32 37.27 25.46
C HIS B 104 13.53 37.75 24.67
N GLU B 105 14.60 38.11 25.38
CA GLU B 105 15.72 38.78 24.73
C GLU B 105 16.53 37.84 23.85
N SER B 106 16.50 36.53 24.13
CA SER B 106 17.23 35.59 23.32
C SER B 106 16.38 34.86 22.28
N VAL B 107 15.06 35.06 22.28
CA VAL B 107 14.22 34.35 21.34
C VAL B 107 13.38 35.31 20.51
N ILE B 108 12.58 36.15 21.17
CA ILE B 108 11.56 36.92 20.47
C ILE B 108 12.21 38.05 19.67
N TYR B 109 12.95 38.91 20.36
CA TYR B 109 13.53 40.08 19.71
C TYR B 109 14.52 39.74 18.60
N PRO B 110 15.43 38.75 18.72
CA PRO B 110 16.21 38.36 17.53
C PRO B 110 15.35 37.81 16.40
N LEU B 111 14.20 37.21 16.70
CA LEU B 111 13.36 36.63 15.66
C LEU B 111 12.31 37.60 15.14
N MET B 112 11.68 38.37 16.03
CA MET B 112 10.64 39.30 15.61
C MET B 112 11.16 40.69 15.26
N MET B 113 12.38 41.04 15.66
CA MET B 113 12.96 42.34 15.34
C MET B 113 14.30 42.11 14.64
N PRO B 114 14.27 41.69 13.37
CA PRO B 114 15.53 41.51 12.64
C PRO B 114 16.20 42.82 12.28
N GLU B 115 15.44 43.92 12.19
CA GLU B 115 16.02 45.22 11.92
C GLU B 115 16.87 45.69 13.11
N VAL B 116 16.42 45.39 14.33
CA VAL B 116 17.19 45.73 15.51
C VAL B 116 18.49 44.92 15.56
N TYR B 117 18.42 43.65 15.20
CA TYR B 117 19.54 42.73 15.33
C TYR B 117 20.30 42.53 14.03
N SER B 118 20.16 43.45 13.07
CA SER B 118 20.86 43.37 11.80
C SER B 118 22.27 43.92 11.85
N ASN B 119 22.68 44.49 13.00
CA ASN B 119 24.02 45.07 13.11
C ASN B 119 25.10 44.01 13.13
N SER B 120 24.84 42.87 13.77
CA SER B 120 25.85 41.84 13.92
C SER B 120 25.35 40.52 13.35
N PRO B 121 26.24 39.71 12.74
CA PRO B 121 25.81 38.42 12.21
C PRO B 121 25.50 37.39 13.27
N LEU B 122 25.95 37.59 14.51
CA LEU B 122 25.75 36.62 15.59
C LEU B 122 24.59 37.01 16.51
N LEU B 123 23.75 37.95 16.08
CA LEU B 123 22.59 38.37 16.85
C LEU B 123 21.30 37.71 16.36
N GLN B 124 21.42 36.67 15.55
CA GLN B 124 20.26 36.00 15.00
C GLN B 124 19.58 35.12 16.05
N ALA B 125 18.37 34.68 15.71
CA ALA B 125 17.63 33.76 16.56
C ALA B 125 18.28 32.39 16.55
N PRO B 126 18.13 31.60 17.61
CA PRO B 126 18.69 30.24 17.62
C PRO B 126 17.96 29.34 16.63
N SER B 127 18.65 28.25 16.26
CA SER B 127 18.00 27.24 15.43
C SER B 127 16.87 26.54 16.18
N GLY B 128 17.06 26.30 17.47
CA GLY B 128 16.03 25.68 18.28
C GLY B 128 16.13 26.15 19.73
N VAL B 129 15.04 25.95 20.46
CA VAL B 129 14.93 26.37 21.85
C VAL B 129 14.34 25.21 22.65
N LEU B 130 15.00 24.85 23.74
CA LEU B 130 14.55 23.74 24.58
C LEU B 130 14.14 24.27 25.95
N LEU B 131 12.92 23.95 26.36
CA LEU B 131 12.43 24.20 27.71
C LEU B 131 12.31 22.86 28.40
N TYR B 132 13.27 22.55 29.27
CA TYR B 132 13.35 21.26 29.93
C TYR B 132 13.41 21.43 31.44
N GLY B 133 12.85 20.46 32.15
CA GLY B 133 12.84 20.46 33.59
C GLY B 133 11.86 19.47 34.17
N PRO B 134 11.68 19.50 35.49
CA PRO B 134 10.67 18.63 36.11
C PRO B 134 9.27 19.02 35.67
N PRO B 135 8.34 18.07 35.64
CA PRO B 135 6.99 18.36 35.14
C PRO B 135 6.22 19.29 36.05
N GLY B 136 5.29 20.02 35.46
CA GLY B 136 4.42 20.91 36.20
C GLY B 136 4.96 22.30 36.45
N CYS B 137 6.19 22.58 36.03
CA CYS B 137 6.79 23.90 36.29
C CYS B 137 6.35 24.96 35.30
N GLY B 138 5.64 24.59 34.24
CA GLY B 138 5.06 25.58 33.35
C GLY B 138 5.73 25.73 32.00
N LYS B 139 6.27 24.63 31.47
CA LYS B 139 6.83 24.67 30.11
C LYS B 139 5.73 24.86 29.07
N THR B 140 4.60 24.18 29.24
CA THR B 140 3.46 24.39 28.35
C THR B 140 2.88 25.79 28.53
N MET B 141 2.90 26.32 29.75
CA MET B 141 2.51 27.70 29.99
C MET B 141 3.42 28.66 29.22
N LEU B 142 4.73 28.40 29.26
CA LEU B 142 5.68 29.23 28.54
C LEU B 142 5.42 29.16 27.04
N ALA B 143 5.16 27.97 26.51
CA ALA B 143 4.90 27.82 25.08
C ALA B 143 3.62 28.53 24.67
N LYS B 144 2.55 28.41 25.47
CA LYS B 144 1.29 29.05 25.12
C LYS B 144 1.40 30.57 25.18
N ALA B 145 2.07 31.10 26.21
CA ALA B 145 2.27 32.54 26.30
C ALA B 145 3.18 33.05 25.19
N LEU B 146 4.18 32.24 24.80
CA LEU B 146 5.01 32.58 23.66
C LEU B 146 4.20 32.62 22.38
N ALA B 147 3.24 31.71 22.24
CA ALA B 147 2.32 31.75 21.10
C ALA B 147 1.47 33.02 21.12
N LYS B 148 1.08 33.46 22.32
CA LYS B 148 0.21 34.63 22.40
C LYS B 148 0.96 35.92 22.07
N GLU B 149 1.98 36.28 22.87
CA GLU B 149 2.56 37.61 22.73
C GLU B 149 3.41 37.75 21.48
N SER B 150 4.24 36.74 21.19
CA SER B 150 5.06 36.76 19.95
C SER B 150 4.14 36.50 18.75
N GLY B 151 4.14 37.41 17.77
CA GLY B 151 3.26 37.28 16.63
C GLY B 151 3.68 36.24 15.63
N ALA B 152 4.72 35.46 15.94
CA ALA B 152 5.20 34.43 15.03
C ALA B 152 4.14 33.36 14.86
N ASN B 153 4.00 32.88 13.63
CA ASN B 153 2.96 31.92 13.28
C ASN B 153 3.27 30.59 13.96
N PHE B 154 2.57 30.31 15.06
CA PHE B 154 2.82 29.12 15.84
C PHE B 154 2.36 27.88 15.08
N ILE B 155 3.23 26.88 15.02
CA ILE B 155 2.91 25.58 14.42
C ILE B 155 3.14 24.55 15.50
N SER B 156 2.07 24.20 16.23
CA SER B 156 2.13 23.27 17.34
C SER B 156 1.60 21.92 16.87
N ILE B 157 2.48 21.11 16.29
CA ILE B 157 2.13 19.76 15.89
C ILE B 157 2.48 18.78 16.99
N ARG B 158 1.83 17.62 16.97
CA ARG B 158 2.11 16.54 17.90
C ARG B 158 2.51 15.30 17.12
N MET B 159 2.70 14.19 17.84
CA MET B 159 3.14 12.95 17.19
C MET B 159 1.92 12.12 16.76
N SER B 160 0.96 12.78 16.13
CA SER B 160 -0.24 12.16 15.58
C SER B 160 -0.56 12.62 14.18
N SER B 161 -0.38 13.91 13.88
CA SER B 161 -0.63 14.41 12.53
C SER B 161 0.49 14.05 11.58
N ILE B 162 1.73 13.94 12.09
CA ILE B 162 2.86 13.56 11.26
C ILE B 162 2.71 12.12 10.78
N MET B 163 2.30 11.22 11.67
CA MET B 163 2.17 9.81 11.32
C MET B 163 1.04 9.60 10.31
N ASP B 164 1.35 8.84 9.26
CA ASP B 164 0.37 8.45 8.27
C ASP B 164 0.56 6.96 7.97
N LYS B 165 -0.54 6.32 7.56
CA LYS B 165 -0.49 4.88 7.31
C LYS B 165 0.20 4.54 6.00
N TRP B 166 0.39 5.51 5.11
CA TRP B 166 1.02 5.25 3.81
C TRP B 166 2.52 5.52 3.88
N TYR B 167 3.23 4.99 2.89
CA TYR B 167 4.68 5.12 2.84
C TYR B 167 5.07 6.48 2.27
N GLY B 168 5.87 7.23 3.02
CA GLY B 168 6.40 8.50 2.56
C GLY B 168 5.56 9.70 2.89
N GLU B 169 4.33 9.52 3.39
CA GLU B 169 3.49 10.66 3.70
C GLU B 169 3.91 11.36 4.98
N SER B 170 4.52 10.64 5.93
CA SER B 170 5.01 11.29 7.15
C SER B 170 6.19 12.20 6.85
N ASN B 171 7.14 11.72 6.05
CA ASN B 171 8.29 12.54 5.68
C ASN B 171 7.85 13.74 4.84
N LYS B 172 6.88 13.53 3.94
CA LYS B 172 6.35 14.64 3.16
C LYS B 172 5.62 15.63 4.05
N ILE B 173 4.93 15.15 5.09
CA ILE B 173 4.26 16.03 6.04
C ILE B 173 5.27 16.88 6.80
N VAL B 174 6.37 16.27 7.24
CA VAL B 174 7.42 17.03 7.93
C VAL B 174 8.05 18.05 6.99
N ASP B 175 8.31 17.65 5.74
CA ASP B 175 8.90 18.55 4.75
C ASP B 175 7.97 19.73 4.48
N ALA B 176 6.68 19.47 4.35
CA ALA B 176 5.73 20.55 4.13
C ALA B 176 5.56 21.42 5.37
N MET B 177 5.70 20.83 6.55
CA MET B 177 5.68 21.64 7.78
C MET B 177 6.83 22.64 7.79
N PHE B 178 8.04 22.18 7.45
CA PHE B 178 9.18 23.09 7.40
C PHE B 178 9.07 24.09 6.26
N SER B 179 8.51 23.66 5.12
CA SER B 179 8.34 24.58 3.99
C SER B 179 7.30 25.65 4.30
N LEU B 180 6.20 25.29 4.96
CA LEU B 180 5.22 26.26 5.39
C LEU B 180 5.80 27.20 6.44
N ALA B 181 6.61 26.67 7.35
CA ALA B 181 7.31 27.52 8.31
C ALA B 181 8.24 28.50 7.62
N ASN B 182 8.88 28.07 6.53
CA ASN B 182 9.69 28.98 5.73
C ASN B 182 8.83 30.02 5.02
N LYS B 183 7.64 29.63 4.59
CA LYS B 183 6.74 30.58 3.91
C LYS B 183 6.25 31.65 4.88
N LEU B 184 5.74 31.22 6.04
CA LEU B 184 5.37 32.16 7.11
C LEU B 184 6.64 32.47 7.89
N GLN B 185 7.39 33.46 7.39
CA GLN B 185 8.79 33.63 7.77
C GLN B 185 9.01 33.82 9.27
N PRO B 186 8.27 34.68 10.01
CA PRO B 186 8.38 34.62 11.47
C PRO B 186 7.46 33.55 12.03
N CYS B 187 8.05 32.48 12.56
CA CYS B 187 7.26 31.34 12.99
C CYS B 187 7.99 30.62 14.12
N ILE B 188 7.23 29.86 14.89
CA ILE B 188 7.75 28.99 15.94
C ILE B 188 7.08 27.63 15.78
N ILE B 189 7.88 26.59 15.61
CA ILE B 189 7.37 25.23 15.51
C ILE B 189 7.50 24.60 16.88
N PHE B 190 6.43 24.67 17.66
CA PHE B 190 6.43 24.08 19.00
C PHE B 190 6.07 22.60 18.93
N ILE B 191 6.86 21.78 19.61
CA ILE B 191 6.63 20.34 19.70
C ILE B 191 6.63 20.00 21.19
N ASP B 192 5.44 19.75 21.75
CA ASP B 192 5.35 19.30 23.12
C ASP B 192 5.86 17.87 23.24
N GLN B 193 6.67 17.63 24.28
CA GLN B 193 7.25 16.31 24.58
C GLN B 193 8.08 15.80 23.39
N ILE B 194 9.17 16.51 23.12
CA ILE B 194 10.07 16.13 22.05
C ILE B 194 10.84 14.85 22.35
N ASP B 195 10.78 14.33 23.58
CA ASP B 195 11.38 13.04 23.87
C ASP B 195 10.72 11.93 23.07
N SER B 196 9.43 12.07 22.76
CA SER B 196 8.77 11.12 21.88
C SER B 196 9.19 11.34 20.43
N PHE B 197 9.31 12.61 20.01
CA PHE B 197 9.67 12.91 18.63
C PHE B 197 11.18 12.75 18.40
N LEU B 198 11.99 13.39 19.23
CA LEU B 198 13.44 13.46 19.03
C LEU B 198 14.16 12.49 19.95
N ARG B 199 13.60 11.28 20.11
CA ARG B 199 14.23 10.25 20.91
C ARG B 199 15.59 9.88 20.34
N GLU B 200 16.49 9.47 21.23
CA GLU B 200 17.86 9.12 20.83
C GLU B 200 17.84 7.99 19.81
N ARG B 201 18.58 8.18 18.72
CA ARG B 201 18.56 7.23 17.62
C ARG B 201 19.27 5.94 17.99
N SER B 202 18.85 4.85 17.36
CA SER B 202 19.46 3.55 17.57
C SER B 202 19.18 2.69 16.34
N SER B 203 19.63 1.44 16.39
CA SER B 203 19.39 0.49 15.31
C SER B 203 18.09 -0.27 15.48
N THR B 204 17.35 -0.04 16.56
CA THR B 204 16.12 -0.75 16.85
C THR B 204 14.86 0.06 16.57
N ASP B 205 15.00 1.33 16.15
CA ASP B 205 13.84 2.13 15.84
C ASP B 205 13.21 1.68 14.53
N HIS B 206 11.92 1.99 14.39
CA HIS B 206 11.19 1.68 13.17
C HIS B 206 11.73 2.52 12.01
N GLU B 207 11.58 1.99 10.79
CA GLU B 207 12.07 2.68 9.61
C GLU B 207 11.37 4.02 9.40
N VAL B 208 10.06 4.06 9.66
CA VAL B 208 9.31 5.30 9.50
C VAL B 208 9.81 6.37 10.47
N THR B 209 9.98 5.99 11.74
CA THR B 209 10.43 6.96 12.74
C THR B 209 11.88 7.38 12.50
N ALA B 210 12.73 6.45 12.08
CA ALA B 210 14.12 6.79 11.80
C ALA B 210 14.22 7.75 10.61
N THR B 211 13.47 7.48 9.54
CA THR B 211 13.46 8.38 8.39
C THR B 211 12.87 9.74 8.78
N LEU B 212 11.84 9.74 9.63
CA LEU B 212 11.25 10.99 10.10
C LEU B 212 12.28 11.82 10.87
N LYS B 213 13.01 11.17 11.77
CA LYS B 213 14.02 11.89 12.56
C LYS B 213 15.13 12.42 11.68
N ALA B 214 15.62 11.61 10.72
CA ALA B 214 16.68 12.08 9.83
C ALA B 214 16.22 13.22 8.94
N GLU B 215 14.99 13.13 8.43
CA GLU B 215 14.46 14.17 7.55
C GLU B 215 14.21 15.46 8.32
N PHE B 216 13.72 15.34 9.55
CA PHE B 216 13.59 16.49 10.44
C PHE B 216 14.94 17.12 10.73
N MET B 217 15.97 16.31 10.97
CA MET B 217 17.31 16.84 11.18
C MET B 217 17.82 17.59 9.95
N THR B 218 17.58 17.01 8.76
CA THR B 218 18.03 17.64 7.53
C THR B 218 17.37 18.99 7.31
N LEU B 219 16.06 19.09 7.56
CA LEU B 219 15.43 20.40 7.42
C LEU B 219 15.80 21.34 8.55
N TRP B 220 16.06 20.82 9.74
CA TRP B 220 16.40 21.65 10.88
C TRP B 220 17.73 22.36 10.66
N ASP B 221 18.76 21.61 10.24
CA ASP B 221 20.04 22.24 9.92
C ASP B 221 20.70 21.39 8.84
N GLY B 222 20.50 21.79 7.58
CA GLY B 222 21.08 21.11 6.45
C GLY B 222 21.60 22.08 5.42
N LEU B 223 21.62 21.67 4.15
CA LEU B 223 22.09 22.56 3.09
C LEU B 223 21.15 23.74 2.90
N LEU B 224 19.86 23.47 2.76
CA LEU B 224 18.87 24.54 2.55
C LEU B 224 18.59 25.19 3.89
N ASN B 225 19.24 26.32 4.14
CA ASN B 225 19.07 27.02 5.40
C ASN B 225 17.68 27.63 5.48
N ASN B 226 17.02 27.44 6.63
CA ASN B 226 15.70 28.02 6.83
C ASN B 226 15.82 29.52 7.08
N GLY B 227 14.67 30.20 7.01
CA GLY B 227 14.63 31.62 7.29
C GLY B 227 14.56 31.88 8.78
N ARG B 228 13.61 32.68 9.22
CA ARG B 228 13.39 32.88 10.65
C ARG B 228 12.53 31.77 11.21
N VAL B 229 12.93 30.52 10.98
CA VAL B 229 12.19 29.35 11.44
C VAL B 229 12.85 28.86 12.73
N MET B 230 12.05 28.76 13.79
CA MET B 230 12.55 28.42 15.11
C MET B 230 11.69 27.31 15.68
N ILE B 231 12.32 26.32 16.31
CA ILE B 231 11.63 25.12 16.80
C ILE B 231 11.79 25.06 18.31
N ILE B 232 10.67 24.87 19.02
CA ILE B 232 10.65 24.81 20.47
C ILE B 232 10.18 23.43 20.89
N GLY B 233 10.94 22.79 21.77
CA GLY B 233 10.53 21.54 22.39
C GLY B 233 10.40 21.72 23.89
N ALA B 234 9.35 21.13 24.45
CA ALA B 234 9.10 21.17 25.89
C ALA B 234 9.12 19.73 26.40
N THR B 235 10.26 19.28 26.91
CA THR B 235 10.44 17.92 27.35
C THR B 235 10.69 17.88 28.86
N ASN B 236 10.57 16.68 29.41
CA ASN B 236 10.86 16.44 30.82
C ASN B 236 12.19 15.72 31.03
N ARG B 237 12.69 15.04 30.00
CA ARG B 237 13.93 14.27 30.07
C ARG B 237 14.87 14.78 28.97
N ILE B 238 15.87 15.55 29.36
CA ILE B 238 16.81 16.09 28.37
C ILE B 238 17.77 15.01 27.87
N ASN B 239 17.98 13.94 28.64
CA ASN B 239 18.90 12.90 28.22
C ASN B 239 18.29 11.94 27.20
N ASP B 240 16.96 11.91 27.09
CA ASP B 240 16.32 11.05 26.10
C ASP B 240 16.47 11.59 24.68
N ILE B 241 16.74 12.89 24.54
CA ILE B 241 16.90 13.49 23.23
C ILE B 241 18.24 13.07 22.63
N ASP B 242 18.25 12.91 21.31
CA ASP B 242 19.48 12.55 20.60
C ASP B 242 20.49 13.68 20.71
N ASP B 243 21.78 13.31 20.63
CA ASP B 243 22.85 14.30 20.73
C ASP B 243 22.79 15.29 19.57
N ALA B 244 22.52 14.80 18.36
CA ALA B 244 22.35 15.69 17.22
C ALA B 244 21.09 16.53 17.33
N PHE B 245 20.03 15.98 17.92
CA PHE B 245 18.81 16.75 18.12
C PHE B 245 18.97 17.75 19.26
N LEU B 246 19.71 17.37 20.30
CA LEU B 246 20.05 18.34 21.36
C LEU B 246 20.93 19.45 20.82
N ARG B 247 21.77 19.14 19.83
CA ARG B 247 22.59 20.16 19.19
C ARG B 247 21.73 21.18 18.44
N ARG B 248 20.67 20.71 17.78
CA ARG B 248 19.76 21.60 17.06
C ARG B 248 18.82 22.35 17.97
N LEU B 249 18.93 22.19 19.29
CA LEU B 249 18.26 23.02 20.28
C LEU B 249 19.33 23.60 21.19
N PRO B 250 20.13 24.55 20.69
CA PRO B 250 21.27 25.02 21.49
C PRO B 250 20.90 26.01 22.58
N LYS B 251 19.68 26.55 22.55
CA LYS B 251 19.23 27.48 23.58
C LYS B 251 18.40 26.69 24.59
N ARG B 252 19.08 26.10 25.56
CA ARG B 252 18.44 25.31 26.61
C ARG B 252 17.98 26.25 27.72
N PHE B 253 16.70 26.15 28.09
CA PHE B 253 16.13 26.88 29.21
C PHE B 253 15.71 25.87 30.26
N LEU B 254 16.27 26.01 31.46
CA LEU B 254 16.03 25.06 32.55
C LEU B 254 14.86 25.57 33.38
N VAL B 255 13.69 24.99 33.16
CA VAL B 255 12.52 25.29 33.98
C VAL B 255 12.55 24.29 35.14
N SER B 256 13.33 24.63 36.15
CA SER B 256 13.54 23.74 37.29
C SER B 256 12.42 23.90 38.31
N LEU B 257 12.55 23.21 39.43
CA LEU B 257 11.58 23.35 40.51
C LEU B 257 11.64 24.75 41.10
N PRO B 258 10.50 25.35 41.42
CA PRO B 258 10.51 26.74 41.93
C PRO B 258 11.17 26.84 43.29
N GLY B 259 11.97 27.90 43.45
CA GLY B 259 12.52 28.23 44.75
C GLY B 259 11.49 28.94 45.62
N SER B 260 11.94 29.34 46.82
CA SER B 260 11.04 29.99 47.76
C SER B 260 10.52 31.32 47.21
N ASP B 261 11.40 32.11 46.60
CA ASP B 261 10.98 33.34 45.94
C ASP B 261 10.09 33.01 44.75
N GLN B 262 10.46 32.00 43.97
CA GLN B 262 9.66 31.57 42.84
C GLN B 262 8.31 31.02 43.29
N ARG B 263 8.30 30.24 44.38
CA ARG B 263 7.04 29.71 44.90
C ARG B 263 6.14 30.84 45.40
N TYR B 264 6.73 31.86 46.03
CA TYR B 264 5.95 33.01 46.45
C TYR B 264 5.34 33.74 45.26
N LYS B 265 6.12 33.93 44.19
CA LYS B 265 5.58 34.59 42.99
C LYS B 265 4.47 33.76 42.35
N ILE B 266 4.65 32.44 42.28
CA ILE B 266 3.64 31.58 41.69
C ILE B 266 2.36 31.62 42.50
N LEU B 267 2.48 31.55 43.83
CA LEU B 267 1.30 31.59 44.69
C LEU B 267 0.60 32.95 44.60
N SER B 268 1.37 34.03 44.47
CA SER B 268 0.77 35.34 44.29
C SER B 268 0.02 35.44 42.97
N VAL B 269 0.59 34.88 41.89
CA VAL B 269 -0.06 34.96 40.59
C VAL B 269 -1.32 34.11 40.55
N LEU B 270 -1.25 32.88 41.08
CA LEU B 270 -2.38 31.96 40.99
C LEU B 270 -3.55 32.40 41.83
N LEU B 271 -3.32 33.19 42.87
CA LEU B 271 -4.38 33.68 43.74
C LEU B 271 -5.01 34.97 43.22
N LYS B 272 -4.85 35.27 41.94
CA LYS B 272 -5.54 36.41 41.35
C LYS B 272 -7.03 36.13 41.24
N ASP B 273 -7.82 37.20 41.26
CA ASP B 273 -9.29 37.13 41.24
C ASP B 273 -9.82 36.28 42.39
N THR B 274 -9.17 36.38 43.54
CA THR B 274 -9.53 35.60 44.72
C THR B 274 -9.44 36.49 45.96
N LYS B 275 -10.26 36.18 46.95
CA LYS B 275 -10.29 36.94 48.20
C LYS B 275 -9.33 36.31 49.19
N LEU B 276 -8.40 37.11 49.71
CA LEU B 276 -7.42 36.66 50.68
C LEU B 276 -7.47 37.56 51.90
N ASP B 277 -7.22 36.97 53.07
CA ASP B 277 -7.22 37.72 54.32
C ASP B 277 -5.99 38.61 54.42
N GLU B 278 -6.11 39.66 55.23
CA GLU B 278 -5.02 40.61 55.39
C GLU B 278 -3.97 40.08 56.38
N ASP B 279 -4.38 39.83 57.62
CA ASP B 279 -3.48 39.34 58.65
C ASP B 279 -3.59 37.85 58.89
N GLU B 280 -4.77 37.26 58.66
CA GLU B 280 -4.96 35.83 58.84
C GLU B 280 -4.35 34.99 57.72
N PHE B 281 -4.00 35.60 56.59
CA PHE B 281 -3.44 34.89 55.45
C PHE B 281 -1.99 35.34 55.27
N ASP B 282 -1.09 34.37 55.17
CA ASP B 282 0.34 34.64 55.00
C ASP B 282 0.86 33.76 53.88
N LEU B 283 1.20 34.39 52.74
CA LEU B 283 1.71 33.64 51.60
C LEU B 283 3.14 33.18 51.82
N GLN B 284 3.90 33.89 52.67
CA GLN B 284 5.28 33.51 52.93
C GLN B 284 5.36 32.16 53.64
N LEU B 285 4.46 31.92 54.60
CA LEU B 285 4.44 30.64 55.30
C LEU B 285 4.10 29.50 54.36
N ILE B 286 3.14 29.72 53.45
CA ILE B 286 2.78 28.68 52.49
C ILE B 286 3.93 28.42 51.52
N ALA B 287 4.63 29.48 51.10
CA ALA B 287 5.77 29.32 50.21
C ALA B 287 6.91 28.57 50.89
N ASP B 288 7.17 28.86 52.16
CA ASP B 288 8.25 28.18 52.87
C ASP B 288 7.89 26.72 53.18
N ASN B 289 6.61 26.47 53.48
CA ASN B 289 6.21 25.10 53.82
C ASN B 289 6.21 24.19 52.60
N THR B 290 5.92 24.73 51.41
CA THR B 290 5.97 23.95 50.17
C THR B 290 7.43 23.63 49.85
N LYS B 291 7.79 22.36 49.91
CA LYS B 291 9.14 21.89 49.63
C LYS B 291 9.09 20.87 48.51
N GLY B 292 9.84 21.14 47.45
CA GLY B 292 9.82 20.26 46.28
C GLY B 292 8.47 20.23 45.58
N PHE B 293 7.81 21.36 45.48
CA PHE B 293 6.47 21.46 44.91
C PHE B 293 6.54 22.16 43.55
N SER B 294 5.94 21.55 42.54
CA SER B 294 5.92 22.13 41.21
C SER B 294 4.81 23.18 41.11
N GLY B 295 4.81 23.91 39.99
CA GLY B 295 3.77 24.90 39.75
C GLY B 295 2.39 24.29 39.57
N SER B 296 2.31 23.12 38.95
CA SER B 296 1.03 22.44 38.80
C SER B 296 0.51 21.93 40.13
N ASP B 297 1.41 21.56 41.04
CA ASP B 297 0.99 21.14 42.37
C ASP B 297 0.35 22.29 43.13
N LEU B 298 0.90 23.50 42.99
CA LEU B 298 0.29 24.67 43.63
C LEU B 298 -1.03 25.04 42.96
N LYS B 299 -1.17 24.77 41.65
CA LYS B 299 -2.47 24.92 41.02
C LYS B 299 -3.49 23.96 41.61
N GLU B 300 -3.08 22.71 41.87
CA GLU B 300 -3.94 21.79 42.59
C GLU B 300 -4.14 22.23 44.03
N LEU B 301 -3.10 22.78 44.65
CA LEU B 301 -3.20 23.22 46.04
C LEU B 301 -4.10 24.45 46.18
N CYS B 302 -3.88 25.46 45.35
CA CYS B 302 -4.64 26.70 45.45
C CYS B 302 -6.11 26.49 45.13
N ARG B 303 -6.40 25.63 44.16
CA ARG B 303 -7.79 25.29 43.86
C ARG B 303 -8.43 24.55 45.03
N GLU B 304 -7.71 23.58 45.62
CA GLU B 304 -8.28 22.78 46.69
C GLU B 304 -8.33 23.53 48.02
N ALA B 305 -7.31 24.36 48.30
CA ALA B 305 -7.32 25.15 49.53
C ALA B 305 -8.45 26.17 49.50
N ALA B 306 -8.69 26.79 48.35
CA ALA B 306 -9.85 27.66 48.21
C ALA B 306 -11.14 26.86 48.30
N LEU B 307 -11.15 25.66 47.73
CA LEU B 307 -12.35 24.81 47.79
C LEU B 307 -12.67 24.41 49.23
N ASP B 308 -11.65 24.10 50.02
CA ASP B 308 -11.88 23.79 51.44
C ASP B 308 -12.39 25.01 52.19
N ALA B 309 -11.94 26.21 51.81
CA ALA B 309 -12.55 27.42 52.34
C ALA B 309 -13.91 27.69 51.70
N ALA B 310 -14.12 27.21 50.46
CA ALA B 310 -15.39 27.44 49.78
C ALA B 310 -16.49 26.56 50.35
N LYS B 311 -16.19 25.29 50.64
CA LYS B 311 -17.23 24.38 51.10
C LYS B 311 -17.80 24.79 52.45
N GLU B 312 -16.94 25.32 53.34
CA GLU B 312 -17.46 25.90 54.57
C GLU B 312 -18.13 27.25 54.32
N TYR B 313 -17.79 27.93 53.23
CA TYR B 313 -18.49 29.14 52.83
C TYR B 313 -19.79 28.81 52.10
N ILE B 314 -19.78 27.74 51.30
CA ILE B 314 -21.01 27.29 50.63
C ILE B 314 -22.02 26.79 51.66
N LYS B 315 -21.54 26.14 52.72
CA LYS B 315 -22.43 25.72 53.80
C LYS B 315 -23.10 26.91 54.47
N GLN B 316 -22.37 28.03 54.61
CA GLN B 316 -22.98 29.24 55.13
C GLN B 316 -23.99 29.82 54.14
N LYS B 317 -23.65 29.83 52.86
CA LYS B 317 -24.57 30.33 51.83
C LYS B 317 -25.47 29.21 51.32
N PRO B 338 -11.99 34.08 55.37
CA PRO B 338 -12.35 32.73 54.94
C PRO B 338 -11.13 31.88 54.59
N LEU B 339 -10.42 32.27 53.53
CA LEU B 339 -9.22 31.56 53.10
C LEU B 339 -8.02 32.13 53.84
N LYS B 340 -7.45 31.34 54.75
CA LYS B 340 -6.31 31.73 55.56
C LYS B 340 -5.15 30.77 55.32
N THR B 341 -4.04 31.04 55.98
CA THR B 341 -2.90 30.12 55.91
C THR B 341 -3.22 28.80 56.60
N LYS B 342 -4.08 28.82 57.61
CA LYS B 342 -4.51 27.58 58.25
C LYS B 342 -5.30 26.71 57.28
N ASP B 343 -6.17 27.33 56.47
CA ASP B 343 -6.91 26.57 55.47
C ASP B 343 -5.99 25.99 54.41
N PHE B 344 -4.95 26.74 54.02
CA PHE B 344 -3.98 26.24 53.07
C PHE B 344 -3.18 25.06 53.63
N THR B 345 -2.76 25.17 54.89
CA THR B 345 -1.91 24.15 55.50
C THR B 345 -2.69 22.99 56.12
N LYS B 346 -4.03 23.06 56.12
CA LYS B 346 -4.83 21.95 56.63
C LYS B 346 -4.62 20.69 55.77
N LYS B 347 -4.61 20.87 54.44
CA LYS B 347 -4.33 19.76 53.54
C LYS B 347 -2.86 19.69 53.14
N LEU B 348 -2.15 20.81 53.24
CA LEU B 348 -0.72 20.82 52.93
C LEU B 348 0.06 20.17 54.06
N ARG B 349 0.85 19.16 53.71
CA ARG B 349 1.62 18.44 54.71
C ARG B 349 3.13 18.62 54.49
N PRO C 38 5.93 11.21 -12.33
CA PRO C 38 5.14 10.83 -11.15
C PRO C 38 4.06 11.85 -10.82
N LEU C 39 3.80 12.04 -9.52
CA LEU C 39 2.82 13.01 -9.07
C LEU C 39 3.35 13.98 -8.02
N SER C 40 4.49 13.69 -7.37
CA SER C 40 5.06 14.61 -6.40
C SER C 40 5.55 15.89 -7.07
N GLY C 41 6.17 15.76 -8.23
CA GLY C 41 6.70 16.90 -8.94
C GLY C 41 5.76 17.44 -10.00
N LYS C 42 4.46 17.45 -9.71
CA LYS C 42 3.45 17.94 -10.63
C LYS C 42 2.69 19.15 -10.14
N SER C 43 2.82 19.52 -8.87
CA SER C 43 2.17 20.71 -8.36
C SER C 43 2.81 21.96 -8.95
N ARG C 44 2.01 23.03 -9.07
CA ARG C 44 2.45 24.24 -9.77
C ARG C 44 3.64 24.89 -9.07
N GLU C 45 3.67 24.85 -7.74
CA GLU C 45 4.81 25.36 -7.00
C GLU C 45 6.07 24.55 -7.31
N SER C 46 5.91 23.23 -7.43
CA SER C 46 7.06 22.37 -7.73
C SER C 46 7.55 22.58 -9.16
N LYS C 47 6.63 22.59 -10.12
CA LYS C 47 7.03 22.74 -11.53
C LYS C 47 7.64 24.11 -11.79
N ALA C 48 7.20 25.13 -11.06
CA ALA C 48 7.85 26.44 -11.15
C ALA C 48 9.28 26.37 -10.64
N LYS C 49 9.49 25.67 -9.53
CA LYS C 49 10.85 25.46 -9.02
C LYS C 49 11.65 24.55 -9.94
N GLN C 50 11.00 23.51 -10.49
CA GLN C 50 11.69 22.61 -11.41
C GLN C 50 12.12 23.34 -12.67
N SER C 51 11.26 24.20 -13.22
CA SER C 51 11.64 25.00 -14.38
C SER C 51 12.72 26.00 -14.02
N LEU C 52 12.60 26.67 -12.87
CA LEU C 52 13.59 27.66 -12.46
C LEU C 52 14.95 27.03 -12.21
N GLN C 53 14.97 25.85 -11.58
CA GLN C 53 16.24 25.17 -11.34
C GLN C 53 16.87 24.66 -12.63
N TRP C 54 16.06 24.40 -13.65
CA TRP C 54 16.60 23.86 -14.89
C TRP C 54 17.36 24.91 -15.69
N GLU C 55 16.80 26.14 -15.79
CA GLU C 55 17.48 27.19 -16.55
C GLU C 55 18.79 27.60 -15.88
N LYS C 56 18.82 27.59 -14.54
CA LYS C 56 20.05 27.94 -13.82
C LYS C 56 21.18 26.96 -14.15
N LEU C 57 20.83 25.73 -14.53
CA LEU C 57 21.85 24.80 -15.00
C LEU C 57 22.31 25.14 -16.41
N VAL C 58 21.43 25.73 -17.22
CA VAL C 58 21.80 26.08 -18.60
C VAL C 58 22.78 27.24 -18.63
N LYS C 59 22.55 28.27 -17.81
CA LYS C 59 23.51 29.36 -17.74
C LYS C 59 24.83 28.89 -17.17
N ARG C 60 24.78 28.00 -16.18
CA ARG C 60 26.00 27.43 -15.61
C ARG C 60 26.67 26.47 -16.58
N SER C 61 25.89 25.68 -17.31
CA SER C 61 26.42 24.70 -18.26
C SER C 61 25.56 24.73 -19.52
N PRO C 62 26.02 25.39 -20.59
CA PRO C 62 25.20 25.49 -21.80
C PRO C 62 24.97 24.16 -22.51
N ALA C 63 25.78 23.14 -22.24
CA ALA C 63 25.61 21.84 -22.88
C ALA C 63 24.36 21.10 -22.41
N LEU C 64 23.75 21.53 -21.31
CA LEU C 64 22.56 20.87 -20.80
C LEU C 64 21.27 21.32 -21.50
N ALA C 65 21.35 22.29 -22.41
CA ALA C 65 20.16 22.77 -23.09
C ALA C 65 19.59 21.72 -24.03
N GLU C 66 20.45 20.94 -24.69
CA GLU C 66 20.02 19.94 -25.64
C GLU C 66 19.66 18.61 -24.97
N VAL C 67 19.80 18.51 -23.65
CA VAL C 67 19.52 17.28 -22.92
C VAL C 67 18.07 17.32 -22.45
N THR C 68 17.29 16.32 -22.84
CA THR C 68 15.90 16.20 -22.43
C THR C 68 15.79 15.24 -21.24
N LEU C 69 14.72 15.42 -20.46
CA LEU C 69 14.54 14.69 -19.22
C LEU C 69 13.13 14.10 -19.17
N ASP C 70 13.00 12.99 -18.45
CA ASP C 70 11.70 12.36 -18.24
C ASP C 70 10.95 13.08 -17.13
N ALA C 71 9.72 12.62 -16.87
CA ALA C 71 8.92 13.19 -15.80
C ALA C 71 9.54 12.91 -14.44
N TYR C 72 10.09 11.72 -14.26
CA TYR C 72 10.73 11.37 -13.00
C TYR C 72 12.02 12.18 -12.80
N GLU C 73 12.77 12.39 -13.89
CA GLU C 73 13.98 13.19 -13.82
C GLU C 73 13.66 14.64 -13.50
N ARG C 74 12.55 15.16 -14.01
N ARG C 74 12.54 15.15 -14.01
CA ARG C 74 12.14 16.53 -13.74
CA ARG C 74 12.14 16.53 -13.74
C ARG C 74 11.81 16.73 -12.26
C ARG C 74 11.81 16.73 -12.26
N THR C 75 11.25 15.70 -11.62
CA THR C 75 10.91 15.80 -10.20
C THR C 75 12.16 15.95 -9.34
N ILE C 76 13.24 15.25 -9.70
CA ILE C 76 14.48 15.29 -8.93
C ILE C 76 15.11 16.69 -8.99
N LEU C 77 14.83 17.44 -10.07
CA LEU C 77 15.38 18.78 -10.26
C LEU C 77 15.02 19.75 -9.14
N SER C 78 13.95 19.49 -8.40
CA SER C 78 13.62 20.31 -7.24
C SER C 78 14.67 20.20 -6.15
N SER C 79 15.44 19.10 -6.12
CA SER C 79 16.51 18.92 -5.16
C SER C 79 17.85 19.46 -5.64
N ILE C 80 17.89 20.06 -6.84
CA ILE C 80 19.12 20.64 -7.34
C ILE C 80 19.44 21.90 -6.54
N VAL C 81 20.66 22.00 -6.03
CA VAL C 81 21.12 23.14 -5.25
C VAL C 81 22.14 23.89 -6.07
N THR C 82 21.79 25.11 -6.49
CA THR C 82 22.71 25.98 -7.18
C THR C 82 23.59 26.72 -6.16
N PRO C 83 24.78 27.18 -6.57
CA PRO C 83 25.67 27.87 -5.62
C PRO C 83 25.10 29.16 -5.04
N ASP C 84 24.11 29.77 -5.70
CA ASP C 84 23.55 31.02 -5.18
C ASP C 84 22.72 30.79 -3.93
N GLU C 85 22.14 29.60 -3.77
CA GLU C 85 21.36 29.30 -2.57
C GLU C 85 22.25 29.20 -1.34
N ILE C 86 23.45 28.63 -1.49
CA ILE C 86 24.35 28.42 -0.37
C ILE C 86 25.12 29.71 -0.12
N ASN C 87 25.09 30.17 1.13
CA ASN C 87 25.82 31.37 1.54
C ASN C 87 27.10 31.05 2.31
N ILE C 88 27.55 29.79 2.27
CA ILE C 88 28.71 29.34 3.03
C ILE C 88 29.76 28.84 2.06
N THR C 89 30.98 29.37 2.17
CA THR C 89 32.11 28.97 1.36
C THR C 89 33.07 28.13 2.21
N PHE C 90 34.15 27.68 1.58
CA PHE C 90 35.19 26.94 2.31
C PHE C 90 35.96 27.85 3.27
N GLN C 91 35.94 29.17 3.06
CA GLN C 91 36.61 30.09 3.96
C GLN C 91 35.87 30.23 5.28
N ASP C 92 34.61 29.81 5.35
CA ASP C 92 33.81 29.89 6.56
C ASP C 92 33.97 28.68 7.45
N ILE C 93 34.82 27.72 7.08
CA ILE C 93 35.06 26.53 7.89
C ILE C 93 36.42 26.69 8.56
N GLY C 94 36.44 26.62 9.89
CA GLY C 94 37.67 26.72 10.66
C GLY C 94 38.04 25.37 11.25
N GLY C 95 39.33 25.21 11.55
CA GLY C 95 39.79 24.01 12.21
C GLY C 95 39.72 22.75 11.38
N LEU C 96 39.52 22.87 10.07
CA LEU C 96 39.42 21.71 9.20
C LEU C 96 40.24 21.89 7.93
N ASP C 97 41.29 22.72 8.00
CA ASP C 97 42.15 22.95 6.85
C ASP C 97 42.86 21.68 6.36
N PRO C 98 43.42 20.80 7.21
CA PRO C 98 43.92 19.53 6.67
C PRO C 98 42.86 18.67 6.02
N LEU C 99 41.63 18.70 6.53
CA LEU C 99 40.57 17.90 5.92
C LEU C 99 40.08 18.55 4.62
N ILE C 100 39.99 19.89 4.59
CA ILE C 100 39.57 20.58 3.39
C ILE C 100 40.58 20.37 2.27
N SER C 101 41.87 20.44 2.59
CA SER C 101 42.90 20.14 1.60
C SER C 101 42.80 18.70 1.12
N ASP C 102 42.52 17.77 2.04
CA ASP C 102 42.27 16.38 1.64
C ASP C 102 40.95 16.28 0.88
N LEU C 103 39.97 17.11 1.24
CA LEU C 103 38.71 17.14 0.49
C LEU C 103 38.94 17.64 -0.93
N HIS C 104 39.79 18.65 -1.10
CA HIS C 104 40.05 19.18 -2.43
C HIS C 104 40.91 18.21 -3.24
N GLU C 105 41.94 17.64 -2.61
CA GLU C 105 42.87 16.78 -3.35
C GLU C 105 42.24 15.46 -3.75
N SER C 106 41.37 14.90 -2.92
CA SER C 106 40.86 13.56 -3.13
C SER C 106 39.44 13.49 -3.66
N VAL C 107 38.68 14.59 -3.58
CA VAL C 107 37.26 14.53 -3.91
C VAL C 107 36.93 15.54 -5.00
N ILE C 108 37.31 16.79 -4.81
CA ILE C 108 36.89 17.85 -5.72
C ILE C 108 37.70 17.82 -7.01
N TYR C 109 39.02 17.95 -6.91
CA TYR C 109 39.89 18.05 -8.08
C TYR C 109 39.87 16.81 -8.99
N PRO C 110 39.92 15.57 -8.48
CA PRO C 110 39.75 14.43 -9.40
C PRO C 110 38.40 14.40 -10.09
N LEU C 111 37.35 14.87 -9.43
CA LEU C 111 36.02 14.90 -10.06
C LEU C 111 35.90 16.04 -11.06
N MET C 112 36.47 17.21 -10.74
CA MET C 112 36.30 18.39 -11.58
C MET C 112 37.41 18.61 -12.58
N MET C 113 38.56 17.95 -12.43
CA MET C 113 39.67 18.09 -13.37
C MET C 113 40.09 16.71 -13.83
N PRO C 114 39.26 16.02 -14.63
CA PRO C 114 39.67 14.71 -15.15
C PRO C 114 40.87 14.80 -16.09
N GLU C 115 40.99 15.89 -16.85
CA GLU C 115 42.12 16.02 -17.78
C GLU C 115 43.45 16.19 -17.03
N VAL C 116 43.42 16.78 -15.83
CA VAL C 116 44.62 16.85 -15.02
C VAL C 116 45.01 15.46 -14.52
N TYR C 117 44.02 14.66 -14.17
CA TYR C 117 44.23 13.33 -13.61
C TYR C 117 44.19 12.22 -14.65
N SER C 118 44.08 12.55 -15.93
CA SER C 118 44.01 11.53 -16.99
C SER C 118 45.40 11.07 -17.42
N ASN C 119 46.21 10.65 -16.44
CA ASN C 119 47.49 10.03 -16.71
C ASN C 119 47.62 8.65 -16.09
N SER C 120 46.86 8.34 -15.05
CA SER C 120 46.79 7.01 -14.47
C SER C 120 45.32 6.65 -14.27
N PRO C 121 44.95 5.39 -14.51
CA PRO C 121 43.55 4.98 -14.31
C PRO C 121 43.08 5.10 -12.88
N LEU C 122 43.98 5.03 -11.89
CA LEU C 122 43.59 5.12 -10.49
C LEU C 122 43.33 6.55 -10.04
N LEU C 123 43.71 7.55 -10.84
CA LEU C 123 43.51 8.95 -10.46
C LEU C 123 42.09 9.37 -10.85
N GLN C 124 41.14 8.87 -10.07
CA GLN C 124 39.72 9.11 -10.33
C GLN C 124 39.02 9.50 -9.04
N ALA C 125 37.88 10.16 -9.20
CA ALA C 125 37.07 10.53 -8.06
C ALA C 125 36.48 9.29 -7.41
N PRO C 126 36.25 9.32 -6.09
CA PRO C 126 35.63 8.17 -5.43
C PRO C 126 34.19 7.96 -5.87
N SER C 127 33.74 6.71 -5.74
CA SER C 127 32.34 6.42 -5.97
C SER C 127 31.44 7.02 -4.91
N GLY C 128 31.98 7.27 -3.72
CA GLY C 128 31.20 7.87 -2.66
C GLY C 128 32.10 8.52 -1.62
N VAL C 129 31.55 9.52 -0.93
CA VAL C 129 32.26 10.23 0.13
C VAL C 129 31.38 10.24 1.37
N LEU C 130 31.93 9.84 2.51
CA LEU C 130 31.21 9.86 3.78
C LEU C 130 31.86 10.89 4.68
N LEU C 131 31.09 11.90 5.07
CA LEU C 131 31.53 12.92 6.02
C LEU C 131 30.90 12.57 7.37
N TYR C 132 31.55 11.69 8.12
CA TYR C 132 31.01 11.21 9.38
C TYR C 132 31.77 11.82 10.55
N GLY C 133 31.12 11.81 11.71
CA GLY C 133 31.70 12.35 12.91
C GLY C 133 30.63 12.74 13.91
N PRO C 134 31.04 13.25 15.08
CA PRO C 134 30.07 13.75 16.04
C PRO C 134 29.35 14.97 15.50
N PRO C 135 28.10 15.20 15.91
CA PRO C 135 27.33 16.32 15.36
C PRO C 135 27.91 17.68 15.75
N GLY C 136 27.73 18.64 14.85
CA GLY C 136 28.14 20.01 15.09
C GLY C 136 29.55 20.36 14.64
N CYS C 137 30.33 19.38 14.20
CA CYS C 137 31.72 19.65 13.83
C CYS C 137 31.87 20.18 12.41
N GLY C 138 30.79 20.24 11.64
CA GLY C 138 30.85 20.89 10.34
C GLY C 138 30.78 19.96 9.15
N LYS C 139 30.12 18.81 9.31
CA LYS C 139 29.98 17.88 8.19
C LYS C 139 29.07 18.46 7.11
N THR C 140 27.96 19.06 7.51
CA THR C 140 27.06 19.70 6.55
C THR C 140 27.59 21.04 6.06
N MET C 141 28.41 21.72 6.87
CA MET C 141 29.07 22.93 6.41
C MET C 141 30.03 22.62 5.27
N LEU C 142 30.74 21.49 5.36
CA LEU C 142 31.62 21.06 4.28
C LEU C 142 30.81 20.76 3.01
N ALA C 143 29.63 20.18 3.17
CA ALA C 143 28.76 19.93 2.02
C ALA C 143 28.19 21.24 1.46
N LYS C 144 27.97 22.23 2.33
CA LYS C 144 27.59 23.55 1.86
C LYS C 144 28.68 24.17 1.01
N ALA C 145 29.93 24.10 1.49
CA ALA C 145 31.05 24.61 0.71
C ALA C 145 31.27 23.77 -0.54
N LEU C 146 30.98 22.47 -0.47
CA LEU C 146 31.02 21.64 -1.68
C LEU C 146 29.93 22.06 -2.66
N ALA C 147 28.78 22.49 -2.15
CA ALA C 147 27.71 22.95 -3.02
C ALA C 147 28.04 24.30 -3.66
N LYS C 148 28.72 25.17 -2.92
CA LYS C 148 29.01 26.52 -3.41
C LYS C 148 30.37 26.60 -4.08
N GLU C 149 31.44 26.25 -3.36
CA GLU C 149 32.80 26.41 -3.87
C GLU C 149 33.22 25.19 -4.69
N SER C 150 32.39 24.80 -5.64
CA SER C 150 32.66 23.73 -6.61
C SER C 150 31.58 23.79 -7.67
N GLY C 151 31.96 23.59 -8.92
CA GLY C 151 31.01 23.68 -10.00
C GLY C 151 30.14 22.46 -10.20
N ALA C 152 30.20 21.49 -9.31
CA ALA C 152 29.42 20.28 -9.48
C ALA C 152 27.94 20.57 -9.22
N ASN C 153 27.08 20.02 -10.07
CA ASN C 153 25.65 20.10 -9.83
C ASN C 153 25.32 19.30 -8.57
N PHE C 154 24.58 19.92 -7.66
CA PHE C 154 24.37 19.39 -6.33
C PHE C 154 22.93 18.94 -6.18
N ILE C 155 22.70 17.64 -6.18
CA ILE C 155 21.38 17.07 -5.94
C ILE C 155 21.33 16.75 -4.45
N SER C 156 20.90 17.72 -3.66
CA SER C 156 20.74 17.53 -2.22
C SER C 156 19.37 16.90 -1.96
N ILE C 157 19.27 15.63 -2.33
CA ILE C 157 18.00 14.91 -2.23
C ILE C 157 17.75 14.57 -0.76
N ARG C 158 16.48 14.62 -0.37
CA ARG C 158 16.04 14.24 0.96
C ARG C 158 15.18 13.00 0.89
N MET C 159 14.87 12.45 2.06
CA MET C 159 14.19 11.16 2.10
C MET C 159 12.73 11.29 1.70
N SER C 160 12.15 12.49 1.87
CA SER C 160 10.76 12.70 1.49
C SER C 160 10.59 12.82 -0.02
N SER C 161 11.59 13.36 -0.71
CA SER C 161 11.52 13.47 -2.16
C SER C 161 11.63 12.10 -2.83
N ILE C 162 12.20 11.13 -2.14
CA ILE C 162 12.38 9.79 -2.69
C ILE C 162 11.15 8.92 -2.44
N MET C 163 10.69 8.87 -1.20
CA MET C 163 9.62 7.96 -0.82
C MET C 163 8.27 8.46 -1.34
N ASP C 164 7.52 7.55 -1.96
CA ASP C 164 6.20 7.83 -2.50
C ASP C 164 5.24 6.73 -2.09
N LYS C 165 3.96 7.10 -1.97
CA LYS C 165 2.95 6.14 -1.51
C LYS C 165 2.57 5.13 -2.58
N TRP C 166 2.78 5.47 -3.86
CA TRP C 166 2.41 4.56 -4.93
C TRP C 166 3.51 3.53 -5.15
N TYR C 167 3.12 2.37 -5.68
CA TYR C 167 4.03 1.25 -5.80
C TYR C 167 5.08 1.50 -6.87
N GLY C 168 6.35 1.35 -6.50
CA GLY C 168 7.43 1.45 -7.45
C GLY C 168 7.84 2.85 -7.85
N GLU C 169 7.21 3.87 -7.28
CA GLU C 169 7.59 5.24 -7.62
C GLU C 169 8.89 5.67 -6.97
N SER C 170 9.16 5.16 -5.76
CA SER C 170 10.43 5.48 -5.10
C SER C 170 11.61 4.86 -5.85
N ASN C 171 11.42 3.64 -6.37
CA ASN C 171 12.46 3.00 -7.16
C ASN C 171 12.73 3.76 -8.45
N LYS C 172 11.67 4.25 -9.09
CA LYS C 172 11.83 5.05 -10.31
C LYS C 172 12.42 6.42 -10.00
N ILE C 173 12.14 6.96 -8.82
CA ILE C 173 12.72 8.24 -8.40
C ILE C 173 14.22 8.10 -8.20
N VAL C 174 14.65 7.01 -7.56
CA VAL C 174 16.08 6.76 -7.36
C VAL C 174 16.77 6.50 -8.69
N ASP C 175 16.10 5.78 -9.59
CA ASP C 175 16.65 5.55 -10.93
C ASP C 175 16.79 6.87 -11.68
N ALA C 176 15.82 7.77 -11.54
CA ALA C 176 15.93 9.08 -12.18
C ALA C 176 16.98 9.96 -11.52
N MET C 177 17.18 9.80 -10.21
CA MET C 177 18.18 10.60 -9.51
C MET C 177 19.59 10.27 -10.01
N PHE C 178 19.88 8.98 -10.22
CA PHE C 178 21.16 8.60 -10.77
C PHE C 178 21.28 8.93 -12.24
N SER C 179 20.16 8.83 -12.98
CA SER C 179 20.21 9.10 -14.41
C SER C 179 20.35 10.59 -14.71
N LEU C 180 19.72 11.44 -13.90
CA LEU C 180 19.90 12.87 -14.07
C LEU C 180 21.33 13.29 -13.74
N ALA C 181 21.92 12.68 -12.71
CA ALA C 181 23.31 12.98 -12.38
C ALA C 181 24.25 12.52 -13.47
N ASN C 182 23.89 11.48 -14.23
CA ASN C 182 24.69 11.07 -15.37
C ASN C 182 24.53 12.04 -16.53
N LYS C 183 23.32 12.58 -16.71
CA LYS C 183 23.09 13.61 -17.72
C LYS C 183 23.67 14.96 -17.31
N LEU C 184 24.10 15.10 -16.05
CA LEU C 184 24.69 16.31 -15.53
C LEU C 184 26.11 16.00 -15.06
N GLN C 185 26.89 15.33 -15.93
CA GLN C 185 28.07 14.50 -15.66
C GLN C 185 28.93 14.94 -14.47
N PRO C 186 29.36 16.23 -14.35
CA PRO C 186 29.95 16.62 -13.07
C PRO C 186 28.86 16.89 -12.05
N CYS C 187 28.63 15.94 -11.13
CA CYS C 187 27.48 16.01 -10.26
C CYS C 187 27.81 15.41 -8.92
N ILE C 188 27.13 15.92 -7.89
CA ILE C 188 27.23 15.39 -6.53
C ILE C 188 25.82 15.18 -6.00
N ILE C 189 25.49 13.95 -5.62
CA ILE C 189 24.22 13.64 -4.98
C ILE C 189 24.47 13.59 -3.48
N PHE C 190 23.89 14.54 -2.75
CA PHE C 190 24.11 14.66 -1.32
C PHE C 190 22.89 14.16 -0.56
N ILE C 191 23.12 13.24 0.37
CA ILE C 191 22.07 12.75 1.27
C ILE C 191 22.54 13.02 2.69
N ASP C 192 21.98 14.07 3.31
CA ASP C 192 22.29 14.36 4.70
C ASP C 192 21.57 13.37 5.61
N GLN C 193 22.21 13.08 6.75
CA GLN C 193 21.78 12.04 7.68
C GLN C 193 21.60 10.71 6.95
N ILE C 194 22.68 10.29 6.30
CA ILE C 194 22.64 9.16 5.38
C ILE C 194 22.53 7.82 6.09
N ASP C 195 22.65 7.79 7.41
CA ASP C 195 22.52 6.52 8.14
C ASP C 195 21.11 5.96 8.06
N SER C 196 20.10 6.82 7.93
CA SER C 196 18.74 6.32 7.80
C SER C 196 18.47 5.76 6.41
N PHE C 197 18.96 6.43 5.37
CA PHE C 197 18.74 5.97 4.01
C PHE C 197 19.54 4.70 3.75
N LEU C 198 20.81 4.67 4.17
CA LEU C 198 21.69 3.54 3.95
C LEU C 198 21.79 2.65 5.18
N ARG C 199 20.69 2.47 5.91
CA ARG C 199 20.71 1.68 7.13
C ARG C 199 20.98 0.21 6.83
N GLU C 200 21.41 -0.50 7.87
CA GLU C 200 21.73 -1.91 7.73
C GLU C 200 20.49 -2.70 7.36
N ARG C 201 20.56 -3.40 6.23
CA ARG C 201 19.42 -4.15 5.73
C ARG C 201 19.08 -5.30 6.66
N SER C 202 17.78 -5.55 6.83
CA SER C 202 17.30 -6.60 7.71
C SER C 202 16.08 -7.26 7.08
N SER C 203 15.73 -8.44 7.59
CA SER C 203 14.53 -9.13 7.14
C SER C 203 13.26 -8.41 7.56
N THR C 204 13.33 -7.57 8.58
CA THR C 204 12.19 -6.81 9.06
C THR C 204 12.04 -5.47 8.35
N ASP C 205 12.88 -5.19 7.36
CA ASP C 205 12.77 -3.95 6.59
C ASP C 205 11.48 -3.94 5.78
N HIS C 206 10.94 -2.73 5.58
CA HIS C 206 9.79 -2.56 4.71
C HIS C 206 10.18 -2.95 3.28
N GLU C 207 9.22 -3.53 2.56
CA GLU C 207 9.50 -4.05 1.22
C GLU C 207 9.91 -2.94 0.27
N VAL C 208 9.22 -1.80 0.31
CA VAL C 208 9.59 -0.68 -0.55
C VAL C 208 10.92 -0.10 -0.12
N THR C 209 11.17 -0.05 1.20
CA THR C 209 12.47 0.41 1.70
C THR C 209 13.58 -0.56 1.31
N ALA C 210 13.33 -1.86 1.41
CA ALA C 210 14.34 -2.85 1.06
C ALA C 210 14.68 -2.79 -0.43
N THR C 211 13.68 -2.61 -1.29
CA THR C 211 13.95 -2.44 -2.71
C THR C 211 14.56 -1.08 -3.01
N LEU C 212 14.28 -0.08 -2.19
CA LEU C 212 14.89 1.23 -2.35
C LEU C 212 16.40 1.16 -2.12
N LYS C 213 16.81 0.43 -1.07
CA LYS C 213 18.23 0.28 -0.79
C LYS C 213 18.92 -0.57 -1.86
N ALA C 214 18.22 -1.61 -2.34
CA ALA C 214 18.78 -2.46 -3.38
C ALA C 214 18.92 -1.71 -4.69
N GLU C 215 17.92 -0.89 -5.04
CA GLU C 215 18.02 -0.09 -6.26
C GLU C 215 19.14 0.94 -6.14
N PHE C 216 19.33 1.51 -4.95
CA PHE C 216 20.41 2.46 -4.74
C PHE C 216 21.77 1.80 -4.91
N MET C 217 21.94 0.59 -4.38
CA MET C 217 23.23 -0.09 -4.49
C MET C 217 23.51 -0.52 -5.92
N THR C 218 22.48 -0.93 -6.66
CA THR C 218 22.68 -1.35 -8.04
C THR C 218 23.15 -0.19 -8.91
N LEU C 219 22.54 0.98 -8.75
CA LEU C 219 22.93 2.13 -9.55
C LEU C 219 24.25 2.75 -9.08
N TRP C 220 24.52 2.67 -7.77
CA TRP C 220 25.75 3.24 -7.23
C TRP C 220 26.97 2.49 -7.75
N ASP C 221 26.91 1.16 -7.76
CA ASP C 221 28.01 0.34 -8.27
C ASP C 221 27.39 -0.93 -8.85
N GLY C 222 27.16 -0.91 -10.16
CA GLY C 222 26.55 -2.04 -10.83
C GLY C 222 27.11 -2.28 -12.22
N LEU C 223 26.29 -2.85 -13.10
CA LEU C 223 26.73 -3.08 -14.47
C LEU C 223 26.92 -1.78 -15.22
N LEU C 224 25.96 -0.87 -15.12
CA LEU C 224 26.04 0.41 -15.80
C LEU C 224 26.86 1.37 -14.94
N ASN C 225 28.09 1.65 -15.36
CA ASN C 225 28.97 2.51 -14.59
C ASN C 225 28.51 3.96 -14.67
N ASN C 226 28.42 4.62 -13.53
CA ASN C 226 28.07 6.03 -13.50
C ASN C 226 29.24 6.87 -14.01
N GLY C 227 28.92 7.91 -14.76
CA GLY C 227 29.94 8.79 -15.29
C GLY C 227 30.13 10.04 -14.46
N ARG C 228 31.21 10.07 -13.67
CA ARG C 228 31.57 11.21 -12.82
C ARG C 228 30.45 11.56 -11.83
N VAL C 229 29.64 10.58 -11.46
CA VAL C 229 28.59 10.77 -10.47
C VAL C 229 29.14 10.40 -9.11
N MET C 230 29.02 11.31 -8.14
CA MET C 230 29.63 11.15 -6.84
C MET C 230 28.57 11.33 -5.77
N ILE C 231 28.52 10.41 -4.82
CA ILE C 231 27.53 10.44 -3.75
C ILE C 231 28.24 10.83 -2.46
N ILE C 232 27.90 11.99 -1.92
CA ILE C 232 28.47 12.47 -0.68
C ILE C 232 27.41 12.39 0.41
N GLY C 233 27.78 11.84 1.55
CA GLY C 233 26.85 11.72 2.66
C GLY C 233 27.42 12.16 3.99
N ALA C 234 26.63 12.86 4.78
CA ALA C 234 27.02 13.31 6.11
C ALA C 234 26.17 12.56 7.14
N THR C 235 26.82 12.06 8.18
CA THR C 235 26.13 11.27 9.19
C THR C 235 26.88 11.33 10.51
N ASN C 236 26.18 10.95 11.57
CA ASN C 236 26.79 10.77 12.88
C ASN C 236 26.94 9.31 13.26
N ARG C 237 26.02 8.45 12.85
CA ARG C 237 26.07 7.02 13.14
C ARG C 237 26.57 6.28 11.91
N ILE C 238 27.90 6.23 11.78
CA ILE C 238 28.50 5.51 10.67
C ILE C 238 28.25 4.00 10.79
N ASN C 239 28.24 3.48 12.02
CA ASN C 239 28.02 2.06 12.22
C ASN C 239 26.59 1.64 11.88
N ASP C 240 25.65 2.57 11.80
CA ASP C 240 24.30 2.25 11.35
C ASP C 240 24.22 2.10 9.85
N ILE C 241 25.23 2.51 9.10
CA ILE C 241 25.25 2.35 7.65
C ILE C 241 25.57 0.89 7.33
N ASP C 242 24.89 0.35 6.32
CA ASP C 242 25.12 -1.02 5.89
C ASP C 242 26.53 -1.18 5.37
N ASP C 243 27.09 -2.39 5.56
CA ASP C 243 28.46 -2.66 5.14
C ASP C 243 28.57 -2.55 3.62
N ALA C 244 27.57 -3.06 2.89
CA ALA C 244 27.57 -2.94 1.44
C ALA C 244 27.38 -1.50 0.99
N PHE C 245 26.71 -0.68 1.80
CA PHE C 245 26.63 0.74 1.54
C PHE C 245 27.92 1.46 1.90
N LEU C 246 28.61 0.97 2.95
CA LEU C 246 29.85 1.61 3.38
C LEU C 246 30.98 1.39 2.37
N ARG C 247 30.99 0.25 1.68
CA ARG C 247 32.00 0.02 0.65
C ARG C 247 31.78 0.93 -0.55
N ARG C 248 30.56 1.42 -0.73
CA ARG C 248 30.29 2.39 -1.78
C ARG C 248 30.67 3.81 -1.38
N LEU C 249 31.10 4.01 -0.14
CA LEU C 249 31.65 5.27 0.33
C LEU C 249 33.10 5.03 0.75
N PRO C 250 34.02 4.88 -0.22
CA PRO C 250 35.40 4.54 0.15
C PRO C 250 36.14 5.69 0.80
N LYS C 251 35.93 6.91 0.31
CA LYS C 251 36.56 8.08 0.91
C LYS C 251 35.73 8.51 2.12
N ARG C 252 36.31 8.37 3.31
CA ARG C 252 35.63 8.70 4.55
C ARG C 252 36.42 9.77 5.29
N PHE C 253 35.75 10.87 5.62
CA PHE C 253 36.35 11.97 6.36
C PHE C 253 35.77 11.99 7.76
N LEU C 254 36.64 11.88 8.76
CA LEU C 254 36.22 11.95 10.16
C LEU C 254 36.24 13.40 10.60
N VAL C 255 35.06 14.02 10.65
CA VAL C 255 34.94 15.39 11.16
C VAL C 255 34.70 15.25 12.66
N SER C 256 35.80 15.10 13.39
CA SER C 256 35.74 14.84 14.82
C SER C 256 35.58 16.14 15.60
N LEU C 257 35.48 16.01 16.92
CA LEU C 257 35.36 17.17 17.78
C LEU C 257 36.64 18.00 17.72
N PRO C 258 36.53 19.33 17.72
CA PRO C 258 37.72 20.17 17.57
C PRO C 258 38.66 20.06 18.76
N GLY C 259 39.96 20.15 18.46
CA GLY C 259 40.98 20.22 19.48
C GLY C 259 41.15 21.63 19.99
N SER C 260 42.20 21.81 20.80
CA SER C 260 42.52 23.14 21.31
C SER C 260 42.92 24.09 20.19
N ASP C 261 43.71 23.59 19.25
CA ASP C 261 44.14 24.43 18.12
C ASP C 261 42.99 24.64 17.15
N GLN C 262 42.21 23.59 16.88
CA GLN C 262 41.10 23.69 15.93
C GLN C 262 39.99 24.59 16.46
N ARG C 263 39.82 24.65 17.78
CA ARG C 263 38.80 25.51 18.36
C ARG C 263 39.14 26.98 18.18
N TYR C 264 40.43 27.30 18.01
CA TYR C 264 40.83 28.69 17.81
C TYR C 264 40.35 29.20 16.46
N LYS C 265 40.54 28.41 15.40
CA LYS C 265 40.11 28.83 14.07
C LYS C 265 38.59 28.88 13.97
N ILE C 266 37.89 27.93 14.58
CA ILE C 266 36.43 27.94 14.57
C ILE C 266 35.91 29.17 15.30
N LEU C 267 36.50 29.49 16.44
CA LEU C 267 36.11 30.70 17.17
C LEU C 267 36.43 31.95 16.36
N SER C 268 37.59 31.98 15.71
CA SER C 268 37.98 33.16 14.93
C SER C 268 37.09 33.37 13.72
N VAL C 269 36.74 32.28 13.02
CA VAL C 269 35.88 32.40 11.84
C VAL C 269 34.48 32.83 12.25
N LEU C 270 33.94 32.24 13.33
CA LEU C 270 32.63 32.65 13.80
C LEU C 270 32.64 34.09 14.29
N LEU C 271 33.71 34.52 14.95
CA LEU C 271 33.81 35.89 15.46
C LEU C 271 34.29 36.88 14.40
N LYS C 272 34.30 36.50 13.12
CA LYS C 272 34.59 37.46 12.07
C LYS C 272 33.42 38.43 11.92
N ASP C 273 33.71 39.56 11.26
CA ASP C 273 32.78 40.70 11.14
C ASP C 273 32.31 41.19 12.51
N THR C 274 33.21 41.15 13.49
CA THR C 274 32.93 41.60 14.84
C THR C 274 34.15 42.37 15.34
N LYS C 275 33.90 43.43 16.11
CA LYS C 275 34.99 44.28 16.57
C LYS C 275 35.94 43.54 17.51
N LEU C 276 35.42 42.60 18.31
CA LEU C 276 36.18 41.81 19.28
C LEU C 276 36.81 42.79 20.27
N ASP C 277 38.10 42.68 20.56
CA ASP C 277 38.78 43.65 21.42
C ASP C 277 40.25 43.70 21.02
N GLU C 278 40.91 44.79 21.41
CA GLU C 278 42.30 45.00 21.08
C GLU C 278 43.25 44.44 22.14
N ASP C 279 42.87 44.56 23.42
CA ASP C 279 43.70 44.06 24.51
C ASP C 279 42.94 43.25 25.55
N GLU C 280 41.61 43.31 25.57
CA GLU C 280 40.81 42.60 26.56
C GLU C 280 40.27 41.27 26.04
N PHE C 281 40.68 40.85 24.84
CA PHE C 281 40.21 39.60 24.26
C PHE C 281 41.34 38.57 24.27
N ASP C 282 41.03 37.37 24.75
CA ASP C 282 41.98 36.26 24.80
C ASP C 282 41.30 35.05 24.18
N LEU C 283 41.44 34.90 22.86
CA LEU C 283 40.80 33.78 22.16
C LEU C 283 41.39 32.44 22.56
N GLN C 284 42.67 32.42 22.96
CA GLN C 284 43.28 31.17 23.42
C GLN C 284 42.65 30.70 24.73
N LEU C 285 42.31 31.64 25.62
CA LEU C 285 41.69 31.27 26.89
C LEU C 285 40.31 30.67 26.68
N ILE C 286 39.52 31.24 25.76
CA ILE C 286 38.20 30.71 25.48
C ILE C 286 38.30 29.35 24.79
N ALA C 287 39.26 29.19 23.88
CA ALA C 287 39.44 27.92 23.18
C ALA C 287 39.85 26.81 24.14
N ASP C 288 40.72 27.11 25.09
CA ASP C 288 41.18 26.09 26.03
C ASP C 288 40.12 25.76 27.08
N ASN C 289 39.20 26.68 27.35
CA ASN C 289 38.14 26.46 28.32
C ASN C 289 36.90 25.82 27.72
N THR C 290 36.95 25.44 26.45
CA THR C 290 35.80 24.84 25.78
C THR C 290 36.10 23.41 25.38
N LYS C 291 36.68 22.63 26.28
CA LYS C 291 36.97 21.22 25.98
C LYS C 291 35.66 20.46 25.78
N GLY C 292 35.60 19.69 24.69
CA GLY C 292 34.39 18.98 24.35
C GLY C 292 33.33 19.80 23.66
N PHE C 293 33.68 20.98 23.15
CA PHE C 293 32.73 21.87 22.49
C PHE C 293 32.78 21.64 20.98
N SER C 294 31.63 21.41 20.37
CA SER C 294 31.54 21.30 18.93
C SER C 294 31.43 22.70 18.31
N GLY C 295 31.33 22.74 16.98
CA GLY C 295 31.16 24.01 16.31
C GLY C 295 29.83 24.67 16.62
N SER C 296 28.77 23.86 16.76
CA SER C 296 27.47 24.40 17.15
C SER C 296 27.51 24.98 18.55
N ASP C 297 28.19 24.30 19.47
CA ASP C 297 28.30 24.81 20.84
C ASP C 297 29.07 26.11 20.89
N LEU C 298 30.14 26.23 20.08
CA LEU C 298 30.88 27.48 20.02
C LEU C 298 30.08 28.57 19.30
N LYS C 299 29.25 28.19 18.32
CA LYS C 299 28.42 29.16 17.62
C LYS C 299 27.42 29.81 18.56
N GLU C 300 26.77 29.01 19.40
CA GLU C 300 25.83 29.57 20.37
C GLU C 300 26.56 30.22 21.54
N LEU C 301 27.78 29.77 21.84
CA LEU C 301 28.60 30.49 22.81
C LEU C 301 28.94 31.89 22.32
N CYS C 302 29.28 32.01 21.03
CA CYS C 302 29.47 33.33 20.44
C CYS C 302 28.14 34.08 20.35
N ARG C 303 27.06 33.37 20.06
CA ARG C 303 25.75 34.02 19.95
C ARG C 303 25.29 34.57 21.29
N GLU C 304 25.49 33.82 22.37
CA GLU C 304 25.14 34.32 23.69
C GLU C 304 26.07 35.46 24.12
N ALA C 305 27.36 35.35 23.80
CA ALA C 305 28.30 36.40 24.15
C ALA C 305 28.02 37.67 23.37
N ALA C 306 27.61 37.55 22.11
CA ALA C 306 27.27 38.73 21.32
C ALA C 306 26.02 39.42 21.86
N LEU C 307 25.05 38.64 22.32
CA LEU C 307 23.85 39.23 22.91
C LEU C 307 24.16 39.94 24.22
N ASP C 308 25.05 39.37 25.03
CA ASP C 308 25.41 40.00 26.30
C ASP C 308 26.25 41.26 26.07
N ALA C 309 27.12 41.24 25.06
CA ALA C 309 27.91 42.42 24.76
C ALA C 309 27.06 43.52 24.14
N ALA C 310 26.10 43.16 23.30
CA ALA C 310 25.19 44.12 22.70
C ALA C 310 23.95 44.35 23.55
N LYS C 311 23.96 43.89 24.81
CA LYS C 311 22.79 44.02 25.67
C LYS C 311 22.41 45.47 25.90
N GLU C 312 23.41 46.34 26.13
CA GLU C 312 23.14 47.76 26.31
C GLU C 312 22.69 48.41 25.00
N TYR C 313 23.27 47.99 23.88
CA TYR C 313 22.90 48.58 22.59
C TYR C 313 21.54 48.10 22.12
N ILE C 314 21.15 46.88 22.50
CA ILE C 314 19.82 46.37 22.15
C ILE C 314 18.74 47.20 22.82
N LYS C 315 18.93 47.53 24.10
CA LYS C 315 17.95 48.35 24.82
C LYS C 315 17.85 49.74 24.22
N GLN C 316 18.99 50.31 23.81
CA GLN C 316 18.96 51.63 23.16
C GLN C 316 18.24 51.57 21.82
N LYS C 317 18.48 50.51 21.04
CA LYS C 317 17.83 50.38 19.74
C LYS C 317 16.33 50.10 19.88
N ARG C 318 15.94 49.35 20.91
CA ARG C 318 14.52 49.08 21.14
C ARG C 318 13.76 50.35 21.49
N GLN C 319 14.38 51.23 22.30
CA GLN C 319 13.76 52.50 22.66
C GLN C 319 13.78 53.46 21.48
N ARG C 337 29.25 47.80 20.47
CA ARG C 337 30.12 47.60 21.62
C ARG C 337 31.12 46.48 21.37
N PRO C 338 32.40 46.73 21.65
CA PRO C 338 33.42 45.69 21.48
C PRO C 338 33.20 44.53 22.43
N LEU C 339 33.57 43.33 21.96
CA LEU C 339 33.41 42.13 22.76
C LEU C 339 34.50 42.04 23.82
N LYS C 340 34.26 41.21 24.83
CA LYS C 340 35.20 41.02 25.92
C LYS C 340 35.31 39.54 26.24
N THR C 341 36.44 39.17 26.85
CA THR C 341 36.64 37.81 27.33
C THR C 341 35.64 37.48 28.43
N LYS C 342 35.31 38.46 29.29
CA LYS C 342 34.36 38.24 30.36
C LYS C 342 32.97 37.87 29.84
N ASP C 343 32.60 38.38 28.66
CA ASP C 343 31.33 38.01 28.05
C ASP C 343 31.30 36.52 27.70
N PHE C 344 32.40 36.00 27.17
CA PHE C 344 32.47 34.58 26.84
C PHE C 344 32.58 33.73 28.10
N THR C 345 33.36 34.19 29.09
CA THR C 345 33.53 33.44 30.33
C THR C 345 32.27 33.47 31.20
N LYS C 346 31.39 34.46 31.00
CA LYS C 346 30.13 34.50 31.74
C LYS C 346 29.25 33.31 31.38
N LYS C 347 29.08 33.06 30.08
CA LYS C 347 28.28 31.93 29.63
C LYS C 347 29.03 30.61 29.75
N LEU C 348 30.35 30.64 29.81
CA LEU C 348 31.14 29.42 29.94
C LEU C 348 31.07 28.89 31.37
N ARG C 349 31.24 27.58 31.49
CA ARG C 349 31.22 26.89 32.78
C ARG C 349 32.62 26.52 33.26
N MET C 350 33.64 27.24 32.79
CA MET C 350 35.05 27.02 33.14
C MET C 350 35.50 25.59 32.87
N SER D 36 -2.21 -2.64 -24.22
CA SER D 36 -0.87 -3.12 -23.91
C SER D 36 0.13 -1.95 -23.88
N GLY D 37 1.16 -2.09 -23.06
CA GLY D 37 2.15 -1.04 -22.92
C GLY D 37 1.98 -0.29 -21.61
N PRO D 38 2.97 -0.40 -20.73
CA PRO D 38 2.90 0.26 -19.42
C PRO D 38 3.32 1.72 -19.52
N LEU D 39 3.18 2.43 -18.40
CA LEU D 39 3.70 3.80 -18.33
C LEU D 39 5.21 3.84 -18.39
N SER D 40 5.88 2.84 -17.83
CA SER D 40 7.33 2.74 -17.94
C SER D 40 7.73 2.39 -19.37
N GLY D 41 8.87 2.95 -19.79
CA GLY D 41 9.35 2.75 -21.14
C GLY D 41 8.46 3.38 -22.19
N LYS D 42 7.93 4.56 -21.89
CA LYS D 42 7.08 5.31 -22.83
C LYS D 42 7.65 6.66 -23.21
N SER D 43 8.73 7.12 -22.57
CA SER D 43 9.30 8.41 -22.90
C SER D 43 10.05 8.35 -24.23
N ARG D 44 10.35 9.54 -24.76
CA ARG D 44 11.10 9.62 -26.01
C ARG D 44 12.52 9.09 -25.85
N GLU D 45 13.15 9.38 -24.70
CA GLU D 45 14.48 8.84 -24.42
C GLU D 45 14.40 7.33 -24.30
N SER D 46 13.39 6.82 -23.58
CA SER D 46 13.27 5.38 -23.39
C SER D 46 12.97 4.67 -24.70
N LYS D 47 12.08 5.24 -25.52
CA LYS D 47 11.76 4.62 -26.81
C LYS D 47 12.96 4.61 -27.74
N ALA D 48 13.80 5.67 -27.68
CA ALA D 48 15.03 5.67 -28.46
C ALA D 48 16.00 4.62 -27.95
N LYS D 49 16.06 4.42 -26.63
CA LYS D 49 16.93 3.39 -26.07
C LYS D 49 16.49 2.00 -26.48
N GLN D 50 15.18 1.74 -26.48
CA GLN D 50 14.67 0.43 -26.88
C GLN D 50 14.96 0.16 -28.35
N SER D 51 14.79 1.16 -29.21
CA SER D 51 15.08 0.99 -30.63
C SER D 51 16.58 0.78 -30.86
N LEU D 52 17.42 1.53 -30.14
CA LEU D 52 18.86 1.38 -30.28
C LEU D 52 19.32 0.01 -29.80
N GLN D 53 18.76 -0.46 -28.69
CA GLN D 53 19.14 -1.78 -28.16
C GLN D 53 18.68 -2.90 -29.09
N TRP D 54 17.55 -2.71 -29.78
CA TRP D 54 17.05 -3.75 -30.67
C TRP D 54 17.91 -3.88 -31.92
N GLU D 55 18.38 -2.75 -32.46
CA GLU D 55 19.25 -2.81 -33.64
C GLU D 55 20.57 -3.49 -33.32
N LYS D 56 21.11 -3.26 -32.12
CA LYS D 56 22.32 -3.96 -31.70
C LYS D 56 22.08 -5.46 -31.56
N LEU D 57 20.91 -5.84 -31.04
CA LEU D 57 20.59 -7.26 -30.91
C LEU D 57 20.41 -7.91 -32.28
N VAL D 58 19.76 -7.21 -33.22
CA VAL D 58 19.58 -7.75 -34.56
C VAL D 58 20.93 -7.83 -35.29
N LYS D 59 21.78 -6.83 -35.08
CA LYS D 59 23.13 -6.87 -35.66
C LYS D 59 23.94 -8.02 -35.10
N ARG D 60 23.85 -8.25 -33.79
CA ARG D 60 24.58 -9.35 -33.18
C ARG D 60 24.03 -10.70 -33.61
N SER D 61 22.71 -10.83 -33.65
CA SER D 61 22.04 -12.08 -34.06
C SER D 61 21.08 -11.76 -35.19
N PRO D 62 21.41 -12.11 -36.43
CA PRO D 62 20.52 -11.79 -37.57
C PRO D 62 19.18 -12.51 -37.52
N ALA D 63 19.06 -13.61 -36.77
CA ALA D 63 17.81 -14.34 -36.70
C ALA D 63 16.73 -13.58 -35.93
N LEU D 64 17.10 -12.56 -35.17
CA LEU D 64 16.14 -11.79 -34.39
C LEU D 64 15.40 -10.75 -35.22
N ALA D 65 15.77 -10.57 -36.50
CA ALA D 65 15.11 -9.57 -37.33
C ALA D 65 13.65 -9.91 -37.57
N GLU D 66 13.34 -11.19 -37.78
CA GLU D 66 11.96 -11.62 -37.99
C GLU D 66 11.17 -11.72 -36.70
N VAL D 67 11.82 -11.62 -35.55
CA VAL D 67 11.15 -11.76 -34.27
C VAL D 67 10.45 -10.45 -33.92
N THR D 68 9.15 -10.53 -33.65
CA THR D 68 8.38 -9.38 -33.22
C THR D 68 8.18 -9.45 -31.70
N LEU D 69 7.93 -8.28 -31.10
CA LEU D 69 7.82 -8.16 -29.66
C LEU D 69 6.57 -7.38 -29.29
N ASP D 70 5.98 -7.73 -28.15
CA ASP D 70 4.84 -6.99 -27.63
C ASP D 70 5.31 -5.67 -27.03
N ALA D 71 4.33 -4.82 -26.69
CA ALA D 71 4.66 -3.51 -26.12
C ALA D 71 5.33 -3.66 -24.76
N TYR D 72 4.99 -4.71 -24.02
CA TYR D 72 5.65 -4.96 -22.74
C TYR D 72 7.08 -5.47 -22.95
N GLU D 73 7.29 -6.28 -23.98
CA GLU D 73 8.63 -6.78 -24.28
C GLU D 73 9.53 -5.67 -24.80
N ARG D 74 8.95 -4.63 -25.42
CA ARG D 74 9.75 -3.48 -25.84
C ARG D 74 10.34 -2.74 -24.64
N THR D 75 9.58 -2.63 -23.55
CA THR D 75 10.07 -1.93 -22.37
C THR D 75 11.23 -2.67 -21.72
N ILE D 76 11.27 -3.98 -21.87
CA ILE D 76 12.38 -4.76 -21.32
C ILE D 76 13.65 -4.53 -22.16
N LEU D 77 13.49 -4.14 -23.43
CA LEU D 77 14.63 -3.90 -24.31
C LEU D 77 15.52 -2.76 -23.81
N SER D 78 14.97 -1.82 -23.05
CA SER D 78 15.78 -0.76 -22.47
C SER D 78 16.73 -1.27 -21.41
N SER D 79 16.47 -2.45 -20.85
CA SER D 79 17.34 -3.07 -19.86
C SER D 79 18.37 -4.00 -20.48
N ILE D 80 18.41 -4.11 -21.81
CA ILE D 80 19.38 -4.97 -22.48
C ILE D 80 20.76 -4.32 -22.39
N VAL D 81 21.74 -5.09 -21.91
CA VAL D 81 23.11 -4.61 -21.78
C VAL D 81 23.94 -5.27 -22.87
N THR D 82 24.39 -4.48 -23.84
CA THR D 82 25.26 -4.97 -24.90
C THR D 82 26.71 -4.98 -24.41
N PRO D 83 27.57 -5.80 -25.03
CA PRO D 83 28.98 -5.84 -24.61
C PRO D 83 29.71 -4.52 -24.76
N ASP D 84 29.26 -3.62 -25.63
CA ASP D 84 29.93 -2.34 -25.78
C ASP D 84 29.70 -1.41 -24.60
N GLU D 85 28.60 -1.60 -23.84
CA GLU D 85 28.36 -0.80 -22.66
C GLU D 85 29.24 -1.19 -21.48
N ILE D 86 29.88 -2.36 -21.54
CA ILE D 86 30.72 -2.86 -20.46
C ILE D 86 32.17 -2.79 -20.91
N ASN D 87 33.01 -2.13 -20.10
CA ASN D 87 34.43 -2.02 -20.37
C ASN D 87 35.25 -2.98 -19.52
N ILE D 88 34.62 -3.95 -18.89
CA ILE D 88 35.26 -4.82 -17.91
C ILE D 88 35.18 -6.26 -18.41
N THR D 89 36.33 -6.93 -18.46
CA THR D 89 36.43 -8.30 -18.93
C THR D 89 36.78 -9.23 -17.77
N PHE D 90 36.81 -10.53 -18.06
CA PHE D 90 37.22 -11.50 -17.05
C PHE D 90 38.68 -11.37 -16.69
N GLN D 91 39.51 -10.84 -17.59
CA GLN D 91 40.91 -10.59 -17.30
C GLN D 91 41.12 -9.39 -16.38
N ASP D 92 40.09 -8.56 -16.19
CA ASP D 92 40.16 -7.43 -15.27
C ASP D 92 39.77 -7.81 -13.85
N ILE D 93 39.45 -9.08 -13.60
CA ILE D 93 39.07 -9.54 -12.28
C ILE D 93 40.27 -10.29 -11.70
N GLY D 94 41.00 -9.61 -10.81
CA GLY D 94 42.06 -10.28 -10.09
C GLY D 94 41.52 -11.32 -9.13
N GLY D 95 42.29 -12.39 -8.97
CA GLY D 95 41.82 -13.50 -8.19
C GLY D 95 40.68 -14.22 -8.89
N LEU D 96 39.98 -15.05 -8.12
CA LEU D 96 38.78 -15.76 -8.53
C LEU D 96 39.00 -16.64 -9.76
N ASP D 97 40.25 -17.00 -10.05
CA ASP D 97 40.54 -17.86 -11.19
C ASP D 97 39.91 -19.25 -11.10
N PRO D 98 39.94 -19.96 -9.95
CA PRO D 98 39.08 -21.16 -9.84
C PRO D 98 37.60 -20.85 -9.98
N LEU D 99 37.17 -19.68 -9.52
CA LEU D 99 35.75 -19.32 -9.62
C LEU D 99 35.37 -18.97 -11.05
N ILE D 100 36.25 -18.26 -11.76
CA ILE D 100 35.96 -17.90 -13.16
C ILE D 100 35.93 -19.14 -14.03
N SER D 101 36.87 -20.07 -13.81
CA SER D 101 36.86 -21.33 -14.55
C SER D 101 35.61 -22.14 -14.24
N ASP D 102 35.22 -22.21 -12.96
CA ASP D 102 33.97 -22.88 -12.60
C ASP D 102 32.77 -22.15 -13.17
N LEU D 103 32.85 -20.82 -13.27
CA LEU D 103 31.80 -20.05 -13.93
C LEU D 103 31.75 -20.39 -15.41
N HIS D 104 32.90 -20.57 -16.04
CA HIS D 104 32.92 -20.87 -17.47
C HIS D 104 32.47 -22.30 -17.75
N GLU D 105 32.98 -23.26 -16.99
CA GLU D 105 32.72 -24.66 -17.29
C GLU D 105 31.33 -25.11 -16.89
N SER D 106 30.69 -24.43 -15.94
CA SER D 106 29.40 -24.87 -15.43
C SER D 106 28.25 -23.94 -15.76
N VAL D 107 28.52 -22.72 -16.23
CA VAL D 107 27.46 -21.75 -16.45
C VAL D 107 27.52 -21.23 -17.88
N ILE D 108 28.69 -20.75 -18.31
CA ILE D 108 28.80 -20.10 -19.61
C ILE D 108 28.82 -21.13 -20.73
N TYR D 109 29.76 -22.07 -20.68
CA TYR D 109 29.89 -23.06 -21.75
C TYR D 109 28.68 -23.98 -21.90
N PRO D 110 28.06 -24.54 -20.84
CA PRO D 110 26.84 -25.33 -21.06
C PRO D 110 25.68 -24.54 -21.63
N LEU D 111 25.68 -23.22 -21.46
CA LEU D 111 24.60 -22.39 -21.98
C LEU D 111 24.84 -21.96 -23.42
N MET D 112 26.03 -21.42 -23.71
CA MET D 112 26.34 -20.88 -25.02
C MET D 112 26.84 -21.93 -26.00
N MET D 113 27.16 -23.13 -25.54
CA MET D 113 27.58 -24.23 -26.40
C MET D 113 26.75 -25.47 -26.07
N PRO D 114 25.47 -25.47 -26.42
CA PRO D 114 24.64 -26.64 -26.10
C PRO D 114 24.94 -27.85 -26.96
N GLU D 115 25.51 -27.65 -28.15
CA GLU D 115 25.86 -28.79 -29.01
C GLU D 115 27.04 -29.57 -28.44
N VAL D 116 27.97 -28.89 -27.76
CA VAL D 116 29.09 -29.59 -27.13
C VAL D 116 28.59 -30.42 -25.95
N TYR D 117 27.60 -29.91 -25.21
CA TYR D 117 27.06 -30.58 -24.04
C TYR D 117 25.81 -31.39 -24.35
N SER D 118 25.52 -31.65 -25.62
CA SER D 118 24.31 -32.37 -26.00
C SER D 118 24.46 -33.88 -25.90
N ASN D 119 25.64 -34.39 -25.53
CA ASN D 119 25.82 -35.83 -25.40
C ASN D 119 24.98 -36.40 -24.27
N SER D 120 24.89 -35.68 -23.14
CA SER D 120 24.12 -36.14 -22.00
C SER D 120 23.07 -35.10 -21.62
N PRO D 121 21.87 -35.54 -21.21
CA PRO D 121 20.83 -34.56 -20.83
C PRO D 121 21.12 -33.81 -19.54
N LEU D 122 22.00 -34.34 -18.69
CA LEU D 122 22.32 -33.69 -17.42
C LEU D 122 23.40 -32.62 -17.55
N LEU D 123 23.95 -32.42 -18.75
CA LEU D 123 24.96 -31.41 -18.99
C LEU D 123 24.34 -30.03 -19.30
N GLN D 124 23.06 -29.85 -18.99
CA GLN D 124 22.38 -28.62 -19.32
C GLN D 124 22.83 -27.48 -18.39
N ALA D 125 22.62 -26.26 -18.86
CA ALA D 125 22.93 -25.08 -18.07
C ALA D 125 21.94 -24.95 -16.91
N PRO D 126 22.37 -24.39 -15.78
CA PRO D 126 21.46 -24.24 -14.64
C PRO D 126 20.37 -23.23 -14.91
N SER D 127 19.24 -23.40 -14.23
CA SER D 127 18.13 -22.47 -14.37
C SER D 127 18.42 -21.13 -13.73
N GLY D 128 19.37 -21.08 -12.80
CA GLY D 128 19.71 -19.83 -12.14
C GLY D 128 21.08 -19.92 -11.53
N VAL D 129 21.74 -18.76 -11.40
CA VAL D 129 23.08 -18.66 -10.83
C VAL D 129 23.04 -17.59 -9.75
N LEU D 130 23.61 -17.90 -8.59
CA LEU D 130 23.68 -16.95 -7.49
C LEU D 130 25.14 -16.68 -7.15
N LEU D 131 25.57 -15.44 -7.34
CA LEU D 131 26.90 -14.98 -6.94
C LEU D 131 26.74 -14.25 -5.61
N TYR D 132 27.06 -14.94 -4.52
CA TYR D 132 26.87 -14.38 -3.19
C TYR D 132 28.22 -14.29 -2.48
N GLY D 133 28.23 -13.50 -1.40
CA GLY D 133 29.41 -13.30 -0.61
C GLY D 133 29.43 -11.93 0.02
N PRO D 134 30.50 -11.60 0.76
CA PRO D 134 30.62 -10.26 1.33
C PRO D 134 30.76 -9.23 0.23
N PRO D 135 30.30 -8.00 0.46
CA PRO D 135 30.34 -6.98 -0.59
C PRO D 135 31.77 -6.57 -0.94
N GLY D 136 31.95 -6.21 -2.21
CA GLY D 136 33.22 -5.72 -2.71
C GLY D 136 34.17 -6.78 -3.22
N CYS D 137 33.79 -8.05 -3.17
CA CYS D 137 34.69 -9.12 -3.56
C CYS D 137 34.65 -9.44 -5.05
N GLY D 138 33.72 -8.87 -5.80
CA GLY D 138 33.75 -9.01 -7.24
C GLY D 138 32.57 -9.73 -7.86
N LYS D 139 31.42 -9.73 -7.17
CA LYS D 139 30.22 -10.33 -7.75
C LYS D 139 29.73 -9.53 -8.95
N THR D 140 29.75 -8.20 -8.85
CA THR D 140 29.39 -7.36 -9.98
C THR D 140 30.48 -7.37 -11.04
N MET D 141 31.73 -7.58 -10.63
CA MET D 141 32.83 -7.77 -11.59
C MET D 141 32.56 -8.97 -12.48
N LEU D 142 32.12 -10.08 -11.89
CA LEU D 142 31.83 -11.28 -12.66
C LEU D 142 30.63 -11.06 -13.59
N ALA D 143 29.62 -10.33 -13.13
CA ALA D 143 28.43 -10.09 -13.94
C ALA D 143 28.74 -9.15 -15.10
N LYS D 144 29.58 -8.14 -14.87
CA LYS D 144 30.01 -7.27 -15.97
C LYS D 144 30.82 -8.06 -16.98
N ALA D 145 31.72 -8.93 -16.51
CA ALA D 145 32.45 -9.81 -17.42
C ALA D 145 31.51 -10.79 -18.11
N LEU D 146 30.48 -11.25 -17.41
CA LEU D 146 29.46 -12.08 -18.04
C LEU D 146 28.67 -11.29 -19.08
N ALA D 147 28.46 -10.00 -18.83
CA ALA D 147 27.72 -9.17 -19.78
C ALA D 147 28.55 -8.88 -21.01
N LYS D 148 29.88 -8.98 -20.94
CA LYS D 148 30.74 -8.59 -22.04
C LYS D 148 31.12 -9.76 -22.94
N GLU D 149 31.78 -10.77 -22.39
CA GLU D 149 32.42 -11.81 -23.19
C GLU D 149 31.85 -13.20 -22.92
N SER D 150 30.55 -13.29 -22.66
CA SER D 150 29.89 -14.59 -22.61
C SER D 150 29.14 -14.93 -23.89
N GLY D 151 28.79 -13.93 -24.70
CA GLY D 151 28.03 -14.16 -25.90
C GLY D 151 26.53 -14.19 -25.71
N ALA D 152 26.05 -14.10 -24.48
CA ALA D 152 24.63 -14.14 -24.19
C ALA D 152 24.03 -12.75 -24.23
N ASN D 153 22.76 -12.67 -24.62
CA ASN D 153 22.01 -11.45 -24.43
C ASN D 153 21.79 -11.23 -22.94
N PHE D 154 22.04 -10.00 -22.49
CA PHE D 154 22.06 -9.69 -21.07
C PHE D 154 20.92 -8.73 -20.75
N ILE D 155 20.06 -9.12 -19.82
CA ILE D 155 19.00 -8.25 -19.33
C ILE D 155 19.28 -7.89 -17.88
N SER D 156 19.96 -6.78 -17.66
CA SER D 156 20.24 -6.31 -16.30
C SER D 156 19.05 -5.50 -15.82
N ILE D 157 18.00 -6.22 -15.45
CA ILE D 157 16.75 -5.61 -15.01
C ILE D 157 16.92 -5.07 -13.60
N ARG D 158 16.14 -4.05 -13.27
CA ARG D 158 16.14 -3.43 -11.96
C ARG D 158 14.72 -3.35 -11.45
N MET D 159 14.57 -3.09 -10.15
CA MET D 159 13.25 -3.05 -9.55
C MET D 159 12.44 -1.85 -10.01
N SER D 160 13.10 -0.79 -10.47
CA SER D 160 12.37 0.35 -11.04
C SER D 160 11.72 -0.02 -12.36
N SER D 161 12.37 -0.87 -13.16
CA SER D 161 11.80 -1.32 -14.41
C SER D 161 10.68 -2.34 -14.21
N ILE D 162 10.73 -3.08 -13.10
CA ILE D 162 9.74 -4.13 -12.85
C ILE D 162 8.51 -3.57 -12.15
N MET D 163 8.70 -2.85 -11.04
CA MET D 163 7.57 -2.30 -10.30
C MET D 163 6.88 -1.21 -11.11
N ASP D 164 5.54 -1.21 -11.04
CA ASP D 164 4.72 -0.21 -11.69
C ASP D 164 3.58 0.17 -10.77
N LYS D 165 3.15 1.44 -10.85
CA LYS D 165 2.10 1.91 -9.97
C LYS D 165 0.72 1.40 -10.36
N TRP D 166 0.56 0.94 -11.59
CA TRP D 166 -0.72 0.45 -12.06
C TRP D 166 -0.88 -1.03 -11.76
N TYR D 167 -2.12 -1.46 -11.59
CA TYR D 167 -2.41 -2.81 -11.14
C TYR D 167 -2.10 -3.82 -12.23
N GLY D 168 -1.36 -4.87 -11.89
CA GLY D 168 -1.08 -5.95 -12.79
C GLY D 168 0.00 -5.67 -13.82
N GLU D 169 0.58 -4.47 -13.84
CA GLU D 169 1.61 -4.16 -14.82
C GLU D 169 2.95 -4.80 -14.48
N SER D 170 3.29 -4.90 -13.20
CA SER D 170 4.54 -5.53 -12.81
C SER D 170 4.55 -7.01 -13.16
N ASN D 171 3.40 -7.67 -13.04
CA ASN D 171 3.30 -9.06 -13.47
C ASN D 171 3.49 -9.20 -14.97
N LYS D 172 2.93 -8.28 -15.75
CA LYS D 172 3.10 -8.32 -17.19
C LYS D 172 4.52 -7.95 -17.61
N ILE D 173 5.18 -7.09 -16.84
CA ILE D 173 6.57 -6.74 -17.11
C ILE D 173 7.47 -7.95 -16.88
N VAL D 174 7.25 -8.67 -15.77
CA VAL D 174 8.02 -9.88 -15.49
C VAL D 174 7.72 -10.96 -16.52
N ASP D 175 6.45 -11.07 -16.92
CA ASP D 175 6.08 -12.04 -17.95
C ASP D 175 6.75 -11.71 -19.28
N ALA D 176 6.81 -10.43 -19.63
CA ALA D 176 7.50 -10.03 -20.85
C ALA D 176 9.00 -10.19 -20.70
N MET D 177 9.54 -10.03 -19.49
CA MET D 177 10.96 -10.23 -19.25
C MET D 177 11.38 -11.66 -19.55
N PHE D 178 10.55 -12.62 -19.15
CA PHE D 178 10.81 -14.01 -19.49
C PHE D 178 10.45 -14.31 -20.94
N SER D 179 9.44 -13.61 -21.47
CA SER D 179 9.06 -13.80 -22.86
C SER D 179 10.16 -13.30 -23.81
N LEU D 180 10.70 -12.11 -23.53
CA LEU D 180 11.76 -11.56 -24.37
C LEU D 180 13.03 -12.40 -24.26
N ALA D 181 13.35 -12.88 -23.05
CA ALA D 181 14.54 -13.70 -22.88
C ALA D 181 14.41 -15.05 -23.57
N ASN D 182 13.19 -15.49 -23.85
CA ASN D 182 13.00 -16.69 -24.64
C ASN D 182 13.15 -16.41 -26.13
N LYS D 183 12.81 -15.21 -26.59
CA LYS D 183 13.01 -14.84 -27.98
C LYS D 183 14.50 -14.77 -28.33
N LEU D 184 15.27 -14.07 -27.50
CA LEU D 184 16.73 -14.08 -27.59
C LEU D 184 17.19 -15.28 -26.80
N GLN D 185 17.23 -16.45 -27.47
CA GLN D 185 17.26 -17.74 -26.77
C GLN D 185 18.42 -17.90 -25.80
N PRO D 186 19.69 -17.63 -26.16
CA PRO D 186 20.71 -17.69 -25.09
C PRO D 186 20.81 -16.37 -24.32
N CYS D 187 19.87 -16.19 -23.39
CA CYS D 187 19.76 -14.95 -22.63
C CYS D 187 20.17 -15.16 -21.18
N ILE D 188 20.58 -14.06 -20.55
CA ILE D 188 20.86 -14.03 -19.12
C ILE D 188 20.09 -12.86 -18.52
N ILE D 189 19.19 -13.16 -17.59
CA ILE D 189 18.44 -12.14 -16.87
C ILE D 189 19.18 -11.91 -15.55
N PHE D 190 19.89 -10.79 -15.44
CA PHE D 190 20.67 -10.48 -14.26
C PHE D 190 19.92 -9.51 -13.38
N ILE D 191 19.76 -9.87 -12.10
CA ILE D 191 19.14 -9.00 -11.11
C ILE D 191 20.18 -8.77 -10.02
N ASP D 192 20.83 -7.61 -10.07
CA ASP D 192 21.74 -7.22 -9.00
C ASP D 192 20.94 -6.93 -7.73
N GLN D 193 21.51 -7.31 -6.59
CA GLN D 193 20.85 -7.24 -5.29
C GLN D 193 19.52 -8.01 -5.32
N ILE D 194 19.64 -9.31 -5.60
CA ILE D 194 18.47 -10.16 -5.79
C ILE D 194 17.78 -10.52 -4.49
N ASP D 195 18.39 -10.22 -3.34
CA ASP D 195 17.78 -10.54 -2.06
C ASP D 195 16.56 -9.67 -1.75
N SER D 196 16.39 -8.55 -2.44
CA SER D 196 15.21 -7.72 -2.27
C SER D 196 14.08 -8.14 -3.20
N PHE D 197 14.40 -8.45 -4.45
CA PHE D 197 13.39 -8.98 -5.36
C PHE D 197 12.92 -10.35 -4.91
N LEU D 198 13.84 -11.22 -4.49
CA LEU D 198 13.52 -12.58 -4.08
C LEU D 198 13.55 -12.75 -2.57
N ARG D 199 13.08 -11.75 -1.83
CA ARG D 199 13.08 -11.84 -0.37
C ARG D 199 12.12 -12.92 0.10
N GLU D 200 12.33 -13.35 1.35
CA GLU D 200 11.49 -14.39 1.93
C GLU D 200 10.05 -13.92 2.02
N ARG D 201 9.14 -14.71 1.46
CA ARG D 201 7.74 -14.35 1.43
C ARG D 201 7.14 -14.37 2.83
N SER D 202 6.18 -13.48 3.06
CA SER D 202 5.53 -13.37 4.35
C SER D 202 4.12 -12.85 4.16
N SER D 203 3.30 -13.01 5.19
CA SER D 203 1.95 -12.45 5.17
C SER D 203 1.97 -10.93 5.22
N THR D 204 3.05 -10.33 5.72
CA THR D 204 3.21 -8.89 5.76
C THR D 204 3.81 -8.33 4.48
N ASP D 205 4.13 -9.18 3.51
CA ASP D 205 4.63 -8.70 2.23
C ASP D 205 3.52 -7.95 1.49
N HIS D 206 3.93 -7.10 0.55
CA HIS D 206 2.96 -6.32 -0.20
C HIS D 206 2.13 -7.23 -1.10
N GLU D 207 0.90 -6.78 -1.37
CA GLU D 207 -0.01 -7.50 -2.24
C GLU D 207 0.58 -7.72 -3.64
N VAL D 208 1.12 -6.66 -4.24
CA VAL D 208 1.70 -6.78 -5.57
C VAL D 208 3.03 -7.51 -5.53
N THR D 209 3.81 -7.29 -4.48
CA THR D 209 5.12 -7.93 -4.38
C THR D 209 5.00 -9.43 -4.22
N ALA D 210 4.08 -9.90 -3.38
CA ALA D 210 3.82 -11.33 -3.28
C ALA D 210 3.30 -11.89 -4.58
N THR D 211 2.51 -11.09 -5.30
CA THR D 211 2.08 -11.46 -6.65
C THR D 211 3.26 -11.46 -7.62
N LEU D 212 4.17 -10.50 -7.45
CA LEU D 212 5.36 -10.43 -8.31
C LEU D 212 6.26 -11.63 -8.12
N LYS D 213 6.48 -12.05 -6.88
CA LYS D 213 7.35 -13.19 -6.61
C LYS D 213 6.75 -14.48 -7.12
N ALA D 214 5.43 -14.64 -7.00
CA ALA D 214 4.76 -15.83 -7.52
C ALA D 214 4.85 -15.91 -9.04
N GLU D 215 4.67 -14.77 -9.72
CA GLU D 215 4.79 -14.74 -11.17
C GLU D 215 6.21 -15.03 -11.61
N PHE D 216 7.20 -14.48 -10.90
CA PHE D 216 8.59 -14.77 -11.21
C PHE D 216 8.92 -16.23 -10.96
N MET D 217 8.35 -16.82 -9.91
CA MET D 217 8.57 -18.23 -9.62
C MET D 217 7.98 -19.13 -10.70
N THR D 218 6.78 -18.80 -11.18
CA THR D 218 6.10 -19.64 -12.15
C THR D 218 6.85 -19.68 -13.48
N LEU D 219 7.35 -18.53 -13.94
CA LEU D 219 8.06 -18.49 -15.21
C LEU D 219 9.45 -19.08 -15.11
N TRP D 220 10.11 -18.92 -13.96
CA TRP D 220 11.46 -19.43 -13.72
C TRP D 220 11.50 -20.95 -13.81
N ASP D 221 10.80 -21.62 -12.89
CA ASP D 221 10.73 -23.08 -12.85
C ASP D 221 9.28 -23.47 -12.66
N GLY D 222 8.55 -23.55 -13.77
CA GLY D 222 7.18 -24.00 -13.76
C GLY D 222 6.90 -24.80 -15.02
N LEU D 223 5.65 -25.14 -15.28
CA LEU D 223 5.35 -25.75 -16.56
C LEU D 223 5.39 -24.69 -17.65
N LEU D 224 5.50 -25.15 -18.90
CA LEU D 224 5.97 -24.33 -20.02
C LEU D 224 7.31 -23.70 -19.68
N ASN D 225 8.30 -24.57 -19.49
CA ASN D 225 9.63 -24.16 -19.06
C ASN D 225 10.31 -23.34 -20.14
N ASN D 226 11.25 -22.49 -19.69
CA ASN D 226 11.99 -21.63 -20.59
C ASN D 226 13.01 -22.44 -21.40
N GLY D 227 13.68 -21.77 -22.33
CA GLY D 227 14.69 -22.40 -23.13
C GLY D 227 16.06 -22.26 -22.50
N ARG D 228 16.93 -21.48 -23.13
CA ARG D 228 18.26 -21.20 -22.60
C ARG D 228 18.29 -19.90 -21.81
N VAL D 229 17.19 -19.60 -21.12
CA VAL D 229 17.13 -18.41 -20.26
C VAL D 229 17.85 -18.72 -18.95
N MET D 230 18.73 -17.82 -18.56
CA MET D 230 19.47 -17.93 -17.31
C MET D 230 19.14 -16.75 -16.41
N ILE D 231 18.93 -17.02 -15.12
CA ILE D 231 18.69 -15.96 -14.16
C ILE D 231 19.86 -15.87 -13.21
N ILE D 232 20.84 -15.03 -13.52
CA ILE D 232 22.00 -14.83 -12.68
C ILE D 232 21.67 -13.77 -11.64
N GLY D 233 21.97 -14.06 -10.39
CA GLY D 233 21.73 -13.12 -9.31
C GLY D 233 22.99 -12.86 -8.52
N ALA D 234 23.16 -11.61 -8.10
CA ALA D 234 24.26 -11.20 -7.26
C ALA D 234 23.71 -10.53 -6.01
N THR D 235 24.15 -10.98 -4.84
CA THR D 235 23.65 -10.43 -3.59
C THR D 235 24.69 -10.64 -2.51
N ASN D 236 24.59 -9.83 -1.46
CA ASN D 236 25.43 -9.97 -0.28
C ASN D 236 24.65 -10.45 0.94
N ARG D 237 23.36 -10.77 0.77
CA ARG D 237 22.52 -11.33 1.82
C ARG D 237 21.82 -12.56 1.24
N ILE D 238 22.51 -13.71 1.28
CA ILE D 238 21.96 -14.93 0.70
C ILE D 238 20.79 -15.44 1.54
N ASN D 239 20.89 -15.35 2.86
CA ASN D 239 19.87 -15.90 3.74
C ASN D 239 18.54 -15.14 3.65
N ASP D 240 18.54 -13.93 3.10
CA ASP D 240 17.29 -13.20 2.90
C ASP D 240 16.50 -13.70 1.70
N ILE D 241 17.12 -14.50 0.83
CA ILE D 241 16.43 -15.03 -0.33
C ILE D 241 15.48 -16.15 0.11
N ASP D 242 14.30 -16.20 -0.51
CA ASP D 242 13.31 -17.21 -0.18
C ASP D 242 13.84 -18.60 -0.54
N ASP D 243 13.36 -19.60 0.21
CA ASP D 243 13.80 -20.98 -0.01
C ASP D 243 13.40 -21.45 -1.40
N ALA D 244 12.18 -21.11 -1.82
CA ALA D 244 11.73 -21.50 -3.16
C ALA D 244 12.51 -20.77 -4.25
N PHE D 245 12.96 -19.54 -3.98
CA PHE D 245 13.82 -18.84 -4.92
C PHE D 245 15.25 -19.35 -4.87
N LEU D 246 15.73 -19.75 -3.70
CA LEU D 246 17.08 -20.29 -3.59
C LEU D 246 17.23 -21.63 -4.29
N ARG D 247 16.17 -22.44 -4.29
CA ARG D 247 16.19 -23.69 -5.05
C ARG D 247 16.13 -23.44 -6.55
N ARG D 248 15.66 -22.26 -6.96
CA ARG D 248 15.71 -21.86 -8.36
C ARG D 248 17.05 -21.28 -8.76
N LEU D 249 17.96 -21.11 -7.80
CA LEU D 249 19.34 -20.70 -8.04
C LEU D 249 20.26 -21.82 -7.58
N PRO D 250 20.32 -22.92 -8.32
CA PRO D 250 21.08 -24.08 -7.80
C PRO D 250 22.58 -23.92 -7.91
N LYS D 251 23.06 -23.21 -8.94
CA LYS D 251 24.49 -22.97 -9.11
C LYS D 251 24.86 -21.74 -8.28
N ARG D 252 25.47 -21.98 -7.13
CA ARG D 252 25.82 -20.91 -6.20
C ARG D 252 27.33 -20.71 -6.19
N PHE D 253 27.76 -19.47 -6.37
CA PHE D 253 29.17 -19.10 -6.34
C PHE D 253 29.42 -18.21 -5.14
N LEU D 254 30.34 -18.62 -4.28
CA LEU D 254 30.69 -17.85 -3.08
C LEU D 254 31.91 -16.99 -3.42
N VAL D 255 31.68 -15.70 -3.62
CA VAL D 255 32.76 -14.74 -3.83
C VAL D 255 33.12 -14.22 -2.45
N SER D 256 33.99 -14.96 -1.75
CA SER D 256 34.33 -14.66 -0.37
C SER D 256 35.41 -13.58 -0.32
N LEU D 257 35.79 -13.21 0.90
CA LEU D 257 36.85 -12.23 1.09
C LEU D 257 38.17 -12.78 0.57
N PRO D 258 38.99 -11.96 -0.07
CA PRO D 258 40.23 -12.45 -0.68
C PRO D 258 41.25 -12.88 0.37
N GLY D 259 42.01 -13.92 0.04
CA GLY D 259 43.11 -14.36 0.86
C GLY D 259 44.37 -13.57 0.54
N SER D 260 45.48 -14.01 1.14
CA SER D 260 46.76 -13.32 0.95
C SER D 260 47.21 -13.39 -0.51
N ASP D 261 47.08 -14.57 -1.12
CA ASP D 261 47.43 -14.70 -2.53
C ASP D 261 46.38 -14.05 -3.42
N GLN D 262 45.11 -14.10 -3.01
CA GLN D 262 44.04 -13.49 -3.80
C GLN D 262 44.14 -11.97 -3.77
N ARG D 263 44.54 -11.40 -2.62
CA ARG D 263 44.70 -9.96 -2.52
C ARG D 263 45.82 -9.45 -3.43
N TYR D 264 46.89 -10.23 -3.56
CA TYR D 264 47.98 -9.84 -4.45
C TYR D 264 47.53 -9.86 -5.90
N LYS D 265 46.72 -10.85 -6.28
CA LYS D 265 46.22 -10.92 -7.65
C LYS D 265 45.27 -9.76 -7.95
N ILE D 266 44.44 -9.39 -6.98
CA ILE D 266 43.59 -8.22 -7.15
C ILE D 266 44.43 -6.95 -7.19
N LEU D 267 45.45 -6.88 -6.33
CA LEU D 267 46.31 -5.70 -6.28
C LEU D 267 47.10 -5.52 -7.58
N SER D 268 47.57 -6.62 -8.16
CA SER D 268 48.32 -6.54 -9.40
C SER D 268 47.45 -6.06 -10.55
N VAL D 269 46.19 -6.53 -10.59
CA VAL D 269 45.27 -6.11 -11.65
C VAL D 269 44.89 -4.64 -11.48
N LEU D 270 44.65 -4.21 -10.24
CA LEU D 270 44.33 -2.82 -9.98
C LEU D 270 45.50 -1.91 -10.32
N LEU D 271 46.72 -2.36 -10.06
CA LEU D 271 47.92 -1.58 -10.33
C LEU D 271 48.46 -1.81 -11.73
N LYS D 272 47.75 -2.56 -12.57
CA LYS D 272 48.12 -2.65 -13.97
C LYS D 272 47.89 -1.30 -14.66
N ASP D 273 48.69 -1.04 -15.70
CA ASP D 273 48.73 0.25 -16.39
C ASP D 273 49.02 1.39 -15.43
N THR D 274 49.89 1.12 -14.44
CA THR D 274 50.28 2.09 -13.44
C THR D 274 51.75 1.87 -13.12
N LYS D 275 52.54 2.94 -13.13
CA LYS D 275 53.97 2.83 -12.90
C LYS D 275 54.25 2.43 -11.46
N LEU D 276 55.10 1.43 -11.29
CA LEU D 276 55.49 0.93 -9.97
C LEU D 276 57.01 0.93 -9.86
N ASP D 277 57.50 1.12 -8.64
CA ASP D 277 58.93 1.15 -8.41
C ASP D 277 59.54 -0.23 -8.64
N GLU D 278 60.68 -0.25 -9.33
CA GLU D 278 61.33 -1.53 -9.63
C GLU D 278 62.09 -2.10 -8.44
N ASP D 279 62.43 -1.27 -7.45
CA ASP D 279 63.17 -1.71 -6.28
C ASP D 279 62.41 -1.47 -4.98
N GLU D 280 61.87 -0.27 -4.79
CA GLU D 280 61.23 0.08 -3.52
C GLU D 280 59.87 -0.59 -3.37
N PHE D 281 59.12 -0.79 -4.46
CA PHE D 281 57.79 -1.34 -4.36
C PHE D 281 57.84 -2.84 -4.07
N ASP D 282 57.03 -3.28 -3.11
CA ASP D 282 56.91 -4.69 -2.75
C ASP D 282 55.42 -5.02 -2.68
N LEU D 283 54.88 -5.58 -3.75
CA LEU D 283 53.45 -5.87 -3.82
C LEU D 283 53.05 -6.97 -2.85
N GLN D 284 53.95 -7.91 -2.57
CA GLN D 284 53.63 -9.02 -1.68
C GLN D 284 53.40 -8.52 -0.26
N LEU D 285 54.23 -7.59 0.21
CA LEU D 285 54.11 -7.07 1.57
C LEU D 285 52.78 -6.37 1.78
N ILE D 286 52.35 -5.56 0.81
CA ILE D 286 51.09 -4.82 0.93
C ILE D 286 49.92 -5.78 1.02
N ALA D 287 49.99 -6.90 0.30
CA ALA D 287 48.91 -7.89 0.35
C ALA D 287 48.81 -8.56 1.72
N ASP D 288 49.93 -8.62 2.46
CA ASP D 288 49.91 -9.28 3.75
C ASP D 288 49.13 -8.47 4.79
N ASN D 289 49.38 -7.16 4.87
CA ASN D 289 48.72 -6.30 5.85
C ASN D 289 47.42 -5.72 5.33
N THR D 290 46.76 -6.39 4.39
CA THR D 290 45.41 -6.06 3.96
C THR D 290 44.45 -7.18 4.33
N LYS D 291 44.59 -7.69 5.55
CA LYS D 291 43.72 -8.76 6.02
C LYS D 291 42.30 -8.23 6.23
N GLY D 292 41.33 -8.93 5.66
CA GLY D 292 39.95 -8.47 5.69
C GLY D 292 39.60 -7.44 4.64
N PHE D 293 40.56 -7.03 3.81
CA PHE D 293 40.28 -6.07 2.75
C PHE D 293 39.55 -6.76 1.61
N SER D 294 38.44 -6.16 1.17
CA SER D 294 37.75 -6.63 -0.01
C SER D 294 38.44 -6.08 -1.25
N GLY D 295 37.94 -6.47 -2.42
CA GLY D 295 38.48 -5.93 -3.66
C GLY D 295 38.24 -4.44 -3.81
N SER D 296 37.09 -3.96 -3.31
CA SER D 296 36.82 -2.53 -3.36
C SER D 296 37.69 -1.76 -2.37
N ASP D 297 38.02 -2.38 -1.24
CA ASP D 297 38.92 -1.74 -0.28
C ASP D 297 40.32 -1.60 -0.85
N LEU D 298 40.77 -2.60 -1.62
CA LEU D 298 42.09 -2.50 -2.26
C LEU D 298 42.09 -1.45 -3.36
N LYS D 299 40.97 -1.29 -4.06
CA LYS D 299 40.88 -0.27 -5.10
C LYS D 299 41.00 1.13 -4.50
N GLU D 300 40.34 1.37 -3.36
CA GLU D 300 40.47 2.66 -2.69
C GLU D 300 41.88 2.84 -2.14
N LEU D 301 42.49 1.76 -1.63
CA LEU D 301 43.88 1.84 -1.18
C LEU D 301 44.82 2.16 -2.33
N CYS D 302 44.59 1.56 -3.50
CA CYS D 302 45.36 1.92 -4.69
C CYS D 302 45.06 3.34 -5.12
N ARG D 303 43.79 3.76 -5.01
CA ARG D 303 43.41 5.11 -5.41
C ARG D 303 44.07 6.16 -4.53
N GLU D 304 44.13 5.89 -3.21
CA GLU D 304 44.80 6.82 -2.31
C GLU D 304 46.31 6.82 -2.52
N ALA D 305 46.90 5.65 -2.74
CA ALA D 305 48.35 5.56 -2.93
C ALA D 305 48.78 6.22 -4.23
N ALA D 306 48.02 6.01 -5.31
CA ALA D 306 48.37 6.64 -6.58
C ALA D 306 48.17 8.15 -6.53
N LEU D 307 47.15 8.60 -5.81
CA LEU D 307 46.87 10.04 -5.75
C LEU D 307 47.93 10.77 -4.92
N ASP D 308 48.33 10.20 -3.79
CA ASP D 308 49.36 10.81 -2.96
C ASP D 308 50.74 10.71 -3.58
N ALA D 309 50.97 9.72 -4.45
CA ALA D 309 52.24 9.64 -5.15
C ALA D 309 52.33 10.69 -6.27
N ALA D 310 51.19 11.05 -6.86
CA ALA D 310 51.15 11.99 -7.96
C ALA D 310 50.84 13.42 -7.51
N LYS D 311 50.75 13.66 -6.20
CA LYS D 311 50.36 14.97 -5.70
C LYS D 311 51.34 16.05 -6.12
N GLU D 312 52.64 15.73 -6.13
CA GLU D 312 53.63 16.66 -6.65
C GLU D 312 53.40 16.92 -8.14
N TYR D 313 53.07 15.87 -8.89
CA TYR D 313 52.78 16.04 -10.32
C TYR D 313 51.44 16.76 -10.53
N ILE D 314 50.46 16.49 -9.67
CA ILE D 314 49.16 17.15 -9.78
C ILE D 314 49.31 18.63 -9.50
N LYS D 315 50.12 18.99 -8.50
CA LYS D 315 50.35 20.40 -8.19
C LYS D 315 51.03 21.12 -9.34
N GLN D 316 52.00 20.46 -9.99
CA GLN D 316 52.66 21.07 -11.14
C GLN D 316 51.72 21.22 -12.31
N LYS D 317 50.86 20.23 -12.55
CA LYS D 317 49.94 20.28 -13.68
C LYS D 317 48.84 21.32 -13.44
N ARG D 318 48.33 21.40 -12.21
CA ARG D 318 47.27 22.36 -11.92
C ARG D 318 47.80 23.80 -11.92
N GLN D 319 49.01 24.01 -11.41
CA GLN D 319 49.60 25.35 -11.43
C GLN D 319 49.91 25.80 -12.85
N LEU D 320 50.40 24.88 -13.70
CA LEU D 320 50.72 25.21 -15.08
C LEU D 320 49.49 25.06 -15.98
N ILE D 336 54.43 11.50 -13.08
CA ILE D 336 54.22 10.76 -11.86
C ILE D 336 55.42 9.88 -11.56
N ARG D 337 55.94 9.98 -10.34
CA ARG D 337 56.97 9.05 -9.92
C ARG D 337 56.37 7.65 -9.73
N PRO D 338 57.16 6.59 -9.95
CA PRO D 338 56.63 5.24 -9.74
C PRO D 338 56.18 5.02 -8.31
N LEU D 339 55.08 4.27 -8.15
CA LEU D 339 54.51 4.04 -6.83
C LEU D 339 55.43 3.14 -6.01
N LYS D 340 55.60 3.48 -4.74
CA LYS D 340 56.49 2.76 -3.84
C LYS D 340 55.67 2.10 -2.73
N THR D 341 56.35 1.26 -1.95
CA THR D 341 55.71 0.56 -0.85
C THR D 341 55.24 1.53 0.23
N LYS D 342 56.04 2.56 0.51
CA LYS D 342 55.69 3.52 1.56
C LYS D 342 54.43 4.29 1.24
N ASP D 343 54.09 4.43 -0.04
CA ASP D 343 52.84 5.07 -0.42
C ASP D 343 51.63 4.25 0.05
N PHE D 344 51.71 2.92 -0.07
CA PHE D 344 50.62 2.07 0.37
C PHE D 344 50.59 1.92 1.88
N THR D 345 51.76 1.79 2.52
CA THR D 345 51.82 1.55 3.95
C THR D 345 51.47 2.77 4.78
N LYS D 346 51.59 3.98 4.21
CA LYS D 346 51.16 5.17 4.94
C LYS D 346 49.65 5.24 5.10
N LYS D 347 48.91 4.50 4.27
CA LYS D 347 47.47 4.36 4.44
C LYS D 347 47.09 3.10 5.21
N LEU D 348 47.91 2.05 5.09
CA LEU D 348 47.64 0.80 5.77
C LEU D 348 47.93 0.92 7.26
N ARG D 349 47.31 0.04 8.04
CA ARG D 349 47.49 -0.01 9.48
C ARG D 349 48.25 -1.27 9.85
N MET D 350 49.35 -1.11 10.57
CA MET D 350 50.21 -2.23 10.93
C MET D 350 50.05 -2.60 12.40
N PRO E 38 -9.38 -1.67 -23.00
CA PRO E 38 -8.63 -2.75 -23.65
C PRO E 38 -8.71 -4.05 -22.88
N LEU E 39 -8.43 -5.17 -23.56
CA LEU E 39 -8.50 -6.49 -22.95
C LEU E 39 -7.13 -7.12 -22.72
N SER E 40 -6.06 -6.50 -23.23
CA SER E 40 -4.68 -6.98 -23.09
C SER E 40 -4.53 -8.40 -23.64
N GLY E 41 -5.20 -8.64 -24.76
CA GLY E 41 -5.15 -9.94 -25.40
C GLY E 41 -5.01 -9.84 -26.91
N LYS E 42 -5.02 -8.62 -27.45
CA LYS E 42 -4.98 -8.42 -28.89
C LYS E 42 -3.57 -8.26 -29.44
N SER E 43 -2.54 -8.70 -28.73
CA SER E 43 -1.18 -8.69 -29.26
C SER E 43 -1.06 -9.69 -30.42
N ARG E 44 -0.18 -9.38 -31.36
CA ARG E 44 -0.02 -10.19 -32.57
C ARG E 44 0.43 -11.60 -32.25
N GLU E 45 1.41 -11.74 -31.36
CA GLU E 45 1.84 -13.08 -30.92
C GLU E 45 0.74 -13.75 -30.11
N SER E 46 0.04 -12.97 -29.28
CA SER E 46 -1.03 -13.53 -28.44
C SER E 46 -2.19 -14.02 -29.30
N LYS E 47 -2.59 -13.22 -30.29
CA LYS E 47 -3.72 -13.61 -31.15
C LYS E 47 -3.38 -14.84 -31.97
N ALA E 48 -2.15 -14.95 -32.45
CA ALA E 48 -1.72 -16.15 -33.15
C ALA E 48 -1.65 -17.34 -32.19
N LYS E 49 -1.27 -17.09 -30.94
CA LYS E 49 -1.25 -18.15 -29.94
C LYS E 49 -2.66 -18.66 -29.65
N GLN E 50 -3.62 -17.73 -29.55
CA GLN E 50 -4.99 -18.10 -29.25
C GLN E 50 -5.60 -18.94 -30.37
N SER E 51 -5.34 -18.56 -31.62
CA SER E 51 -5.86 -19.31 -32.75
C SER E 51 -5.19 -20.69 -32.85
N LEU E 52 -3.89 -20.74 -32.57
CA LEU E 52 -3.18 -22.02 -32.59
C LEU E 52 -3.67 -22.95 -31.49
N GLN E 53 -3.91 -22.41 -30.29
CA GLN E 53 -4.39 -23.24 -29.19
C GLN E 53 -5.82 -23.73 -29.45
N TRP E 54 -6.66 -22.88 -30.04
CA TRP E 54 -8.03 -23.28 -30.34
C TRP E 54 -8.08 -24.33 -31.43
N GLU E 55 -7.14 -24.26 -32.38
CA GLU E 55 -7.05 -25.29 -33.42
C GLU E 55 -6.68 -26.64 -32.82
N LYS E 56 -5.76 -26.65 -31.86
CA LYS E 56 -5.38 -27.90 -31.20
C LYS E 56 -6.50 -28.44 -30.32
N LEU E 57 -7.25 -27.55 -29.68
CA LEU E 57 -8.36 -27.99 -28.83
C LEU E 57 -9.47 -28.63 -29.64
N VAL E 58 -9.79 -28.06 -30.81
CA VAL E 58 -10.78 -28.66 -31.68
C VAL E 58 -10.27 -29.97 -32.25
N LYS E 59 -8.97 -30.03 -32.56
CA LYS E 59 -8.37 -31.26 -33.07
C LYS E 59 -8.43 -32.38 -32.04
N ARG E 60 -8.15 -32.06 -30.77
CA ARG E 60 -8.22 -33.06 -29.72
C ARG E 60 -9.66 -33.46 -29.43
N SER E 61 -10.54 -32.48 -29.29
CA SER E 61 -11.96 -32.72 -29.00
C SER E 61 -12.81 -32.16 -30.14
N PRO E 62 -13.34 -33.02 -31.02
CA PRO E 62 -14.17 -32.51 -32.13
C PRO E 62 -15.44 -31.81 -31.69
N ALA E 63 -15.96 -32.13 -30.50
CA ALA E 63 -17.17 -31.48 -30.00
C ALA E 63 -16.94 -30.02 -29.63
N LEU E 64 -15.69 -29.58 -29.50
CA LEU E 64 -15.40 -28.19 -29.16
C LEU E 64 -15.70 -27.23 -30.30
N ALA E 65 -15.90 -27.72 -31.51
CA ALA E 65 -16.32 -26.87 -32.61
C ALA E 65 -17.76 -26.41 -32.41
N GLU E 66 -18.13 -25.35 -33.14
CA GLU E 66 -19.45 -24.73 -33.19
C GLU E 66 -19.77 -23.96 -31.90
N VAL E 67 -18.93 -24.05 -30.88
CA VAL E 67 -19.16 -23.30 -29.65
C VAL E 67 -18.71 -21.86 -29.87
N THR E 68 -19.26 -20.94 -29.09
CA THR E 68 -19.01 -19.52 -29.24
C THR E 68 -18.16 -19.03 -28.08
N LEU E 69 -17.05 -18.38 -28.40
CA LEU E 69 -16.15 -17.81 -27.42
C LEU E 69 -16.18 -16.29 -27.53
N ASP E 70 -16.45 -15.62 -26.42
CA ASP E 70 -16.46 -14.17 -26.39
C ASP E 70 -15.03 -13.65 -26.35
N ALA E 71 -14.88 -12.32 -26.36
CA ALA E 71 -13.57 -11.70 -26.43
C ALA E 71 -12.73 -12.02 -25.19
N TYR E 72 -13.36 -12.02 -24.02
CA TYR E 72 -12.64 -12.28 -22.78
C TYR E 72 -12.21 -13.74 -22.70
N GLU E 73 -13.06 -14.65 -23.17
CA GLU E 73 -12.72 -16.07 -23.14
C GLU E 73 -11.63 -16.40 -24.15
N ARG E 74 -11.52 -15.61 -25.22
N ARG E 74 -11.52 -15.62 -25.22
CA ARG E 74 -10.47 -15.85 -26.21
CA ARG E 74 -10.47 -15.85 -26.21
C ARG E 74 -9.09 -15.56 -25.63
C ARG E 74 -9.09 -15.56 -25.62
N THR E 75 -8.99 -14.59 -24.73
CA THR E 75 -7.69 -14.27 -24.13
C THR E 75 -7.22 -15.38 -23.21
N ILE E 76 -8.15 -16.12 -22.61
CA ILE E 76 -7.79 -17.24 -21.74
C ILE E 76 -7.21 -18.39 -22.57
N LEU E 77 -7.54 -18.45 -23.86
CA LEU E 77 -7.04 -19.51 -24.73
C LEU E 77 -5.53 -19.48 -24.88
N SER E 78 -4.89 -18.32 -24.67
CA SER E 78 -3.45 -18.25 -24.70
C SER E 78 -2.81 -18.95 -23.51
N SER E 79 -3.58 -19.21 -22.45
CA SER E 79 -3.10 -19.95 -21.29
C SER E 79 -3.36 -21.45 -21.41
N ILE E 80 -3.93 -21.90 -22.52
CA ILE E 80 -4.20 -23.32 -22.71
C ILE E 80 -2.90 -24.06 -22.95
N VAL E 81 -2.68 -25.13 -22.21
CA VAL E 81 -1.49 -25.96 -22.34
C VAL E 81 -1.91 -27.30 -22.92
N THR E 82 -1.45 -27.56 -24.15
CA THR E 82 -1.68 -28.82 -24.83
C THR E 82 -0.59 -29.82 -24.44
N PRO E 83 -0.88 -31.13 -24.53
CA PRO E 83 0.11 -32.13 -24.11
C PRO E 83 1.40 -32.12 -24.92
N ASP E 84 1.40 -31.59 -26.15
CA ASP E 84 2.63 -31.52 -26.92
C ASP E 84 3.61 -30.51 -26.36
N GLU E 85 3.12 -29.48 -25.65
CA GLU E 85 4.03 -28.52 -25.03
C GLU E 85 4.82 -29.15 -23.89
N ILE E 86 4.16 -29.95 -23.07
CA ILE E 86 4.81 -30.56 -21.91
C ILE E 86 5.53 -31.82 -22.35
N ASN E 87 6.83 -31.90 -22.05
CA ASN E 87 7.65 -33.05 -22.38
C ASN E 87 7.79 -34.02 -21.22
N ILE E 88 7.14 -33.73 -20.08
CA ILE E 88 7.36 -34.45 -18.84
C ILE E 88 6.19 -35.40 -18.62
N THR E 89 6.51 -36.67 -18.35
CA THR E 89 5.55 -37.74 -18.16
C THR E 89 5.49 -38.11 -16.69
N PHE E 90 4.43 -38.83 -16.29
CA PHE E 90 4.34 -39.35 -14.92
C PHE E 90 5.49 -40.31 -14.60
N GLN E 91 6.03 -40.98 -15.62
CA GLN E 91 7.18 -41.86 -15.41
C GLN E 91 8.46 -41.09 -15.15
N ASP E 92 8.48 -39.78 -15.41
CA ASP E 92 9.64 -38.94 -15.15
C ASP E 92 9.66 -38.39 -13.72
N ILE E 93 8.67 -38.75 -12.90
CA ILE E 93 8.61 -38.33 -11.50
C ILE E 93 8.85 -39.56 -10.64
N GLY E 94 9.93 -39.54 -9.87
CA GLY E 94 10.27 -40.63 -8.98
C GLY E 94 9.94 -40.31 -7.54
N GLY E 95 9.80 -41.38 -6.74
CA GLY E 95 9.61 -41.25 -5.31
C GLY E 95 8.22 -40.88 -4.87
N LEU E 96 7.31 -40.55 -5.80
CA LEU E 96 5.95 -40.15 -5.46
C LEU E 96 4.92 -41.14 -6.00
N ASP E 97 5.32 -42.41 -6.16
CA ASP E 97 4.41 -43.42 -6.69
C ASP E 97 3.14 -43.63 -5.87
N PRO E 98 3.16 -43.67 -4.52
CA PRO E 98 1.88 -43.65 -3.79
C PRO E 98 1.07 -42.38 -4.04
N LEU E 99 1.75 -41.24 -4.20
CA LEU E 99 1.04 -40.00 -4.46
C LEU E 99 0.51 -39.96 -5.90
N ILE E 100 1.30 -40.44 -6.86
CA ILE E 100 0.86 -40.48 -8.25
C ILE E 100 -0.33 -41.41 -8.39
N SER E 101 -0.29 -42.57 -7.72
CA SER E 101 -1.45 -43.47 -7.72
C SER E 101 -2.65 -42.82 -7.05
N ASP E 102 -2.43 -42.13 -5.92
CA ASP E 102 -3.53 -41.43 -5.26
C ASP E 102 -4.05 -40.28 -6.12
N LEU E 103 -3.17 -39.67 -6.91
CA LEU E 103 -3.60 -38.65 -7.86
C LEU E 103 -4.46 -39.24 -8.96
N HIS E 104 -4.13 -40.44 -9.42
CA HIS E 104 -4.87 -41.05 -10.51
C HIS E 104 -6.25 -41.51 -10.07
N GLU E 105 -6.31 -42.28 -8.98
CA GLU E 105 -7.57 -42.89 -8.58
C GLU E 105 -8.56 -41.90 -8.00
N SER E 106 -8.10 -40.82 -7.38
CA SER E 106 -8.97 -39.89 -6.69
C SER E 106 -9.18 -38.57 -7.42
N VAL E 107 -8.37 -38.26 -8.41
CA VAL E 107 -8.45 -36.97 -9.09
C VAL E 107 -8.61 -37.14 -10.59
N ILE E 108 -7.69 -37.88 -11.21
CA ILE E 108 -7.67 -37.98 -12.67
C ILE E 108 -8.81 -38.86 -13.17
N TYR E 109 -8.90 -40.09 -12.65
CA TYR E 109 -9.93 -41.01 -13.10
C TYR E 109 -11.36 -40.57 -12.79
N PRO E 110 -11.71 -40.04 -11.60
CA PRO E 110 -13.07 -39.54 -11.41
C PRO E 110 -13.44 -38.39 -12.33
N LEU E 111 -12.46 -37.61 -12.77
CA LEU E 111 -12.71 -36.47 -13.65
C LEU E 111 -12.83 -36.90 -15.11
N MET E 112 -11.90 -37.72 -15.60
CA MET E 112 -11.89 -38.08 -17.01
C MET E 112 -12.73 -39.31 -17.33
N MET E 113 -13.14 -40.10 -16.34
CA MET E 113 -13.98 -41.26 -16.54
C MET E 113 -15.19 -41.17 -15.61
N PRO E 114 -16.13 -40.27 -15.91
CA PRO E 114 -17.32 -40.14 -15.03
C PRO E 114 -18.27 -41.31 -15.15
N GLU E 115 -18.26 -42.04 -16.27
CA GLU E 115 -19.16 -43.17 -16.44
C GLU E 115 -18.80 -44.33 -15.50
N VAL E 116 -17.51 -44.48 -15.19
CA VAL E 116 -17.12 -45.47 -14.19
C VAL E 116 -17.58 -45.05 -12.80
N TYR E 117 -17.55 -43.76 -12.53
CA TYR E 117 -17.85 -43.21 -11.21
C TYR E 117 -19.27 -42.66 -11.11
N SER E 118 -20.16 -43.06 -12.01
CA SER E 118 -21.52 -42.55 -12.03
C SER E 118 -22.51 -43.35 -11.19
N ASN E 119 -22.08 -44.49 -10.64
CA ASN E 119 -22.99 -45.33 -9.88
C ASN E 119 -23.36 -44.69 -8.54
N SER E 120 -22.45 -43.93 -7.95
CA SER E 120 -22.71 -43.26 -6.69
C SER E 120 -22.47 -41.76 -6.83
N PRO E 121 -23.29 -40.92 -6.19
CA PRO E 121 -23.12 -39.47 -6.33
C PRO E 121 -21.94 -38.91 -5.55
N LEU E 122 -21.29 -39.70 -4.72
CA LEU E 122 -20.14 -39.25 -3.95
C LEU E 122 -18.82 -39.62 -4.61
N LEU E 123 -18.86 -40.13 -5.84
CA LEU E 123 -17.67 -40.54 -6.57
C LEU E 123 -17.17 -39.45 -7.51
N GLN E 124 -17.58 -38.21 -7.30
CA GLN E 124 -17.22 -37.13 -8.21
C GLN E 124 -15.79 -36.68 -8.00
N ALA E 125 -15.26 -35.99 -9.00
CA ALA E 125 -13.93 -35.41 -8.91
C ALA E 125 -13.94 -34.25 -7.92
N PRO E 126 -12.80 -33.96 -7.28
CA PRO E 126 -12.75 -32.81 -6.36
C PRO E 126 -12.91 -31.50 -7.10
N SER E 127 -13.53 -30.53 -6.43
CA SER E 127 -13.63 -29.20 -6.99
C SER E 127 -12.29 -28.48 -6.99
N GLY E 128 -11.37 -28.88 -6.13
CA GLY E 128 -10.05 -28.29 -6.10
C GLY E 128 -9.03 -29.29 -5.60
N VAL E 129 -7.80 -29.16 -6.11
CA VAL E 129 -6.68 -30.01 -5.71
C VAL E 129 -5.51 -29.11 -5.39
N LEU E 130 -4.91 -29.31 -4.21
CA LEU E 130 -3.75 -28.53 -3.80
C LEU E 130 -2.55 -29.47 -3.67
N LEU E 131 -1.49 -29.15 -4.40
CA LEU E 131 -0.22 -29.88 -4.31
C LEU E 131 0.75 -28.99 -3.55
N TYR E 132 0.74 -29.12 -2.23
CA TYR E 132 1.57 -28.30 -1.36
C TYR E 132 2.74 -29.11 -0.81
N GLY E 133 3.71 -28.40 -0.26
CA GLY E 133 4.89 -29.02 0.30
C GLY E 133 6.10 -28.11 0.21
N PRO E 134 7.25 -28.61 0.68
CA PRO E 134 8.48 -27.84 0.53
C PRO E 134 8.86 -27.69 -0.93
N PRO E 135 9.53 -26.59 -1.30
CA PRO E 135 9.85 -26.37 -2.70
C PRO E 135 10.85 -27.38 -3.25
N GLY E 136 10.73 -27.63 -4.55
CA GLY E 136 11.65 -28.51 -5.24
C GLY E 136 11.39 -29.98 -5.06
N CYS E 137 10.18 -30.36 -4.64
CA CYS E 137 9.87 -31.76 -4.37
C CYS E 137 9.03 -32.41 -5.46
N GLY E 138 8.48 -31.64 -6.40
CA GLY E 138 7.81 -32.23 -7.54
C GLY E 138 6.35 -31.89 -7.69
N LYS E 139 5.92 -30.74 -7.17
CA LYS E 139 4.53 -30.32 -7.35
C LYS E 139 4.28 -29.89 -8.79
N THR E 140 5.20 -29.13 -9.38
CA THR E 140 5.10 -28.77 -10.79
C THR E 140 5.35 -29.97 -11.68
N MET E 141 6.19 -30.91 -11.23
CA MET E 141 6.37 -32.18 -11.94
C MET E 141 5.06 -32.93 -12.08
N LEU E 142 4.28 -32.98 -10.99
CA LEU E 142 2.95 -33.58 -11.05
C LEU E 142 2.02 -32.77 -11.94
N ALA E 143 2.13 -31.44 -11.88
CA ALA E 143 1.28 -30.59 -12.71
C ALA E 143 1.64 -30.72 -14.18
N LYS E 144 2.93 -30.88 -14.49
CA LYS E 144 3.33 -31.11 -15.88
C LYS E 144 2.77 -32.42 -16.40
N ALA E 145 2.86 -33.48 -15.59
CA ALA E 145 2.32 -34.77 -16.01
C ALA E 145 0.80 -34.74 -16.07
N LEU E 146 0.16 -33.94 -15.22
CA LEU E 146 -1.28 -33.75 -15.33
C LEU E 146 -1.66 -33.07 -16.63
N ALA E 147 -0.86 -32.11 -17.09
CA ALA E 147 -1.10 -31.49 -18.38
C ALA E 147 -0.90 -32.48 -19.53
N LYS E 148 0.13 -33.32 -19.45
CA LYS E 148 0.44 -34.24 -20.53
C LYS E 148 -0.42 -35.51 -20.45
N GLU E 149 -0.29 -36.26 -19.35
CA GLU E 149 -0.90 -37.58 -19.25
C GLU E 149 -2.30 -37.51 -18.64
N SER E 150 -3.14 -36.65 -19.21
CA SER E 150 -4.56 -36.59 -18.87
C SER E 150 -5.28 -35.91 -20.01
N GLY E 151 -6.47 -36.38 -20.33
CA GLY E 151 -7.22 -35.80 -21.43
C GLY E 151 -7.89 -34.48 -21.11
N ALA E 152 -7.79 -34.03 -19.86
CA ALA E 152 -8.39 -32.76 -19.48
C ALA E 152 -7.67 -31.60 -20.15
N ASN E 153 -8.45 -30.64 -20.63
CA ASN E 153 -7.86 -29.41 -21.16
C ASN E 153 -7.23 -28.63 -20.01
N PHE E 154 -6.00 -28.20 -20.21
CA PHE E 154 -5.19 -27.61 -19.15
C PHE E 154 -5.15 -26.10 -19.34
N ILE E 155 -5.63 -25.36 -18.34
CA ILE E 155 -5.48 -23.91 -18.33
C ILE E 155 -4.48 -23.55 -17.24
N SER E 156 -3.19 -23.48 -17.61
CA SER E 156 -2.15 -23.05 -16.69
C SER E 156 -2.08 -21.53 -16.71
N ILE E 157 -3.10 -20.92 -16.12
CA ILE E 157 -3.22 -19.46 -16.13
C ILE E 157 -2.18 -18.85 -15.19
N ARG E 158 -1.42 -17.90 -15.71
CA ARG E 158 -0.51 -17.12 -14.89
C ARG E 158 -1.21 -15.84 -14.46
N MET E 159 -0.64 -15.19 -13.47
CA MET E 159 -1.32 -14.07 -12.86
C MET E 159 -1.21 -12.79 -13.68
N SER E 160 -0.23 -12.73 -14.60
CA SER E 160 -0.14 -11.58 -15.50
C SER E 160 -1.32 -11.53 -16.45
N SER E 161 -1.92 -12.68 -16.76
CA SER E 161 -3.09 -12.71 -17.62
C SER E 161 -4.36 -12.26 -16.90
N ILE E 162 -4.42 -12.47 -15.58
CA ILE E 162 -5.65 -12.15 -14.85
C ILE E 162 -5.70 -10.67 -14.48
N MET E 163 -4.70 -10.19 -13.75
CA MET E 163 -4.72 -8.81 -13.28
C MET E 163 -4.47 -7.84 -14.43
N ASP E 164 -5.30 -6.80 -14.51
CA ASP E 164 -5.21 -5.80 -15.55
C ASP E 164 -5.35 -4.42 -14.93
N LYS E 165 -4.73 -3.43 -15.59
CA LYS E 165 -4.78 -2.06 -15.08
C LYS E 165 -6.15 -1.44 -15.20
N TRP E 166 -7.00 -1.95 -16.09
CA TRP E 166 -8.32 -1.36 -16.29
C TRP E 166 -9.29 -1.86 -15.23
N TYR E 167 -10.30 -1.03 -14.94
CA TYR E 167 -11.23 -1.33 -13.87
C TYR E 167 -12.14 -2.49 -14.25
N GLY E 168 -12.24 -3.48 -13.37
CA GLY E 168 -13.13 -4.60 -13.59
C GLY E 168 -12.69 -5.57 -14.65
N GLU E 169 -11.50 -5.40 -15.22
CA GLU E 169 -11.03 -6.31 -16.24
C GLU E 169 -10.61 -7.65 -15.66
N SER E 170 -10.06 -7.66 -14.45
CA SER E 170 -9.63 -8.91 -13.83
C SER E 170 -10.82 -9.78 -13.46
N ASN E 171 -11.92 -9.16 -13.02
CA ASN E 171 -13.12 -9.92 -12.67
C ASN E 171 -13.72 -10.61 -13.89
N LYS E 172 -13.74 -9.91 -15.03
CA LYS E 172 -14.29 -10.51 -16.25
C LYS E 172 -13.35 -11.57 -16.81
N ILE E 173 -12.05 -11.43 -16.59
CA ILE E 173 -11.09 -12.43 -17.06
C ILE E 173 -11.28 -13.75 -16.30
N VAL E 174 -11.42 -13.67 -14.97
CA VAL E 174 -11.68 -14.86 -14.17
C VAL E 174 -13.04 -15.44 -14.52
N ASP E 175 -14.05 -14.59 -14.73
CA ASP E 175 -15.35 -15.07 -15.18
C ASP E 175 -15.23 -15.77 -16.54
N ALA E 176 -14.39 -15.26 -17.42
CA ALA E 176 -14.14 -15.91 -18.69
C ALA E 176 -13.33 -17.19 -18.52
N MET E 177 -12.40 -17.21 -17.57
CA MET E 177 -11.59 -18.40 -17.32
C MET E 177 -12.47 -19.55 -16.83
N PHE E 178 -13.44 -19.25 -15.98
CA PHE E 178 -14.39 -20.27 -15.55
C PHE E 178 -15.37 -20.60 -16.67
N SER E 179 -15.74 -19.61 -17.48
CA SER E 179 -16.65 -19.87 -18.59
C SER E 179 -15.99 -20.75 -19.64
N LEU E 180 -14.74 -20.45 -19.99
CA LEU E 180 -14.02 -21.27 -20.97
C LEU E 180 -13.81 -22.68 -20.46
N ALA E 181 -13.49 -22.83 -19.18
CA ALA E 181 -13.29 -24.15 -18.61
C ALA E 181 -14.58 -24.96 -18.60
N ASN E 182 -15.73 -24.28 -18.62
CA ASN E 182 -17.00 -24.99 -18.73
C ASN E 182 -17.28 -25.45 -20.15
N LYS E 183 -16.82 -24.70 -21.16
CA LYS E 183 -16.99 -25.13 -22.54
C LYS E 183 -16.16 -26.38 -22.82
N LEU E 184 -14.88 -26.34 -22.47
CA LEU E 184 -14.01 -27.51 -22.54
C LEU E 184 -14.29 -28.33 -21.29
N GLN E 185 -15.29 -29.21 -21.36
CA GLN E 185 -15.94 -29.73 -20.15
C GLN E 185 -14.98 -30.46 -19.22
N PRO E 186 -14.13 -31.42 -19.67
CA PRO E 186 -13.06 -31.85 -18.77
C PRO E 186 -11.91 -30.86 -18.77
N CYS E 187 -11.80 -30.06 -17.72
CA CYS E 187 -10.82 -28.98 -17.70
C CYS E 187 -10.10 -28.94 -16.36
N ILE E 188 -8.87 -28.45 -16.40
CA ILE E 188 -8.08 -28.20 -15.20
C ILE E 188 -7.55 -26.78 -15.27
N ILE E 189 -7.92 -25.95 -14.30
CA ILE E 189 -7.39 -24.60 -14.18
C ILE E 189 -6.25 -24.66 -13.17
N PHE E 190 -5.02 -24.63 -13.66
CA PHE E 190 -3.85 -24.74 -12.80
C PHE E 190 -3.27 -23.36 -12.55
N ILE E 191 -3.08 -23.03 -11.27
CA ILE E 191 -2.46 -21.77 -10.86
C ILE E 191 -1.24 -22.14 -10.02
N ASP E 192 -0.06 -22.04 -10.61
CA ASP E 192 1.17 -22.27 -9.86
C ASP E 192 1.42 -21.12 -8.90
N GLN E 193 1.98 -21.45 -7.73
CA GLN E 193 2.17 -20.53 -6.62
C GLN E 193 0.84 -19.85 -6.26
N ILE E 194 -0.12 -20.69 -5.90
CA ILE E 194 -1.49 -20.25 -5.67
C ILE E 194 -1.66 -19.49 -4.36
N ASP E 195 -0.63 -19.48 -3.50
CA ASP E 195 -0.72 -18.76 -2.24
C ASP E 195 -0.79 -17.25 -2.42
N SER E 196 -0.37 -16.73 -3.57
CA SER E 196 -0.47 -15.30 -3.83
C SER E 196 -1.85 -14.93 -4.33
N PHE E 197 -2.43 -15.75 -5.22
CA PHE E 197 -3.79 -15.51 -5.69
C PHE E 197 -4.80 -15.69 -4.57
N LEU E 198 -4.70 -16.80 -3.84
CA LEU E 198 -5.65 -17.14 -2.79
C LEU E 198 -5.14 -16.78 -1.41
N ARG E 199 -4.41 -15.66 -1.31
CA ARG E 199 -3.86 -15.23 -0.03
C ARG E 199 -4.99 -14.87 0.94
N GLU E 200 -4.65 -14.89 2.23
CA GLU E 200 -5.62 -14.58 3.27
C GLU E 200 -6.12 -13.15 3.11
N ARG E 201 -7.44 -13.02 2.96
CA ARG E 201 -8.04 -11.71 2.70
C ARG E 201 -7.89 -10.80 3.91
N SER E 202 -7.63 -9.53 3.64
CA SER E 202 -7.44 -8.54 4.68
C SER E 202 -7.99 -7.20 4.20
N SER E 203 -8.13 -6.26 5.15
CA SER E 203 -8.57 -4.92 4.79
C SER E 203 -7.51 -4.14 4.02
N THR E 204 -6.25 -4.58 4.08
CA THR E 204 -5.18 -3.93 3.34
C THR E 204 -5.15 -4.35 1.88
N ASP E 205 -5.96 -5.33 1.48
CA ASP E 205 -6.00 -5.77 0.09
C ASP E 205 -6.62 -4.69 -0.78
N HIS E 206 -6.14 -4.60 -2.02
CA HIS E 206 -6.71 -3.69 -2.99
C HIS E 206 -8.12 -4.14 -3.36
N GLU E 207 -8.95 -3.16 -3.75
CA GLU E 207 -10.34 -3.47 -4.08
C GLU E 207 -10.45 -4.38 -5.29
N VAL E 208 -9.58 -4.19 -6.28
CA VAL E 208 -9.68 -5.00 -7.50
C VAL E 208 -9.38 -6.46 -7.20
N THR E 209 -8.41 -6.74 -6.30
CA THR E 209 -8.12 -8.11 -5.93
C THR E 209 -9.16 -8.67 -4.96
N ALA E 210 -9.67 -7.84 -4.06
CA ALA E 210 -10.71 -8.29 -3.15
C ALA E 210 -11.95 -8.74 -3.91
N THR E 211 -12.32 -7.99 -4.95
CA THR E 211 -13.36 -8.44 -5.85
C THR E 211 -12.88 -9.61 -6.72
N LEU E 212 -11.58 -9.63 -7.06
CA LEU E 212 -11.05 -10.73 -7.87
C LEU E 212 -11.08 -12.04 -7.10
N LYS E 213 -10.67 -12.01 -5.84
CA LYS E 213 -10.76 -13.21 -5.00
C LYS E 213 -12.20 -13.61 -4.75
N ALA E 214 -13.09 -12.62 -4.57
CA ALA E 214 -14.51 -12.92 -4.38
C ALA E 214 -15.12 -13.49 -5.66
N GLU E 215 -14.74 -12.95 -6.82
CA GLU E 215 -15.21 -13.50 -8.08
C GLU E 215 -14.70 -14.92 -8.30
N PHE E 216 -13.43 -15.17 -7.96
CA PHE E 216 -12.89 -16.52 -8.05
C PHE E 216 -13.58 -17.45 -7.07
N MET E 217 -13.88 -16.96 -5.86
CA MET E 217 -14.57 -17.76 -4.86
C MET E 217 -15.99 -18.10 -5.30
N THR E 218 -16.70 -17.12 -5.86
CA THR E 218 -18.08 -17.33 -6.26
C THR E 218 -18.18 -18.35 -7.39
N LEU E 219 -17.30 -18.26 -8.38
CA LEU E 219 -17.35 -19.18 -9.51
C LEU E 219 -16.82 -20.56 -9.15
N TRP E 220 -15.91 -20.63 -8.17
CA TRP E 220 -15.38 -21.92 -7.73
C TRP E 220 -16.45 -22.76 -7.07
N ASP E 221 -17.19 -22.17 -6.13
CA ASP E 221 -18.27 -22.86 -5.44
C ASP E 221 -19.33 -21.82 -5.10
N GLY E 222 -20.32 -21.69 -5.97
CA GLY E 222 -21.39 -20.73 -5.78
C GLY E 222 -22.74 -21.27 -6.20
N LEU E 223 -23.62 -20.39 -6.68
CA LEU E 223 -24.92 -20.84 -7.15
C LEU E 223 -24.79 -21.62 -8.44
N LEU E 224 -24.18 -21.03 -9.46
CA LEU E 224 -23.99 -21.72 -10.73
C LEU E 224 -22.89 -22.77 -10.57
N ASN E 225 -23.30 -24.00 -10.27
CA ASN E 225 -22.35 -25.07 -10.02
C ASN E 225 -21.65 -25.46 -11.31
N ASN E 226 -20.32 -25.52 -11.27
CA ASN E 226 -19.52 -25.80 -12.44
C ASN E 226 -19.66 -27.27 -12.85
N GLY E 227 -19.18 -27.57 -14.05
CA GLY E 227 -19.26 -28.92 -14.55
C GLY E 227 -18.07 -29.74 -14.07
N ARG E 228 -17.28 -30.26 -15.00
CA ARG E 228 -16.07 -30.98 -14.66
C ARG E 228 -14.85 -30.07 -14.58
N VAL E 229 -15.05 -28.81 -14.19
CA VAL E 229 -13.96 -27.88 -13.97
C VAL E 229 -13.33 -28.18 -12.62
N MET E 230 -12.01 -28.36 -12.62
CA MET E 230 -11.25 -28.57 -11.39
C MET E 230 -10.09 -27.59 -11.36
N ILE E 231 -9.91 -26.91 -10.24
CA ILE E 231 -8.83 -25.95 -10.08
C ILE E 231 -7.73 -26.62 -9.28
N ILE E 232 -6.56 -26.78 -9.89
CA ILE E 232 -5.42 -27.43 -9.26
C ILE E 232 -4.40 -26.36 -8.90
N GLY E 233 -3.90 -26.42 -7.67
CA GLY E 233 -2.93 -25.46 -7.21
C GLY E 233 -1.69 -26.12 -6.65
N ALA E 234 -0.57 -25.43 -6.79
CA ALA E 234 0.70 -25.84 -6.21
C ALA E 234 1.26 -24.66 -5.44
N THR E 235 1.78 -24.93 -4.24
CA THR E 235 2.30 -23.85 -3.40
C THR E 235 3.30 -24.42 -2.41
N ASN E 236 4.17 -23.53 -1.91
CA ASN E 236 5.05 -23.83 -0.80
C ASN E 236 4.53 -23.30 0.52
N ARG E 237 3.57 -22.38 0.50
CA ARG E 237 3.01 -21.76 1.69
C ARG E 237 1.51 -22.07 1.72
N ILE E 238 1.15 -23.22 2.27
CA ILE E 238 -0.26 -23.58 2.37
C ILE E 238 -0.97 -22.69 3.39
N ASN E 239 -0.27 -22.30 4.47
CA ASN E 239 -0.88 -21.47 5.49
C ASN E 239 -1.16 -20.06 5.01
N ASP E 240 -0.53 -19.63 3.91
CA ASP E 240 -0.85 -18.33 3.33
C ASP E 240 -2.18 -18.34 2.60
N ILE E 241 -2.67 -19.52 2.21
CA ILE E 241 -3.94 -19.61 1.51
C ILE E 241 -5.09 -19.32 2.47
N ASP E 242 -6.09 -18.58 1.99
CA ASP E 242 -7.24 -18.23 2.79
C ASP E 242 -8.03 -19.48 3.18
N ASP E 243 -8.73 -19.38 4.32
CA ASP E 243 -9.52 -20.51 4.81
C ASP E 243 -10.65 -20.84 3.84
N ALA E 244 -11.30 -19.81 3.29
CA ALA E 244 -12.37 -20.03 2.33
C ALA E 244 -11.84 -20.60 1.02
N PHE E 245 -10.58 -20.29 0.68
CA PHE E 245 -9.98 -20.87 -0.50
C PHE E 245 -9.41 -22.26 -0.23
N LEU E 246 -8.98 -22.52 1.00
CA LEU E 246 -8.50 -23.86 1.35
C LEU E 246 -9.65 -24.86 1.36
N ARG E 247 -10.84 -24.44 1.77
CA ARG E 247 -12.01 -25.30 1.70
C ARG E 247 -12.43 -25.57 0.26
N ARG E 248 -12.06 -24.71 -0.68
CA ARG E 248 -12.33 -24.94 -2.09
C ARG E 248 -11.29 -25.85 -2.73
N LEU E 249 -10.24 -26.20 -2.00
CA LEU E 249 -9.27 -27.21 -2.40
C LEU E 249 -9.37 -28.37 -1.43
N PRO E 250 -10.42 -29.20 -1.52
CA PRO E 250 -10.60 -30.24 -0.50
C PRO E 250 -9.57 -31.36 -0.60
N LYS E 251 -9.22 -31.76 -1.82
CA LYS E 251 -8.16 -32.75 -2.01
C LYS E 251 -6.81 -32.06 -1.92
N ARG E 252 -5.96 -32.52 -1.00
CA ARG E 252 -4.66 -31.91 -0.76
C ARG E 252 -3.60 -33.00 -0.77
N PHE E 253 -2.58 -32.82 -1.61
CA PHE E 253 -1.47 -33.74 -1.71
C PHE E 253 -0.22 -33.07 -1.16
N LEU E 254 0.36 -33.65 -0.11
CA LEU E 254 1.58 -33.13 0.49
C LEU E 254 2.78 -33.77 -0.21
N VAL E 255 3.46 -32.98 -1.03
CA VAL E 255 4.69 -33.43 -1.69
C VAL E 255 5.83 -33.01 -0.75
N SER E 256 6.13 -33.88 0.21
CA SER E 256 7.10 -33.55 1.25
C SER E 256 8.52 -33.80 0.75
N LEU E 257 9.48 -33.56 1.64
CA LEU E 257 10.87 -33.83 1.31
C LEU E 257 11.09 -35.33 1.13
N PRO E 258 11.90 -35.74 0.16
CA PRO E 258 12.08 -37.17 -0.11
C PRO E 258 12.80 -37.88 1.02
N GLY E 259 12.39 -39.13 1.24
CA GLY E 259 13.09 -40.00 2.16
C GLY E 259 14.26 -40.69 1.49
N SER E 260 14.89 -41.61 2.23
CA SER E 260 16.03 -42.33 1.71
C SER E 260 15.65 -43.20 0.52
N ASP E 261 14.49 -43.86 0.59
CA ASP E 261 14.01 -44.64 -0.56
C ASP E 261 13.52 -43.72 -1.67
N GLN E 262 12.89 -42.60 -1.31
CA GLN E 262 12.42 -41.65 -2.31
C GLN E 262 13.58 -40.98 -3.03
N ARG E 263 14.65 -40.65 -2.30
CA ARG E 263 15.81 -40.03 -2.92
C ARG E 263 16.47 -40.98 -3.93
N TYR E 264 16.51 -42.27 -3.61
CA TYR E 264 17.08 -43.25 -4.55
C TYR E 264 16.22 -43.33 -5.81
N LYS E 265 14.90 -43.30 -5.65
CA LYS E 265 14.02 -43.34 -6.82
C LYS E 265 14.14 -42.09 -7.67
N ILE E 266 14.26 -40.93 -7.03
CA ILE E 266 14.42 -39.67 -7.77
C ILE E 266 15.77 -39.65 -8.48
N LEU E 267 16.82 -40.10 -7.80
CA LEU E 267 18.15 -40.15 -8.42
C LEU E 267 18.17 -41.11 -9.60
N SER E 268 17.48 -42.25 -9.48
CA SER E 268 17.42 -43.21 -10.58
C SER E 268 16.69 -42.63 -11.79
N VAL E 269 15.63 -41.86 -11.55
CA VAL E 269 14.90 -41.24 -12.66
C VAL E 269 15.73 -40.13 -13.28
N LEU E 270 16.39 -39.32 -12.45
CA LEU E 270 17.22 -38.24 -12.98
C LEU E 270 18.41 -38.77 -13.77
N LEU E 271 18.99 -39.88 -13.33
CA LEU E 271 20.15 -40.48 -13.98
C LEU E 271 19.77 -41.42 -15.11
N LYS E 272 18.51 -41.43 -15.53
CA LYS E 272 18.13 -42.19 -16.72
C LYS E 272 18.70 -41.52 -17.97
N ASP E 273 18.91 -42.33 -19.01
CA ASP E 273 19.56 -41.90 -20.25
C ASP E 273 20.96 -41.33 -19.96
N THR E 274 21.61 -41.84 -18.93
CA THR E 274 22.94 -41.40 -18.53
C THR E 274 23.75 -42.62 -18.15
N LYS E 275 24.94 -42.76 -18.71
CA LYS E 275 25.78 -43.93 -18.47
C LYS E 275 26.37 -43.88 -17.07
N LEU E 276 26.05 -44.89 -16.26
CA LEU E 276 26.60 -45.04 -14.93
C LEU E 276 27.51 -46.25 -14.90
N ASP E 277 28.54 -46.18 -14.06
CA ASP E 277 29.50 -47.27 -13.97
C ASP E 277 28.85 -48.48 -13.29
N GLU E 278 29.20 -49.68 -13.76
CA GLU E 278 28.52 -50.89 -13.32
C GLU E 278 28.94 -51.31 -11.92
N ASP E 279 30.16 -51.00 -11.49
CA ASP E 279 30.68 -51.47 -10.21
C ASP E 279 30.97 -50.36 -9.22
N GLU E 280 31.66 -49.30 -9.66
CA GLU E 280 32.04 -48.23 -8.74
C GLU E 280 30.84 -47.40 -8.30
N PHE E 281 29.84 -47.22 -9.16
CA PHE E 281 28.68 -46.40 -8.81
C PHE E 281 27.79 -47.13 -7.83
N ASP E 282 27.42 -46.43 -6.76
CA ASP E 282 26.54 -46.96 -5.72
C ASP E 282 25.48 -45.90 -5.42
N LEU E 283 24.29 -46.07 -6.00
CA LEU E 283 23.21 -45.10 -5.82
C LEU E 283 22.68 -45.10 -4.40
N GLN E 284 22.79 -46.23 -3.70
CA GLN E 284 22.30 -46.32 -2.32
C GLN E 284 23.09 -45.42 -1.38
N LEU E 285 24.41 -45.36 -1.57
CA LEU E 285 25.24 -44.52 -0.69
C LEU E 285 24.96 -43.05 -0.92
N ILE E 286 24.76 -42.64 -2.17
CA ILE E 286 24.44 -41.25 -2.46
C ILE E 286 23.07 -40.89 -1.92
N ALA E 287 22.09 -41.80 -2.05
CA ALA E 287 20.74 -41.52 -1.60
C ALA E 287 20.67 -41.35 -0.08
N ASP E 288 21.42 -42.17 0.66
CA ASP E 288 21.43 -42.04 2.11
C ASP E 288 22.18 -40.80 2.56
N ASN E 289 23.22 -40.40 1.83
CA ASN E 289 24.02 -39.24 2.19
C ASN E 289 23.37 -37.91 1.81
N THR E 290 22.32 -37.94 0.98
CA THR E 290 21.61 -36.72 0.59
C THR E 290 20.44 -36.46 1.53
N LYS E 291 20.76 -36.38 2.82
CA LYS E 291 19.74 -36.12 3.82
C LYS E 291 19.28 -34.67 3.73
N GLY E 292 17.96 -34.48 3.69
CA GLY E 292 17.38 -33.16 3.52
C GLY E 292 17.37 -32.64 2.10
N PHE E 293 17.86 -33.42 1.15
CA PHE E 293 17.90 -33.01 -0.25
C PHE E 293 16.52 -33.14 -0.87
N SER E 294 16.07 -32.08 -1.55
CA SER E 294 14.83 -32.14 -2.30
C SER E 294 15.10 -32.73 -3.69
N GLY E 295 14.04 -32.86 -4.49
CA GLY E 295 14.21 -33.39 -5.83
C GLY E 295 15.01 -32.46 -6.72
N SER E 296 14.82 -31.14 -6.57
CA SER E 296 15.59 -30.18 -7.34
C SER E 296 17.06 -30.16 -6.91
N ASP E 297 17.33 -30.41 -5.62
CA ASP E 297 18.70 -30.48 -5.15
C ASP E 297 19.43 -31.67 -5.74
N LEU E 298 18.73 -32.79 -5.89
CA LEU E 298 19.35 -33.97 -6.50
C LEU E 298 19.63 -33.76 -7.98
N LYS E 299 18.75 -33.02 -8.66
CA LYS E 299 18.98 -32.71 -10.07
C LYS E 299 20.23 -31.87 -10.25
N GLU E 300 20.42 -30.86 -9.40
CA GLU E 300 21.64 -30.06 -9.45
C GLU E 300 22.86 -30.90 -9.06
N LEU E 301 22.70 -31.79 -8.08
CA LEU E 301 23.78 -32.69 -7.71
C LEU E 301 24.14 -33.62 -8.87
N CYS E 302 23.14 -34.12 -9.58
CA CYS E 302 23.41 -34.88 -10.80
C CYS E 302 23.99 -33.98 -11.89
N ARG E 303 23.57 -32.71 -11.93
CA ARG E 303 24.08 -31.79 -12.93
C ARG E 303 25.57 -31.51 -12.72
N GLU E 304 25.97 -31.30 -11.47
CA GLU E 304 27.38 -31.07 -11.18
C GLU E 304 28.20 -32.33 -11.40
N ALA E 305 27.68 -33.48 -10.96
CA ALA E 305 28.43 -34.73 -11.08
C ALA E 305 28.63 -35.13 -12.53
N ALA E 306 27.61 -34.96 -13.37
CA ALA E 306 27.76 -35.26 -14.80
C ALA E 306 28.68 -34.27 -15.48
N LEU E 307 28.69 -33.01 -15.05
CA LEU E 307 29.56 -32.01 -15.64
C LEU E 307 31.03 -32.32 -15.38
N ASP E 308 31.35 -32.72 -14.14
CA ASP E 308 32.74 -33.06 -13.83
C ASP E 308 33.13 -34.41 -14.41
N ALA E 309 32.16 -35.30 -14.63
CA ALA E 309 32.45 -36.60 -15.24
C ALA E 309 32.86 -36.44 -16.69
N ALA E 310 32.24 -35.48 -17.40
CA ALA E 310 32.50 -35.25 -18.81
C ALA E 310 33.40 -34.05 -19.05
N LYS E 311 34.08 -33.55 -18.01
CA LYS E 311 34.94 -32.39 -18.16
C LYS E 311 36.09 -32.65 -19.13
N GLU E 312 36.69 -33.85 -19.04
CA GLU E 312 37.73 -34.22 -19.99
C GLU E 312 37.17 -34.35 -21.40
N TYR E 313 35.97 -34.94 -21.54
CA TYR E 313 35.35 -35.07 -22.84
C TYR E 313 34.93 -33.73 -23.40
N ILE E 314 34.44 -32.82 -22.53
CA ILE E 314 34.03 -31.49 -22.96
C ILE E 314 35.23 -30.70 -23.46
N LYS E 315 36.36 -30.77 -22.73
CA LYS E 315 37.55 -30.05 -23.13
C LYS E 315 38.08 -30.53 -24.48
N GLN E 316 38.03 -31.84 -24.73
CA GLN E 316 38.40 -32.37 -26.03
C GLN E 316 37.44 -31.91 -27.12
N LYS E 317 36.14 -31.91 -26.82
CA LYS E 317 35.15 -31.50 -27.81
C LYS E 317 35.19 -30.00 -28.06
N ARG E 318 35.45 -29.21 -27.02
CA ARG E 318 35.52 -27.76 -27.17
C ARG E 318 36.71 -27.35 -28.02
N GLN E 319 37.85 -28.05 -27.86
CA GLN E 319 39.01 -27.76 -28.69
C GLN E 319 38.73 -28.06 -30.16
N LEU E 320 38.04 -29.16 -30.45
CA LEU E 320 37.65 -29.46 -31.83
C LEU E 320 36.60 -28.48 -32.33
N ILE E 321 35.62 -28.14 -31.49
CA ILE E 321 34.58 -27.20 -31.88
C ILE E 321 34.94 -25.80 -31.42
N LYS E 335 33.34 -39.74 -26.03
CA LYS E 335 33.06 -40.80 -25.08
C LYS E 335 32.85 -40.21 -23.67
N ILE E 336 31.62 -40.28 -23.19
CA ILE E 336 31.30 -39.81 -21.84
C ILE E 336 31.80 -40.83 -20.82
N ARG E 337 32.56 -40.36 -19.85
CA ARG E 337 33.01 -41.23 -18.78
C ARG E 337 31.82 -41.64 -17.92
N PRO E 338 31.66 -42.92 -17.60
CA PRO E 338 30.53 -43.35 -16.77
C PRO E 338 30.59 -42.72 -15.38
N LEU E 339 29.42 -42.38 -14.85
CA LEU E 339 29.33 -41.70 -13.56
C LEU E 339 29.63 -42.69 -12.44
N LYS E 340 30.62 -42.37 -11.61
CA LYS E 340 31.00 -43.17 -10.46
C LYS E 340 30.55 -42.50 -9.19
N THR E 341 30.88 -43.11 -8.05
CA THR E 341 30.48 -42.55 -6.76
C THR E 341 31.36 -41.38 -6.35
N LYS E 342 32.60 -41.32 -6.85
CA LYS E 342 33.55 -40.32 -6.35
C LYS E 342 33.15 -38.91 -6.77
N ASP E 343 32.63 -38.73 -7.99
CA ASP E 343 32.23 -37.39 -8.41
C ASP E 343 30.94 -36.95 -7.74
N PHE E 344 30.06 -37.90 -7.40
CA PHE E 344 28.85 -37.54 -6.66
C PHE E 344 29.18 -37.17 -5.21
N THR E 345 30.13 -37.88 -4.61
CA THR E 345 30.47 -37.62 -3.21
C THR E 345 31.33 -36.37 -3.04
N LYS E 346 32.15 -36.03 -4.05
CA LYS E 346 32.96 -34.81 -3.93
C LYS E 346 32.13 -33.55 -4.05
N LYS E 347 30.93 -33.65 -4.63
CA LYS E 347 29.97 -32.55 -4.62
C LYS E 347 29.04 -32.60 -3.42
N LEU E 348 29.21 -33.60 -2.55
CA LEU E 348 28.31 -33.87 -1.44
C LEU E 348 29.06 -33.75 -0.12
N ARG E 349 28.32 -33.62 0.97
CA ARG E 349 28.89 -33.56 2.31
C ARG E 349 28.48 -34.82 3.06
N MET E 350 29.46 -35.48 3.68
CA MET E 350 29.21 -36.68 4.45
C MET E 350 28.70 -36.35 5.85
N PRO F 38 -24.71 0.69 -23.27
CA PRO F 38 -23.82 -0.11 -22.41
C PRO F 38 -22.74 -0.83 -23.20
N LEU F 39 -21.48 -0.50 -22.93
CA LEU F 39 -20.37 -1.18 -23.59
C LEU F 39 -19.92 -2.39 -22.77
N SER F 40 -20.86 -3.25 -22.42
CA SER F 40 -20.57 -4.47 -21.68
C SER F 40 -21.51 -5.56 -22.17
N GLY F 41 -21.06 -6.81 -22.05
CA GLY F 41 -21.80 -7.92 -22.59
C GLY F 41 -21.88 -7.86 -24.10
N LYS F 42 -23.11 -7.88 -24.63
CA LYS F 42 -23.38 -7.76 -26.07
C LYS F 42 -22.71 -8.86 -26.89
N SER F 43 -22.47 -10.01 -26.29
CA SER F 43 -21.92 -11.15 -27.00
C SER F 43 -23.03 -12.00 -27.59
N ARG F 44 -22.68 -12.84 -28.56
CA ARG F 44 -23.66 -13.74 -29.16
C ARG F 44 -24.19 -14.72 -28.13
N GLU F 45 -23.31 -15.26 -27.29
CA GLU F 45 -23.75 -16.12 -26.19
C GLU F 45 -24.49 -15.31 -25.12
N SER F 46 -24.04 -14.07 -24.88
CA SER F 46 -24.66 -13.25 -23.84
C SER F 46 -26.07 -12.84 -24.22
N LYS F 47 -26.25 -12.34 -25.45
CA LYS F 47 -27.58 -11.90 -25.89
C LYS F 47 -28.54 -13.08 -26.01
N ALA F 48 -28.03 -14.25 -26.39
CA ALA F 48 -28.85 -15.45 -26.37
C ALA F 48 -29.25 -15.81 -24.94
N LYS F 49 -28.33 -15.66 -23.99
CA LYS F 49 -28.62 -15.93 -22.58
C LYS F 49 -29.67 -14.95 -22.04
N GLN F 50 -29.55 -13.67 -22.40
CA GLN F 50 -30.47 -12.67 -21.88
C GLN F 50 -31.90 -12.90 -22.38
N SER F 51 -32.04 -13.25 -23.66
CA SER F 51 -33.36 -13.58 -24.18
C SER F 51 -33.89 -14.87 -23.58
N LEU F 52 -33.01 -15.86 -23.38
CA LEU F 52 -33.43 -17.15 -22.84
C LEU F 52 -33.96 -17.01 -21.42
N GLN F 53 -33.29 -16.20 -20.59
CA GLN F 53 -33.79 -15.95 -19.24
C GLN F 53 -35.06 -15.13 -19.25
N TRP F 54 -35.19 -14.20 -20.21
CA TRP F 54 -36.39 -13.38 -20.27
C TRP F 54 -37.60 -14.20 -20.67
N GLU F 55 -37.45 -15.13 -21.62
CA GLU F 55 -38.56 -16.02 -21.96
C GLU F 55 -38.90 -16.95 -20.80
N LYS F 56 -37.91 -17.27 -19.96
CA LYS F 56 -38.20 -18.04 -18.75
C LYS F 56 -39.00 -17.22 -17.75
N LEU F 57 -38.62 -15.95 -17.55
CA LEU F 57 -39.23 -15.14 -16.51
C LEU F 57 -40.69 -14.84 -16.81
N VAL F 58 -41.00 -14.52 -18.08
CA VAL F 58 -42.40 -14.30 -18.44
C VAL F 58 -43.19 -15.61 -18.49
N LYS F 59 -42.52 -16.75 -18.55
CA LYS F 59 -43.22 -18.03 -18.47
C LYS F 59 -43.60 -18.38 -17.04
N ARG F 60 -42.72 -18.09 -16.08
CA ARG F 60 -43.08 -18.27 -14.68
C ARG F 60 -44.18 -17.31 -14.25
N SER F 61 -44.09 -16.06 -14.68
CA SER F 61 -45.07 -15.03 -14.35
C SER F 61 -45.63 -14.43 -15.62
N PRO F 62 -46.88 -14.74 -15.98
CA PRO F 62 -47.47 -14.15 -17.19
C PRO F 62 -47.61 -12.63 -17.14
N ALA F 63 -47.63 -12.04 -15.94
CA ALA F 63 -47.72 -10.59 -15.81
C ALA F 63 -46.45 -9.87 -16.23
N LEU F 64 -45.34 -10.59 -16.40
CA LEU F 64 -44.09 -9.96 -16.82
C LEU F 64 -44.08 -9.59 -18.29
N ALA F 65 -45.09 -10.01 -19.06
CA ALA F 65 -45.19 -9.59 -20.45
C ALA F 65 -45.56 -8.11 -20.52
N GLU F 66 -45.22 -7.50 -21.67
CA GLU F 66 -45.42 -6.07 -21.92
C GLU F 66 -44.73 -5.21 -20.86
N VAL F 67 -43.58 -5.67 -20.40
CA VAL F 67 -42.73 -4.93 -19.47
C VAL F 67 -41.44 -4.59 -20.21
N THR F 68 -41.22 -3.31 -20.48
CA THR F 68 -40.08 -2.87 -21.27
C THR F 68 -38.86 -2.66 -20.38
N LEU F 69 -37.75 -3.27 -20.78
CA LEU F 69 -36.49 -3.14 -20.05
C LEU F 69 -35.51 -2.32 -20.88
N ASP F 70 -34.82 -1.40 -20.23
CA ASP F 70 -33.78 -0.62 -20.89
C ASP F 70 -32.57 -1.51 -21.19
N ALA F 71 -31.62 -0.96 -21.94
CA ALA F 71 -30.48 -1.75 -22.42
C ALA F 71 -29.61 -2.22 -21.26
N TYR F 72 -29.47 -1.40 -20.22
CA TYR F 72 -28.67 -1.79 -19.07
C TYR F 72 -29.36 -2.92 -18.29
N GLU F 73 -30.69 -2.88 -18.24
CA GLU F 73 -31.44 -3.91 -17.52
C GLU F 73 -31.33 -5.27 -18.21
N ARG F 74 -31.18 -5.27 -19.53
N ARG F 74 -31.19 -5.27 -19.53
CA ARG F 74 -31.04 -6.53 -20.25
CA ARG F 74 -31.03 -6.52 -20.27
C ARG F 74 -29.71 -7.21 -19.91
C ARG F 74 -29.72 -7.20 -19.91
N THR F 75 -28.66 -6.43 -19.67
CA THR F 75 -27.39 -7.03 -19.25
C THR F 75 -27.49 -7.65 -17.87
N ILE F 76 -28.38 -7.12 -17.02
CA ILE F 76 -28.60 -7.71 -15.70
C ILE F 76 -29.31 -9.06 -15.84
N LEU F 77 -30.13 -9.21 -16.89
CA LEU F 77 -30.91 -10.43 -17.10
C LEU F 77 -30.04 -11.66 -17.28
N SER F 78 -28.78 -11.50 -17.71
CA SER F 78 -27.89 -12.63 -17.82
C SER F 78 -27.53 -13.23 -16.47
N SER F 79 -27.72 -12.48 -15.39
CA SER F 79 -27.45 -12.96 -14.04
C SER F 79 -28.69 -13.56 -13.37
N ILE F 80 -29.81 -13.64 -14.09
CA ILE F 80 -31.01 -14.24 -13.52
C ILE F 80 -30.82 -15.74 -13.40
N VAL F 81 -31.06 -16.27 -12.20
CA VAL F 81 -30.96 -17.70 -11.93
C VAL F 81 -32.38 -18.25 -11.80
N THR F 82 -32.75 -19.12 -12.73
CA THR F 82 -34.04 -19.80 -12.71
C THR F 82 -33.93 -21.07 -11.87
N PRO F 83 -35.04 -21.54 -11.30
CA PRO F 83 -34.98 -22.72 -10.41
C PRO F 83 -34.50 -24.00 -11.09
N ASP F 84 -34.59 -24.10 -12.42
CA ASP F 84 -34.15 -25.33 -13.07
C ASP F 84 -32.62 -25.46 -13.11
N GLU F 85 -31.92 -24.33 -13.07
CA GLU F 85 -30.46 -24.38 -13.02
C GLU F 85 -29.96 -24.96 -11.70
N ILE F 86 -30.63 -24.60 -10.60
CA ILE F 86 -30.21 -25.05 -9.28
C ILE F 86 -30.72 -26.47 -9.05
N ASN F 87 -29.81 -27.37 -8.68
CA ASN F 87 -30.17 -28.74 -8.35
C ASN F 87 -30.20 -29.00 -6.85
N ILE F 88 -30.21 -27.95 -6.04
CA ILE F 88 -30.09 -28.08 -4.59
C ILE F 88 -31.44 -27.73 -3.96
N THR F 89 -31.97 -28.66 -3.19
CA THR F 89 -33.25 -28.55 -2.51
C THR F 89 -33.00 -28.26 -1.03
N PHE F 90 -33.94 -27.57 -0.38
CA PHE F 90 -33.83 -27.29 1.04
C PHE F 90 -33.68 -28.57 1.87
N GLN F 91 -34.22 -29.69 1.39
CA GLN F 91 -34.02 -30.97 2.04
C GLN F 91 -32.61 -31.52 1.86
N ASP F 92 -31.86 -31.01 0.88
CA ASP F 92 -30.47 -31.41 0.69
C ASP F 92 -29.52 -30.71 1.66
N ILE F 93 -30.00 -29.76 2.45
CA ILE F 93 -29.20 -29.10 3.47
C ILE F 93 -29.58 -29.70 4.82
N GLY F 94 -28.62 -30.38 5.45
CA GLY F 94 -28.86 -30.96 6.75
C GLY F 94 -28.23 -30.16 7.86
N GLY F 95 -28.72 -30.32 9.08
CA GLY F 95 -28.14 -29.64 10.22
C GLY F 95 -28.45 -28.17 10.31
N LEU F 96 -29.38 -27.65 9.51
CA LEU F 96 -29.74 -26.25 9.54
C LEU F 96 -31.25 -26.04 9.60
N ASP F 97 -32.00 -27.03 10.10
CA ASP F 97 -33.45 -26.91 10.16
C ASP F 97 -33.95 -25.76 11.03
N PRO F 98 -33.40 -25.47 12.23
CA PRO F 98 -33.79 -24.23 12.90
C PRO F 98 -33.49 -22.99 12.09
N LEU F 99 -32.39 -22.98 11.34
CA LEU F 99 -32.05 -21.82 10.52
C LEU F 99 -32.93 -21.76 9.27
N ILE F 100 -33.24 -22.91 8.68
CA ILE F 100 -34.11 -22.95 7.51
C ILE F 100 -35.52 -22.49 7.88
N SER F 101 -36.03 -22.95 9.03
CA SER F 101 -37.35 -22.53 9.48
C SER F 101 -37.38 -21.04 9.78
N ASP F 102 -36.31 -20.51 10.38
CA ASP F 102 -36.22 -19.07 10.60
C ASP F 102 -36.08 -18.33 9.28
N LEU F 103 -35.43 -18.95 8.29
CA LEU F 103 -35.35 -18.37 6.96
C LEU F 103 -36.72 -18.29 6.31
N HIS F 104 -37.52 -19.35 6.48
CA HIS F 104 -38.86 -19.33 5.87
C HIS F 104 -39.79 -18.39 6.62
N GLU F 105 -39.69 -18.35 7.95
CA GLU F 105 -40.68 -17.61 8.75
C GLU F 105 -40.50 -16.10 8.63
N SER F 106 -39.26 -15.63 8.53
CA SER F 106 -38.99 -14.20 8.58
C SER F 106 -38.47 -13.61 7.28
N VAL F 107 -38.14 -14.44 6.29
CA VAL F 107 -37.53 -13.95 5.06
C VAL F 107 -38.34 -14.39 3.85
N ILE F 108 -38.56 -15.70 3.71
CA ILE F 108 -39.21 -16.23 2.50
C ILE F 108 -40.69 -15.90 2.49
N TYR F 109 -41.41 -16.36 3.52
CA TYR F 109 -42.86 -16.15 3.55
C TYR F 109 -43.29 -14.68 3.63
N PRO F 110 -42.66 -13.80 4.42
CA PRO F 110 -43.04 -12.37 4.34
C PRO F 110 -42.85 -11.76 2.96
N LEU F 111 -41.85 -12.21 2.21
CA LEU F 111 -41.63 -11.66 0.87
C LEU F 111 -42.55 -12.31 -0.15
N MET F 112 -42.55 -13.65 -0.22
CA MET F 112 -43.26 -14.35 -1.28
C MET F 112 -44.75 -14.49 -1.01
N MET F 113 -45.20 -14.28 0.23
CA MET F 113 -46.62 -14.33 0.57
C MET F 113 -46.99 -13.07 1.33
N PRO F 114 -47.05 -11.92 0.65
CA PRO F 114 -47.40 -10.68 1.35
C PRO F 114 -48.89 -10.53 1.63
N GLU F 115 -49.74 -11.37 1.04
CA GLU F 115 -51.17 -11.25 1.26
C GLU F 115 -51.59 -11.73 2.65
N VAL F 116 -50.79 -12.55 3.32
CA VAL F 116 -51.11 -13.00 4.67
C VAL F 116 -50.34 -12.24 5.74
N TYR F 117 -49.31 -11.47 5.37
CA TYR F 117 -48.59 -10.61 6.30
C TYR F 117 -49.03 -9.15 6.19
N SER F 118 -50.11 -8.88 5.46
CA SER F 118 -50.52 -7.52 5.17
C SER F 118 -51.43 -6.91 6.22
N ASN F 119 -51.76 -7.66 7.29
CA ASN F 119 -52.66 -7.12 8.31
C ASN F 119 -51.98 -6.03 9.13
N SER F 120 -50.67 -6.07 9.26
CA SER F 120 -49.90 -5.02 9.91
C SER F 120 -48.69 -4.70 9.06
N PRO F 121 -48.25 -3.43 9.03
CA PRO F 121 -47.10 -3.06 8.20
C PRO F 121 -45.76 -3.50 8.76
N LEU F 122 -45.72 -4.12 9.94
CA LEU F 122 -44.48 -4.54 10.55
C LEU F 122 -44.08 -5.98 10.21
N LEU F 123 -44.88 -6.67 9.41
CA LEU F 123 -44.59 -8.03 9.00
C LEU F 123 -44.00 -8.11 7.60
N GLN F 124 -43.22 -7.11 7.21
CA GLN F 124 -42.66 -7.06 5.87
C GLN F 124 -41.36 -7.85 5.79
N ALA F 125 -40.90 -8.06 4.56
CA ALA F 125 -39.64 -8.75 4.33
C ALA F 125 -38.47 -7.84 4.73
N PRO F 126 -37.33 -8.42 5.09
CA PRO F 126 -36.16 -7.59 5.42
C PRO F 126 -35.64 -6.85 4.21
N SER F 127 -34.99 -5.72 4.46
CA SER F 127 -34.32 -5.00 3.39
C SER F 127 -33.12 -5.78 2.87
N GLY F 128 -32.51 -6.60 3.70
CA GLY F 128 -31.41 -7.43 3.28
C GLY F 128 -31.20 -8.58 4.25
N VAL F 129 -30.55 -9.63 3.74
CA VAL F 129 -30.27 -10.83 4.53
C VAL F 129 -28.78 -11.15 4.37
N LEU F 130 -28.11 -11.37 5.49
CA LEU F 130 -26.69 -11.74 5.49
C LEU F 130 -26.56 -13.19 5.95
N LEU F 131 -26.10 -14.04 5.04
CA LEU F 131 -25.81 -15.44 5.38
C LEU F 131 -24.33 -15.59 5.67
N TYR F 132 -23.92 -15.02 6.80
CA TYR F 132 -22.52 -15.01 7.18
C TYR F 132 -22.20 -16.21 8.06
N GLY F 133 -20.90 -16.50 8.18
CA GLY F 133 -20.43 -17.61 8.96
C GLY F 133 -19.09 -18.11 8.45
N PRO F 134 -18.52 -19.10 9.14
CA PRO F 134 -17.26 -19.68 8.69
C PRO F 134 -17.45 -20.42 7.38
N PRO F 135 -16.41 -20.49 6.54
CA PRO F 135 -16.54 -21.23 5.29
C PRO F 135 -16.74 -22.72 5.52
N GLY F 136 -17.50 -23.35 4.65
CA GLY F 136 -17.80 -24.76 4.77
C GLY F 136 -19.26 -25.02 5.09
N CYS F 137 -19.82 -24.19 5.97
CA CYS F 137 -21.22 -24.30 6.32
C CYS F 137 -22.10 -23.81 5.17
N GLY F 138 -23.27 -24.41 5.04
CA GLY F 138 -24.08 -24.25 3.84
C GLY F 138 -24.73 -22.89 3.64
N LYS F 139 -23.94 -21.82 3.61
CA LYS F 139 -24.50 -20.50 3.30
C LYS F 139 -24.89 -20.41 1.82
N THR F 140 -24.03 -20.91 0.93
CA THR F 140 -24.39 -20.96 -0.48
C THR F 140 -25.40 -22.07 -0.76
N MET F 141 -25.40 -23.11 0.07
CA MET F 141 -26.46 -24.12 -0.01
C MET F 141 -27.82 -23.49 0.27
N LEU F 142 -27.90 -22.63 1.28
CA LEU F 142 -29.14 -21.94 1.59
C LEU F 142 -29.54 -21.01 0.45
N ALA F 143 -28.56 -20.32 -0.14
CA ALA F 143 -28.86 -19.42 -1.25
C ALA F 143 -29.30 -20.19 -2.49
N LYS F 144 -28.70 -21.36 -2.73
CA LYS F 144 -29.15 -22.18 -3.85
C LYS F 144 -30.57 -22.69 -3.62
N ALA F 145 -30.87 -23.14 -2.39
CA ALA F 145 -32.23 -23.52 -2.06
C ALA F 145 -33.17 -22.33 -2.10
N LEU F 146 -32.66 -21.14 -1.78
CA LEU F 146 -33.45 -19.92 -1.96
C LEU F 146 -33.75 -19.66 -3.43
N ALA F 147 -32.79 -19.98 -4.31
CA ALA F 147 -33.01 -19.77 -5.74
C ALA F 147 -33.97 -20.79 -6.33
N LYS F 148 -34.20 -21.90 -5.64
CA LYS F 148 -35.03 -22.97 -6.17
C LYS F 148 -36.41 -23.03 -5.55
N GLU F 149 -36.52 -22.86 -4.23
CA GLU F 149 -37.76 -23.14 -3.52
C GLU F 149 -38.49 -21.91 -2.99
N SER F 150 -37.84 -20.74 -2.96
CA SER F 150 -38.55 -19.54 -2.52
C SER F 150 -39.63 -19.14 -3.52
N GLY F 151 -39.33 -19.23 -4.81
CA GLY F 151 -40.24 -18.79 -5.84
C GLY F 151 -40.04 -17.36 -6.30
N ALA F 152 -39.20 -16.59 -5.61
CA ALA F 152 -38.86 -15.25 -6.05
C ALA F 152 -37.86 -15.29 -7.19
N ASN F 153 -37.87 -14.24 -8.01
CA ASN F 153 -36.87 -14.10 -9.05
C ASN F 153 -35.50 -13.87 -8.41
N PHE F 154 -34.49 -14.57 -8.90
CA PHE F 154 -33.18 -14.57 -8.27
C PHE F 154 -32.18 -13.91 -9.22
N ILE F 155 -31.47 -12.91 -8.72
CA ILE F 155 -30.39 -12.25 -9.45
C ILE F 155 -29.11 -12.57 -8.71
N SER F 156 -28.39 -13.60 -9.17
CA SER F 156 -27.09 -13.96 -8.61
C SER F 156 -26.01 -13.14 -9.31
N ILE F 157 -26.01 -11.85 -9.03
CA ILE F 157 -25.09 -10.92 -9.67
C ILE F 157 -23.69 -11.09 -9.09
N ARG F 158 -22.70 -10.90 -9.93
CA ARG F 158 -21.30 -11.00 -9.56
C ARG F 158 -20.60 -9.68 -9.82
N MET F 159 -19.35 -9.60 -9.37
CA MET F 159 -18.58 -8.37 -9.56
C MET F 159 -18.19 -8.15 -11.01
N SER F 160 -18.07 -9.23 -11.79
CA SER F 160 -17.73 -9.09 -13.20
C SER F 160 -18.86 -8.46 -14.00
N SER F 161 -20.11 -8.64 -13.56
CA SER F 161 -21.25 -8.04 -14.22
C SER F 161 -21.57 -6.64 -13.73
N ILE F 162 -20.88 -6.16 -12.69
CA ILE F 162 -21.08 -4.83 -12.16
C ILE F 162 -19.92 -3.90 -12.51
N MET F 163 -18.69 -4.36 -12.28
CA MET F 163 -17.51 -3.56 -12.56
C MET F 163 -17.32 -3.42 -14.06
N ASP F 164 -17.12 -2.18 -14.52
CA ASP F 164 -16.90 -1.91 -15.94
C ASP F 164 -15.82 -0.86 -16.11
N LYS F 165 -14.98 -1.04 -17.13
CA LYS F 165 -13.81 -0.18 -17.32
C LYS F 165 -14.16 1.24 -17.68
N TRP F 166 -15.36 1.50 -18.19
CA TRP F 166 -15.75 2.84 -18.58
C TRP F 166 -16.22 3.63 -17.36
N TYR F 167 -16.56 4.90 -17.58
CA TYR F 167 -16.74 5.82 -16.47
C TYR F 167 -18.02 5.55 -15.69
N GLY F 168 -19.17 5.70 -16.35
CA GLY F 168 -20.45 5.61 -15.68
C GLY F 168 -21.18 4.30 -15.84
N GLU F 169 -20.56 3.27 -16.42
CA GLU F 169 -21.26 2.03 -16.68
C GLU F 169 -21.50 1.20 -15.41
N SER F 170 -20.59 1.28 -14.44
CA SER F 170 -20.76 0.53 -13.20
C SER F 170 -21.97 1.03 -12.42
N ASN F 171 -22.15 2.35 -12.36
CA ASN F 171 -23.28 2.92 -11.64
C ASN F 171 -24.60 2.63 -12.35
N LYS F 172 -24.61 2.72 -13.69
CA LYS F 172 -25.83 2.47 -14.43
C LYS F 172 -26.23 1.00 -14.40
N ILE F 173 -25.25 0.11 -14.18
CA ILE F 173 -25.56 -1.31 -14.02
C ILE F 173 -26.25 -1.54 -12.67
N VAL F 174 -25.75 -0.92 -11.60
CA VAL F 174 -26.38 -1.04 -10.30
C VAL F 174 -27.75 -0.39 -10.30
N ASP F 175 -27.88 0.75 -10.99
CA ASP F 175 -29.19 1.38 -11.13
C ASP F 175 -30.16 0.47 -11.88
N ALA F 176 -29.69 -0.20 -12.93
CA ALA F 176 -30.52 -1.14 -13.67
C ALA F 176 -30.80 -2.40 -12.85
N MET F 177 -29.84 -2.83 -12.03
CA MET F 177 -30.03 -4.03 -11.23
C MET F 177 -31.15 -3.84 -10.22
N PHE F 178 -31.20 -2.67 -9.58
CA PHE F 178 -32.30 -2.35 -8.68
C PHE F 178 -33.58 -2.08 -9.45
N SER F 179 -33.46 -1.46 -10.64
CA SER F 179 -34.64 -1.17 -11.45
C SER F 179 -35.28 -2.46 -11.96
N LEU F 180 -34.47 -3.41 -12.44
CA LEU F 180 -35.02 -4.67 -12.92
C LEU F 180 -35.61 -5.48 -11.76
N ALA F 181 -34.97 -5.44 -10.60
CA ALA F 181 -35.53 -6.11 -9.42
C ALA F 181 -36.84 -5.49 -8.99
N ASN F 182 -37.03 -4.20 -9.26
CA ASN F 182 -38.31 -3.57 -8.96
C ASN F 182 -39.38 -3.94 -9.97
N LYS F 183 -38.99 -4.17 -11.23
CA LYS F 183 -39.96 -4.61 -12.23
C LYS F 183 -40.42 -6.04 -11.97
N LEU F 184 -39.46 -6.95 -11.70
CA LEU F 184 -39.77 -8.30 -11.24
C LEU F 184 -39.98 -8.21 -9.74
N GLN F 185 -41.18 -7.76 -9.34
CA GLN F 185 -41.42 -7.28 -7.98
C GLN F 185 -41.05 -8.27 -6.88
N PRO F 186 -41.39 -9.57 -6.95
CA PRO F 186 -40.79 -10.47 -5.93
C PRO F 186 -39.39 -10.95 -6.34
N CYS F 187 -38.39 -10.12 -6.07
CA CYS F 187 -37.02 -10.41 -6.50
C CYS F 187 -36.09 -10.54 -5.31
N ILE F 188 -35.06 -11.37 -5.50
CA ILE F 188 -33.96 -11.50 -4.55
C ILE F 188 -32.66 -11.27 -5.31
N ILE F 189 -31.91 -10.25 -4.90
CA ILE F 189 -30.59 -9.99 -5.47
C ILE F 189 -29.55 -10.64 -4.57
N PHE F 190 -28.76 -11.56 -5.12
CA PHE F 190 -27.78 -12.30 -4.36
C PHE F 190 -26.37 -11.92 -4.80
N ILE F 191 -25.55 -11.52 -3.85
CA ILE F 191 -24.14 -11.24 -4.08
C ILE F 191 -23.35 -12.17 -3.16
N ASP F 192 -22.80 -13.24 -3.72
CA ASP F 192 -21.92 -14.11 -2.95
C ASP F 192 -20.60 -13.41 -2.68
N GLN F 193 -20.02 -13.71 -1.52
CA GLN F 193 -18.81 -13.06 -1.01
C GLN F 193 -19.00 -11.55 -0.98
N ILE F 194 -20.05 -11.13 -0.28
CA ILE F 194 -20.48 -9.73 -0.28
C ILE F 194 -19.55 -8.82 0.49
N ASP F 195 -18.58 -9.37 1.23
CA ASP F 195 -17.63 -8.55 1.97
C ASP F 195 -16.70 -7.75 1.06
N SER F 196 -16.55 -8.17 -0.20
CA SER F 196 -15.73 -7.44 -1.15
C SER F 196 -16.49 -6.30 -1.82
N PHE F 197 -17.73 -6.56 -2.24
CA PHE F 197 -18.56 -5.53 -2.83
C PHE F 197 -18.90 -4.45 -1.80
N LEU F 198 -19.27 -4.87 -0.60
CA LEU F 198 -19.68 -3.95 0.47
C LEU F 198 -18.57 -3.72 1.48
N ARG F 199 -17.32 -3.68 1.03
CA ARG F 199 -16.20 -3.51 1.93
C ARG F 199 -16.23 -2.13 2.58
N GLU F 200 -15.50 -2.00 3.69
CA GLU F 200 -15.48 -0.76 4.44
C GLU F 200 -14.88 0.37 3.61
N ARG F 201 -15.58 1.49 3.56
CA ARG F 201 -15.12 2.64 2.79
C ARG F 201 -13.91 3.28 3.46
N SER F 202 -12.99 3.78 2.64
CA SER F 202 -11.77 4.38 3.13
C SER F 202 -11.20 5.28 2.04
N SER F 203 -10.05 5.90 2.33
CA SER F 203 -9.36 6.69 1.32
C SER F 203 -8.63 5.83 0.31
N THR F 204 -8.45 4.54 0.61
CA THR F 204 -7.88 3.61 -0.37
C THR F 204 -8.82 3.43 -1.55
N ASP F 205 -10.11 3.67 -1.34
CA ASP F 205 -11.16 3.30 -2.30
C ASP F 205 -10.96 4.02 -3.62
N HIS F 206 -11.18 3.30 -4.72
CA HIS F 206 -11.15 3.91 -6.05
C HIS F 206 -12.30 4.89 -6.19
N GLU F 207 -12.14 5.83 -7.12
CA GLU F 207 -13.21 6.79 -7.40
C GLU F 207 -14.48 6.08 -7.87
N VAL F 208 -14.34 5.05 -8.70
CA VAL F 208 -15.49 4.30 -9.16
C VAL F 208 -16.10 3.47 -8.04
N THR F 209 -15.26 2.77 -7.27
CA THR F 209 -15.77 1.84 -6.25
C THR F 209 -16.52 2.57 -5.15
N ALA F 210 -15.97 3.70 -4.67
CA ALA F 210 -16.67 4.47 -3.65
C ALA F 210 -17.98 5.03 -4.19
N THR F 211 -17.96 5.51 -5.43
CA THR F 211 -19.19 5.95 -6.09
C THR F 211 -20.12 4.78 -6.36
N LEU F 212 -19.55 3.61 -6.69
CA LEU F 212 -20.34 2.40 -6.85
C LEU F 212 -21.02 2.00 -5.54
N LYS F 213 -20.29 2.06 -4.43
CA LYS F 213 -20.86 1.71 -3.13
C LYS F 213 -21.90 2.73 -2.70
N ALA F 214 -21.68 4.00 -3.02
CA ALA F 214 -22.66 5.03 -2.69
C ALA F 214 -23.95 4.84 -3.48
N GLU F 215 -23.84 4.47 -4.75
CA GLU F 215 -25.03 4.20 -5.56
C GLU F 215 -25.79 2.99 -5.03
N PHE F 216 -25.06 1.95 -4.63
CA PHE F 216 -25.71 0.77 -4.04
C PHE F 216 -26.40 1.13 -2.74
N MET F 217 -25.79 1.99 -1.93
CA MET F 217 -26.39 2.40 -0.66
C MET F 217 -27.67 3.20 -0.88
N THR F 218 -27.67 4.10 -1.86
CA THR F 218 -28.84 4.96 -2.08
C THR F 218 -30.04 4.17 -2.57
N LEU F 219 -29.81 3.20 -3.46
CA LEU F 219 -30.92 2.42 -4.01
C LEU F 219 -31.42 1.35 -3.06
N TRP F 220 -30.56 0.88 -2.15
CA TRP F 220 -30.89 -0.23 -1.27
C TRP F 220 -31.87 0.21 -0.20
N ASP F 221 -31.45 1.12 0.67
CA ASP F 221 -32.31 1.70 1.70
C ASP F 221 -32.08 3.21 1.64
N GLY F 222 -32.82 3.87 0.77
CA GLY F 222 -32.68 5.30 0.60
C GLY F 222 -33.96 5.94 0.11
N LEU F 223 -33.83 7.13 -0.48
CA LEU F 223 -34.99 7.78 -1.08
C LEU F 223 -35.46 6.97 -2.28
N LEU F 224 -36.77 7.02 -2.54
CA LEU F 224 -37.44 6.18 -3.53
C LEU F 224 -37.19 4.69 -3.23
N ASN F 225 -37.76 4.26 -2.10
CA ASN F 225 -37.54 2.90 -1.62
C ASN F 225 -38.10 1.87 -2.60
N ASN F 226 -37.47 0.69 -2.59
CA ASN F 226 -37.81 -0.37 -3.53
C ASN F 226 -39.09 -1.07 -3.09
N GLY F 227 -39.55 -2.01 -3.92
CA GLY F 227 -40.72 -2.80 -3.59
C GLY F 227 -40.34 -4.03 -2.78
N ARG F 228 -40.74 -5.21 -3.25
CA ARG F 228 -40.38 -6.46 -2.60
C ARG F 228 -39.02 -6.97 -3.09
N VAL F 229 -38.01 -6.11 -2.98
CA VAL F 229 -36.65 -6.43 -3.40
C VAL F 229 -35.81 -6.73 -2.16
N MET F 230 -35.16 -7.88 -2.15
CA MET F 230 -34.30 -8.28 -1.05
C MET F 230 -32.89 -8.48 -1.56
N ILE F 231 -31.91 -7.93 -0.83
CA ILE F 231 -30.51 -8.09 -1.14
C ILE F 231 -29.95 -9.12 -0.17
N ILE F 232 -29.88 -10.37 -0.60
CA ILE F 232 -29.38 -11.45 0.23
C ILE F 232 -27.91 -11.65 -0.06
N GLY F 233 -27.10 -11.70 0.99
CA GLY F 233 -25.66 -11.83 0.83
C GLY F 233 -25.11 -12.93 1.71
N ALA F 234 -23.99 -13.49 1.27
CA ALA F 234 -23.24 -14.48 2.01
C ALA F 234 -21.78 -14.07 2.07
N THR F 235 -21.15 -14.27 3.22
CA THR F 235 -19.77 -13.86 3.39
C THR F 235 -19.11 -14.69 4.49
N ASN F 236 -17.79 -14.74 4.45
CA ASN F 236 -17.01 -15.32 5.53
C ASN F 236 -16.55 -14.27 6.54
N ARG F 237 -16.33 -13.04 6.09
CA ARG F 237 -15.83 -11.96 6.92
C ARG F 237 -16.95 -10.92 7.06
N ILE F 238 -17.77 -11.07 8.10
CA ILE F 238 -18.84 -10.11 8.34
C ILE F 238 -18.27 -8.75 8.77
N ASN F 239 -17.16 -8.76 9.51
CA ASN F 239 -16.56 -7.50 9.98
C ASN F 239 -15.92 -6.71 8.84
N ASP F 240 -15.66 -7.34 7.69
CA ASP F 240 -15.14 -6.63 6.55
C ASP F 240 -16.19 -5.78 5.85
N ILE F 241 -17.46 -6.00 6.14
CA ILE F 241 -18.54 -5.23 5.53
C ILE F 241 -18.64 -3.88 6.22
N ASP F 242 -18.93 -2.84 5.44
CA ASP F 242 -19.12 -1.50 5.98
C ASP F 242 -20.33 -1.47 6.91
N ASP F 243 -20.24 -0.62 7.93
CA ASP F 243 -21.30 -0.53 8.93
C ASP F 243 -22.58 0.01 8.30
N ALA F 244 -22.46 0.93 7.34
CA ALA F 244 -23.64 1.44 6.65
C ALA F 244 -24.24 0.38 5.74
N PHE F 245 -23.41 -0.53 5.22
CA PHE F 245 -23.94 -1.66 4.46
C PHE F 245 -24.48 -2.76 5.38
N LEU F 246 -23.87 -2.93 6.56
CA LEU F 246 -24.36 -3.92 7.50
C LEU F 246 -25.72 -3.56 8.07
N ARG F 247 -26.01 -2.27 8.20
CA ARG F 247 -27.33 -1.84 8.66
C ARG F 247 -28.41 -2.11 7.62
N ARG F 248 -28.02 -2.26 6.35
CA ARG F 248 -28.95 -2.62 5.30
C ARG F 248 -29.13 -4.13 5.17
N LEU F 249 -28.41 -4.90 5.96
CA LEU F 249 -28.62 -6.34 6.10
C LEU F 249 -29.08 -6.62 7.52
N PRO F 250 -30.31 -6.26 7.89
CA PRO F 250 -30.69 -6.36 9.30
C PRO F 250 -30.96 -7.79 9.76
N LYS F 251 -31.43 -8.66 8.87
CA LYS F 251 -31.69 -10.05 9.21
C LYS F 251 -30.42 -10.85 8.94
N ARG F 252 -29.67 -11.13 9.99
CA ARG F 252 -28.38 -11.80 9.87
C ARG F 252 -28.53 -13.26 10.30
N PHE F 253 -28.09 -14.17 9.43
CA PHE F 253 -28.12 -15.61 9.72
C PHE F 253 -26.69 -16.08 9.91
N LEU F 254 -26.37 -16.50 11.13
CA LEU F 254 -25.04 -17.02 11.45
C LEU F 254 -25.07 -18.52 11.19
N VAL F 255 -24.54 -18.93 10.04
CA VAL F 255 -24.41 -20.36 9.70
C VAL F 255 -23.06 -20.79 10.24
N SER F 256 -23.03 -21.15 11.52
CA SER F 256 -21.79 -21.45 12.22
C SER F 256 -21.35 -22.89 11.95
N LEU F 257 -20.23 -23.26 12.54
CA LEU F 257 -19.70 -24.60 12.38
C LEU F 257 -20.65 -25.62 13.02
N PRO F 258 -20.83 -26.79 12.40
CA PRO F 258 -21.80 -27.75 12.94
C PRO F 258 -21.35 -28.35 14.26
N GLY F 259 -22.34 -28.63 15.11
CA GLY F 259 -22.12 -29.38 16.33
C GLY F 259 -22.13 -30.87 16.08
N SER F 260 -22.05 -31.62 17.18
CA SER F 260 -21.99 -33.08 17.10
C SER F 260 -23.27 -33.65 16.49
N ASP F 261 -24.43 -33.15 16.93
CA ASP F 261 -25.69 -33.57 16.32
C ASP F 261 -25.85 -32.99 14.92
N GLN F 262 -25.36 -31.75 14.73
CA GLN F 262 -25.49 -31.10 13.43
C GLN F 262 -24.64 -31.81 12.38
N ARG F 263 -23.46 -32.27 12.76
CA ARG F 263 -22.59 -33.00 11.83
C ARG F 263 -23.22 -34.33 11.42
N TYR F 264 -23.91 -34.98 12.35
CA TYR F 264 -24.59 -36.25 12.03
C TYR F 264 -25.67 -36.03 10.99
N LYS F 265 -26.42 -34.93 11.11
CA LYS F 265 -27.46 -34.64 10.13
C LYS F 265 -26.87 -34.29 8.78
N ILE F 266 -25.73 -33.58 8.77
CA ILE F 266 -25.06 -33.25 7.51
C ILE F 266 -24.52 -34.51 6.84
N LEU F 267 -23.92 -35.40 7.64
CA LEU F 267 -23.39 -36.65 7.09
C LEU F 267 -24.50 -37.54 6.54
N SER F 268 -25.67 -37.52 7.18
CA SER F 268 -26.79 -38.33 6.72
C SER F 268 -27.29 -37.88 5.35
N VAL F 269 -27.42 -36.57 5.15
CA VAL F 269 -27.87 -36.06 3.86
C VAL F 269 -26.79 -36.26 2.80
N LEU F 270 -25.51 -36.10 3.18
CA LEU F 270 -24.42 -36.33 2.24
C LEU F 270 -24.36 -37.80 1.82
N LEU F 271 -24.62 -38.71 2.74
CA LEU F 271 -24.56 -40.14 2.46
C LEU F 271 -25.89 -40.71 1.97
N LYS F 272 -26.89 -39.87 1.75
CA LYS F 272 -28.12 -40.33 1.14
C LYS F 272 -27.86 -40.72 -0.31
N ASP F 273 -28.70 -41.63 -0.81
CA ASP F 273 -28.54 -42.27 -2.13
C ASP F 273 -27.20 -43.00 -2.25
N THR F 274 -26.64 -43.44 -1.13
CA THR F 274 -25.40 -44.20 -1.10
C THR F 274 -25.61 -45.41 -0.20
N LYS F 275 -25.15 -46.58 -0.64
CA LYS F 275 -25.38 -47.81 0.09
C LYS F 275 -24.45 -47.86 1.31
N LEU F 276 -25.03 -47.79 2.50
CA LEU F 276 -24.30 -47.87 3.75
C LEU F 276 -24.55 -49.23 4.39
N ASP F 277 -23.59 -49.66 5.21
CA ASP F 277 -23.72 -50.94 5.89
C ASP F 277 -24.81 -50.89 6.95
N GLU F 278 -25.57 -51.99 7.07
CA GLU F 278 -26.64 -52.05 8.05
C GLU F 278 -26.12 -52.25 9.47
N ASP F 279 -25.02 -52.98 9.63
CA ASP F 279 -24.49 -53.29 10.95
C ASP F 279 -23.07 -52.79 11.17
N GLU F 280 -22.23 -52.73 10.14
CA GLU F 280 -20.85 -52.29 10.27
C GLU F 280 -20.67 -50.81 9.99
N PHE F 281 -21.72 -50.00 10.14
CA PHE F 281 -21.65 -48.56 9.95
C PHE F 281 -22.17 -47.87 11.21
N ASP F 282 -21.34 -46.99 11.77
CA ASP F 282 -21.72 -46.21 12.95
C ASP F 282 -21.54 -44.73 12.60
N LEU F 283 -22.64 -44.12 12.13
CA LEU F 283 -22.59 -42.71 11.73
C LEU F 283 -22.41 -41.80 12.93
N GLN F 284 -22.87 -42.23 14.11
CA GLN F 284 -22.74 -41.40 15.30
C GLN F 284 -21.28 -41.27 15.75
N LEU F 285 -20.50 -42.33 15.57
CA LEU F 285 -19.08 -42.28 15.91
C LEU F 285 -18.31 -41.32 15.01
N ILE F 286 -18.65 -41.31 13.71
CA ILE F 286 -17.98 -40.42 12.78
C ILE F 286 -18.33 -38.97 13.08
N ALA F 287 -19.58 -38.71 13.48
CA ALA F 287 -20.00 -37.35 13.81
C ALA F 287 -19.25 -36.81 15.01
N ASP F 288 -19.02 -37.64 16.03
CA ASP F 288 -18.28 -37.20 17.20
C ASP F 288 -16.79 -37.02 16.88
N ASN F 289 -16.24 -37.87 16.03
CA ASN F 289 -14.81 -37.79 15.71
C ASN F 289 -14.50 -36.62 14.79
N THR F 290 -15.47 -36.10 14.05
CA THR F 290 -15.25 -34.98 13.14
C THR F 290 -15.53 -33.64 13.85
N LYS F 291 -14.84 -33.45 14.97
CA LYS F 291 -14.99 -32.21 15.72
C LYS F 291 -14.29 -31.08 14.99
N GLY F 292 -14.99 -29.96 14.81
CA GLY F 292 -14.48 -28.85 14.05
C GLY F 292 -14.59 -28.99 12.55
N PHE F 293 -15.18 -30.07 12.07
CA PHE F 293 -15.36 -30.28 10.63
C PHE F 293 -16.49 -29.41 10.11
N SER F 294 -16.24 -28.71 9.01
CA SER F 294 -17.27 -27.94 8.35
C SER F 294 -18.11 -28.84 7.44
N GLY F 295 -19.11 -28.24 6.79
CA GLY F 295 -19.93 -29.01 5.87
C GLY F 295 -19.16 -29.50 4.66
N SER F 296 -18.28 -28.66 4.11
CA SER F 296 -17.46 -29.07 2.98
C SER F 296 -16.41 -30.09 3.39
N ASP F 297 -15.93 -30.02 4.63
CA ASP F 297 -14.96 -31.00 5.12
C ASP F 297 -15.58 -32.39 5.21
N LEU F 298 -16.84 -32.45 5.65
CA LEU F 298 -17.54 -33.74 5.71
C LEU F 298 -17.81 -34.29 4.32
N LYS F 299 -18.11 -33.40 3.36
CA LYS F 299 -18.34 -33.84 1.98
C LYS F 299 -17.08 -34.47 1.39
N GLU F 300 -15.92 -33.87 1.62
CA GLU F 300 -14.67 -34.47 1.17
C GLU F 300 -14.38 -35.77 1.92
N LEU F 301 -14.68 -35.81 3.21
CA LEU F 301 -14.54 -37.04 3.97
C LEU F 301 -15.48 -38.12 3.45
N CYS F 302 -16.72 -37.75 3.14
CA CYS F 302 -17.64 -38.70 2.52
C CYS F 302 -17.16 -39.09 1.13
N ARG F 303 -16.60 -38.13 0.38
CA ARG F 303 -16.08 -38.43 -0.94
C ARG F 303 -14.88 -39.37 -0.87
N GLU F 304 -13.92 -39.06 0.01
CA GLU F 304 -12.72 -39.88 0.13
C GLU F 304 -13.05 -41.28 0.62
N ALA F 305 -14.01 -41.39 1.54
CA ALA F 305 -14.42 -42.72 2.01
C ALA F 305 -15.21 -43.47 0.94
N ALA F 306 -15.88 -42.75 0.04
CA ALA F 306 -16.65 -43.42 -1.00
C ALA F 306 -15.73 -44.07 -2.04
N LEU F 307 -14.70 -43.36 -2.48
CA LEU F 307 -13.72 -43.96 -3.39
C LEU F 307 -12.87 -45.02 -2.69
N ASP F 308 -12.65 -44.90 -1.38
CA ASP F 308 -11.97 -45.95 -0.64
C ASP F 308 -12.81 -47.22 -0.60
N ALA F 309 -14.12 -47.08 -0.39
CA ALA F 309 -15.00 -48.25 -0.38
C ALA F 309 -15.14 -48.84 -1.77
N ALA F 310 -15.18 -48.01 -2.80
CA ALA F 310 -15.41 -48.44 -4.17
C ALA F 310 -14.11 -48.68 -4.93
N LYS F 311 -12.98 -48.82 -4.23
CA LYS F 311 -11.70 -49.02 -4.89
C LYS F 311 -11.66 -50.33 -5.67
N GLU F 312 -12.19 -51.40 -5.08
CA GLU F 312 -12.20 -52.69 -5.76
C GLU F 312 -13.16 -52.70 -6.95
N TYR F 313 -14.34 -52.11 -6.79
CA TYR F 313 -15.33 -52.12 -7.85
C TYR F 313 -14.90 -51.27 -9.03
N ILE F 314 -14.29 -50.10 -8.77
CA ILE F 314 -13.85 -49.21 -9.84
C ILE F 314 -12.69 -49.84 -10.60
N LYS F 315 -11.73 -50.44 -9.89
CA LYS F 315 -10.61 -51.11 -10.54
C LYS F 315 -11.08 -52.27 -11.40
N GLN F 316 -12.06 -53.04 -10.91
CA GLN F 316 -12.62 -54.13 -11.70
C GLN F 316 -13.33 -53.61 -12.93
N LYS F 317 -14.10 -52.53 -12.79
CA LYS F 317 -14.80 -51.96 -13.93
C LYS F 317 -13.85 -51.36 -14.94
N ARG F 318 -12.81 -50.66 -14.46
CA ARG F 318 -11.83 -50.07 -15.37
C ARG F 318 -11.03 -51.13 -16.10
N GLN F 319 -10.67 -52.22 -15.42
CA GLN F 319 -9.99 -53.32 -16.08
C GLN F 319 -10.89 -54.01 -17.09
N LEU F 320 -12.17 -54.15 -16.77
CA LEU F 320 -13.13 -54.75 -17.69
C LEU F 320 -13.43 -53.83 -18.86
N ILE F 336 -22.06 -52.07 -5.71
CA ILE F 336 -20.72 -51.63 -5.33
C ILE F 336 -20.29 -52.35 -4.07
N ARG F 337 -20.46 -51.69 -2.93
CA ARG F 337 -20.07 -52.19 -1.61
C ARG F 337 -20.70 -51.30 -0.54
N PRO F 338 -21.24 -51.88 0.53
CA PRO F 338 -21.79 -51.05 1.61
C PRO F 338 -20.68 -50.30 2.34
N LEU F 339 -20.92 -49.03 2.62
CA LEU F 339 -19.92 -48.20 3.29
C LEU F 339 -19.92 -48.52 4.78
N LYS F 340 -18.74 -48.79 5.32
CA LYS F 340 -18.57 -49.11 6.73
C LYS F 340 -17.93 -47.93 7.46
N THR F 341 -18.02 -47.97 8.79
CA THR F 341 -17.40 -46.93 9.59
C THR F 341 -15.87 -46.98 9.53
N LYS F 342 -15.28 -48.15 9.24
CA LYS F 342 -13.84 -48.26 9.12
C LYS F 342 -13.31 -47.47 7.93
N ASP F 343 -14.11 -47.33 6.87
CA ASP F 343 -13.71 -46.53 5.73
C ASP F 343 -13.59 -45.05 6.12
N PHE F 344 -14.53 -44.55 6.92
CA PHE F 344 -14.47 -43.15 7.32
C PHE F 344 -13.35 -42.90 8.32
N THR F 345 -13.15 -43.83 9.25
CA THR F 345 -12.09 -43.66 10.25
C THR F 345 -10.70 -43.86 9.66
N LYS F 346 -10.59 -44.53 8.51
CA LYS F 346 -9.30 -44.63 7.83
C LYS F 346 -8.81 -43.27 7.38
N LYS F 347 -9.70 -42.43 6.89
CA LYS F 347 -9.37 -41.07 6.48
C LYS F 347 -9.47 -40.07 7.63
N LEU F 348 -9.92 -40.50 8.81
CA LEU F 348 -10.12 -39.61 9.94
C LEU F 348 -8.87 -39.62 10.83
N ARG F 349 -8.94 -38.85 11.91
CA ARG F 349 -7.82 -38.73 12.84
C ARG F 349 -8.25 -38.73 14.30
N MET F 350 -9.54 -38.89 14.59
CA MET F 350 -10.12 -38.80 15.94
C MET F 350 -9.67 -37.53 16.68
N GLY G 41 -32.28 9.68 -20.38
CA GLY G 41 -31.65 8.69 -21.23
C GLY G 41 -32.36 8.47 -22.54
N LYS G 42 -33.46 9.23 -22.72
CA LYS G 42 -34.39 9.15 -23.87
C LYS G 42 -34.61 7.71 -24.33
N SER G 43 -35.00 6.85 -23.39
CA SER G 43 -35.20 5.43 -23.64
C SER G 43 -36.57 5.00 -23.11
N ARG G 44 -37.59 5.17 -23.95
CA ARG G 44 -38.96 4.71 -23.72
C ARG G 44 -39.49 4.99 -22.31
N GLU G 45 -39.17 4.10 -21.36
CA GLU G 45 -39.61 4.26 -19.99
C GLU G 45 -39.04 5.53 -19.37
N SER G 46 -37.78 5.85 -19.72
CA SER G 46 -37.18 7.11 -19.28
C SER G 46 -37.93 8.31 -19.85
N LYS G 47 -38.29 8.23 -21.13
CA LYS G 47 -39.06 9.30 -21.76
C LYS G 47 -40.45 9.43 -21.14
N ALA G 48 -41.08 8.29 -20.84
CA ALA G 48 -42.39 8.31 -20.21
C ALA G 48 -42.30 8.87 -18.80
N LYS G 49 -41.23 8.53 -18.07
CA LYS G 49 -41.06 9.03 -16.71
C LYS G 49 -40.85 10.53 -16.69
N GLN G 50 -40.01 11.05 -17.59
CA GLN G 50 -39.72 12.49 -17.61
C GLN G 50 -40.95 13.29 -17.99
N SER G 51 -41.74 12.81 -18.95
CA SER G 51 -42.99 13.48 -19.29
C SER G 51 -43.99 13.41 -18.14
N LEU G 52 -44.04 12.27 -17.45
CA LEU G 52 -44.94 12.14 -16.31
C LEU G 52 -44.47 13.00 -15.14
N GLN G 53 -43.16 13.05 -14.92
CA GLN G 53 -42.62 13.90 -13.86
C GLN G 53 -42.87 15.38 -14.15
N TRP G 54 -42.74 15.78 -15.42
CA TRP G 54 -43.05 17.16 -15.79
C TRP G 54 -44.54 17.44 -15.63
N GLU G 55 -45.39 16.45 -15.92
CA GLU G 55 -46.82 16.62 -15.73
C GLU G 55 -47.16 16.82 -14.26
N LYS G 56 -46.49 16.08 -13.37
CA LYS G 56 -46.70 16.24 -11.93
C LYS G 56 -46.27 17.62 -11.45
N LEU G 57 -45.20 18.16 -12.03
CA LEU G 57 -44.74 19.49 -11.65
C LEU G 57 -45.71 20.57 -12.12
N VAL G 58 -46.48 20.29 -13.18
CA VAL G 58 -47.43 21.27 -13.69
C VAL G 58 -48.59 21.45 -12.71
N LYS G 59 -49.15 20.35 -12.21
CA LYS G 59 -50.26 20.46 -11.26
C LYS G 59 -49.76 20.93 -9.90
N ARG G 60 -48.50 20.67 -9.57
CA ARG G 60 -47.92 21.17 -8.32
C ARG G 60 -47.84 22.69 -8.33
N SER G 61 -47.47 23.28 -9.47
CA SER G 61 -47.42 24.72 -9.63
C SER G 61 -47.64 25.07 -11.10
N PRO G 62 -48.76 25.70 -11.45
CA PRO G 62 -49.06 25.98 -12.86
C PRO G 62 -48.22 27.08 -13.48
N ALA G 63 -47.34 27.74 -12.72
CA ALA G 63 -46.50 28.81 -13.27
C ALA G 63 -45.38 28.28 -14.16
N LEU G 64 -45.15 26.96 -14.18
CA LEU G 64 -44.07 26.36 -14.95
C LEU G 64 -44.50 25.95 -16.35
N ALA G 65 -45.73 26.27 -16.76
CA ALA G 65 -46.21 25.87 -18.07
C ALA G 65 -45.44 26.57 -19.19
N GLU G 66 -45.13 27.86 -19.02
CA GLU G 66 -44.41 28.61 -20.03
C GLU G 66 -42.91 28.30 -20.04
N VAL G 67 -42.41 27.60 -19.04
CA VAL G 67 -40.98 27.30 -18.94
C VAL G 67 -40.65 26.11 -19.84
N THR G 68 -39.64 26.27 -20.68
CA THR G 68 -39.21 25.24 -21.61
C THR G 68 -37.88 24.64 -21.18
N LEU G 69 -37.71 23.35 -21.41
CA LEU G 69 -36.51 22.62 -21.04
C LEU G 69 -35.87 22.02 -22.29
N ASP G 70 -34.55 21.98 -22.31
CA ASP G 70 -33.81 21.37 -23.41
C ASP G 70 -33.59 19.89 -23.08
N ALA G 71 -32.73 19.24 -23.88
CA ALA G 71 -32.55 17.79 -23.75
C ALA G 71 -31.85 17.42 -22.45
N TYR G 72 -30.85 18.19 -22.04
CA TYR G 72 -30.08 17.81 -20.86
C TYR G 72 -30.84 18.12 -19.56
N GLU G 73 -31.68 19.15 -19.57
CA GLU G 73 -32.56 19.36 -18.42
C GLU G 73 -33.65 18.29 -18.37
N ARG G 74 -34.05 17.77 -19.53
N ARG G 74 -34.04 17.77 -19.54
CA ARG G 74 -35.07 16.72 -19.55
CA ARG G 74 -35.05 16.71 -19.58
C ARG G 74 -34.54 15.43 -18.95
C ARG G 74 -34.54 15.43 -18.95
N THR G 75 -33.27 15.09 -19.19
CA THR G 75 -32.71 13.87 -18.62
C THR G 75 -32.46 13.99 -17.13
N ILE G 76 -32.48 15.20 -16.57
CA ILE G 76 -32.42 15.38 -15.13
C ILE G 76 -33.81 15.21 -14.52
N LEU G 77 -34.86 15.49 -15.31
CA LEU G 77 -36.23 15.47 -14.82
C LEU G 77 -36.69 14.08 -14.38
N SER G 78 -36.00 13.02 -14.82
CA SER G 78 -36.33 11.68 -14.35
C SER G 78 -35.98 11.47 -12.88
N SER G 79 -35.13 12.32 -12.31
CA SER G 79 -34.74 12.24 -10.91
C SER G 79 -35.61 13.10 -10.00
N ILE G 80 -36.60 13.80 -10.55
CA ILE G 80 -37.46 14.66 -9.75
C ILE G 80 -38.37 13.78 -8.89
N VAL G 81 -38.41 14.08 -7.59
CA VAL G 81 -39.23 13.34 -6.64
C VAL G 81 -40.40 14.22 -6.22
N THR G 82 -41.60 13.71 -6.39
CA THR G 82 -42.84 14.33 -6.00
C THR G 82 -43.35 13.74 -4.69
N PRO G 83 -44.11 14.50 -3.90
CA PRO G 83 -44.58 13.98 -2.60
C PRO G 83 -45.51 12.78 -2.71
N ASP G 84 -46.10 12.52 -3.88
CA ASP G 84 -46.98 11.37 -4.01
C ASP G 84 -46.20 10.05 -3.97
N GLU G 85 -44.93 10.06 -4.40
CA GLU G 85 -44.13 8.85 -4.34
C GLU G 85 -43.71 8.54 -2.91
N ILE G 86 -43.38 9.56 -2.14
CA ILE G 86 -42.92 9.37 -0.77
C ILE G 86 -44.11 9.11 0.14
N ASN G 87 -43.96 8.13 1.03
CA ASN G 87 -44.98 7.80 2.02
C ASN G 87 -44.51 8.08 3.44
N ILE G 88 -43.45 8.87 3.59
CA ILE G 88 -42.86 9.17 4.90
C ILE G 88 -43.02 10.65 5.16
N THR G 89 -43.65 10.99 6.28
CA THR G 89 -43.87 12.36 6.71
C THR G 89 -42.94 12.70 7.87
N PHE G 90 -43.07 13.92 8.39
CA PHE G 90 -42.29 14.31 9.55
C PHE G 90 -42.81 13.70 10.84
N GLN G 91 -44.08 13.28 10.86
CA GLN G 91 -44.64 12.59 12.02
C GLN G 91 -44.22 11.13 12.09
N ASP G 92 -43.59 10.60 11.03
CA ASP G 92 -43.08 9.24 11.04
C ASP G 92 -41.67 9.14 11.58
N ILE G 93 -41.04 10.27 11.90
CA ILE G 93 -39.67 10.29 12.41
C ILE G 93 -39.75 10.63 13.89
N GLY G 94 -39.61 9.59 14.73
CA GLY G 94 -39.57 9.80 16.16
C GLY G 94 -38.17 10.14 16.66
N GLY G 95 -38.12 10.65 17.88
CA GLY G 95 -36.85 10.96 18.52
C GLY G 95 -36.04 12.02 17.85
N LEU G 96 -36.67 12.86 17.01
CA LEU G 96 -35.94 13.88 16.27
C LEU G 96 -36.68 15.21 16.25
N ASP G 97 -37.58 15.44 17.21
CA ASP G 97 -38.36 16.67 17.24
C ASP G 97 -37.51 17.93 17.36
N PRO G 98 -36.48 18.03 18.23
CA PRO G 98 -35.63 19.23 18.19
C PRO G 98 -34.92 19.42 16.86
N LEU G 99 -34.52 18.33 16.19
CA LEU G 99 -33.85 18.46 14.92
C LEU G 99 -34.84 18.77 13.80
N ILE G 100 -36.04 18.20 13.86
CA ILE G 100 -37.07 18.49 12.87
C ILE G 100 -37.49 19.96 12.94
N SER G 101 -37.69 20.47 14.15
CA SER G 101 -38.01 21.88 14.32
C SER G 101 -36.86 22.78 13.87
N ASP G 102 -35.62 22.36 14.15
CA ASP G 102 -34.46 23.09 13.65
C ASP G 102 -34.37 23.02 12.13
N LEU G 103 -34.73 21.86 11.55
CA LEU G 103 -34.75 21.73 10.10
C LEU G 103 -35.80 22.64 9.48
N HIS G 104 -36.97 22.76 10.12
CA HIS G 104 -38.02 23.62 9.61
C HIS G 104 -37.62 25.09 9.69
N GLU G 105 -37.03 25.51 10.81
CA GLU G 105 -36.73 26.91 11.03
C GLU G 105 -35.48 27.39 10.31
N SER G 106 -34.69 26.49 9.73
CA SER G 106 -33.44 26.88 9.09
C SER G 106 -33.43 26.66 7.58
N VAL G 107 -34.03 25.57 7.09
CA VAL G 107 -34.01 25.24 5.68
C VAL G 107 -35.41 25.26 5.06
N ILE G 108 -36.44 24.86 5.81
CA ILE G 108 -37.76 24.71 5.22
C ILE G 108 -38.50 26.04 5.20
N TYR G 109 -38.73 26.62 6.37
CA TYR G 109 -39.41 27.92 6.44
C TYR G 109 -38.65 29.05 5.75
N PRO G 110 -37.33 29.20 5.88
CA PRO G 110 -36.65 30.27 5.10
C PRO G 110 -36.78 30.11 3.59
N LEU G 111 -37.06 28.90 3.09
CA LEU G 111 -37.25 28.73 1.66
C LEU G 111 -38.68 29.06 1.23
N MET G 112 -39.67 28.63 2.02
CA MET G 112 -41.06 28.74 1.58
C MET G 112 -41.59 30.17 1.73
N MET G 113 -41.19 30.88 2.79
CA MET G 113 -41.45 32.30 2.93
C MET G 113 -40.14 33.03 3.23
N PRO G 114 -39.32 33.25 2.20
CA PRO G 114 -38.08 34.03 2.41
C PRO G 114 -38.32 35.51 2.68
N GLU G 115 -39.55 36.00 2.46
CA GLU G 115 -39.84 37.41 2.68
C GLU G 115 -39.66 37.80 4.14
N VAL G 116 -40.11 36.93 5.07
CA VAL G 116 -39.96 37.21 6.49
C VAL G 116 -38.61 36.75 7.03
N TYR G 117 -37.85 35.97 6.25
CA TYR G 117 -36.52 35.53 6.65
C TYR G 117 -35.41 36.29 5.94
N SER G 118 -35.74 37.37 5.22
CA SER G 118 -34.74 38.17 4.53
C SER G 118 -34.23 39.33 5.38
N ASN G 119 -34.68 39.44 6.64
CA ASN G 119 -34.20 40.51 7.51
C ASN G 119 -32.71 40.35 7.81
N SER G 120 -32.27 39.11 8.04
CA SER G 120 -30.87 38.82 8.31
C SER G 120 -30.40 37.71 7.39
N PRO G 121 -29.14 37.77 6.93
CA PRO G 121 -28.62 36.67 6.10
C PRO G 121 -28.50 35.35 6.84
N LEU G 122 -28.36 35.38 8.16
CA LEU G 122 -28.31 34.15 8.93
C LEU G 122 -29.64 33.40 8.90
N LEU G 123 -30.75 34.13 8.95
CA LEU G 123 -32.06 33.50 8.90
C LEU G 123 -32.44 33.06 7.50
N GLN G 124 -31.69 33.47 6.47
CA GLN G 124 -31.95 33.02 5.12
C GLN G 124 -31.58 31.55 4.96
N ALA G 125 -32.24 30.88 4.02
CA ALA G 125 -31.98 29.47 3.78
C ALA G 125 -30.58 29.28 3.23
N PRO G 126 -29.76 28.43 3.84
CA PRO G 126 -28.40 28.23 3.34
C PRO G 126 -28.40 27.48 2.02
N SER G 127 -27.32 27.66 1.26
CA SER G 127 -27.17 26.94 0.01
C SER G 127 -26.75 25.49 0.22
N GLY G 128 -26.29 25.14 1.42
CA GLY G 128 -25.89 23.78 1.71
C GLY G 128 -26.32 23.31 3.08
N VAL G 129 -27.03 22.19 3.14
CA VAL G 129 -27.46 21.57 4.39
C VAL G 129 -26.98 20.14 4.39
N LEU G 130 -26.24 19.74 5.42
CA LEU G 130 -25.67 18.40 5.51
C LEU G 130 -26.33 17.65 6.67
N LEU G 131 -26.90 16.49 6.35
CA LEU G 131 -27.47 15.59 7.35
C LEU G 131 -26.45 14.47 7.58
N TYR G 132 -25.72 14.55 8.70
CA TYR G 132 -24.66 13.59 8.97
C TYR G 132 -24.85 12.96 10.34
N GLY G 133 -24.28 11.77 10.48
CA GLY G 133 -24.36 11.01 11.71
C GLY G 133 -24.09 9.54 11.46
N PRO G 134 -24.20 8.72 12.51
CA PRO G 134 -24.07 7.28 12.31
C PRO G 134 -25.20 6.74 11.45
N PRO G 135 -24.96 5.67 10.69
CA PRO G 135 -26.01 5.15 9.80
C PRO G 135 -27.20 4.61 10.57
N GLY G 136 -28.38 4.78 9.99
CA GLY G 136 -29.61 4.25 10.58
C GLY G 136 -30.28 5.14 11.58
N CYS G 137 -29.98 6.43 11.59
CA CYS G 137 -30.56 7.34 12.57
C CYS G 137 -31.63 8.27 11.99
N GLY G 138 -31.93 8.15 10.70
CA GLY G 138 -33.01 8.90 10.10
C GLY G 138 -32.61 10.04 9.20
N LYS G 139 -31.39 10.04 8.66
CA LYS G 139 -31.00 11.07 7.71
C LYS G 139 -31.81 10.99 6.43
N THR G 140 -32.03 9.76 5.93
CA THR G 140 -32.87 9.58 4.75
C THR G 140 -34.34 9.83 5.07
N MET G 141 -34.76 9.50 6.30
CA MET G 141 -36.13 9.77 6.71
C MET G 141 -36.42 11.27 6.71
N LEU G 142 -35.44 12.07 7.14
CA LEU G 142 -35.58 13.52 7.04
C LEU G 142 -35.66 13.95 5.58
N ALA G 143 -34.85 13.34 4.71
CA ALA G 143 -34.91 13.64 3.28
C ALA G 143 -36.24 13.21 2.68
N LYS G 144 -36.77 12.06 3.13
CA LYS G 144 -38.10 11.64 2.70
C LYS G 144 -39.16 12.63 3.15
N ALA G 145 -39.06 13.10 4.40
CA ALA G 145 -40.01 14.09 4.89
C ALA G 145 -39.81 15.44 4.23
N LEU G 146 -38.56 15.78 3.90
CA LEU G 146 -38.29 17.02 3.18
C LEU G 146 -38.91 16.98 1.78
N ALA G 147 -38.86 15.81 1.12
CA ALA G 147 -39.47 15.68 -0.19
C ALA G 147 -40.99 15.73 -0.10
N LYS G 148 -41.56 15.09 0.92
CA LYS G 148 -43.02 15.04 1.04
C LYS G 148 -43.59 16.29 1.70
N GLU G 149 -43.21 16.54 2.95
CA GLU G 149 -43.82 17.61 3.73
C GLU G 149 -43.04 18.92 3.58
N SER G 150 -42.98 19.39 2.33
CA SER G 150 -42.46 20.70 2.01
C SER G 150 -42.98 21.08 0.62
N GLY G 151 -43.25 22.37 0.45
CA GLY G 151 -43.75 22.85 -0.82
C GLY G 151 -42.70 23.05 -1.89
N ALA G 152 -41.44 22.77 -1.59
CA ALA G 152 -40.36 22.98 -2.53
C ALA G 152 -40.18 21.76 -3.42
N ASN G 153 -39.73 22.00 -4.65
CA ASN G 153 -39.37 20.91 -5.54
C ASN G 153 -38.12 20.19 -5.01
N PHE G 154 -37.98 18.93 -5.40
CA PHE G 154 -37.00 18.06 -4.77
C PHE G 154 -36.28 17.24 -5.84
N ILE G 155 -35.14 17.75 -6.30
CA ILE G 155 -34.27 17.00 -7.19
C ILE G 155 -33.52 15.95 -6.37
N SER G 156 -33.57 14.70 -6.82
CA SER G 156 -33.05 13.55 -6.09
C SER G 156 -32.08 12.75 -6.96
N ILE G 157 -31.11 13.44 -7.54
CA ILE G 157 -30.17 12.78 -8.42
C ILE G 157 -29.33 11.73 -7.69
N ARG G 158 -28.82 10.77 -8.46
CA ARG G 158 -27.80 9.85 -8.02
C ARG G 158 -26.58 10.02 -8.91
N MET G 159 -25.48 9.35 -8.54
CA MET G 159 -24.27 9.50 -9.32
C MET G 159 -24.35 8.77 -10.65
N SER G 160 -25.30 7.84 -10.81
CA SER G 160 -25.49 7.17 -12.09
C SER G 160 -26.04 8.11 -13.15
N SER G 161 -26.92 9.02 -12.75
CA SER G 161 -27.54 9.94 -13.69
C SER G 161 -26.60 11.06 -14.14
N ILE G 162 -25.43 11.19 -13.53
CA ILE G 162 -24.50 12.27 -13.82
C ILE G 162 -23.29 11.78 -14.60
N MET G 163 -22.67 10.70 -14.14
CA MET G 163 -21.50 10.17 -14.83
C MET G 163 -21.90 9.51 -16.14
N ASP G 164 -21.14 9.80 -17.20
CA ASP G 164 -21.40 9.26 -18.52
C ASP G 164 -20.07 8.97 -19.20
N LYS G 165 -20.12 8.06 -20.18
CA LYS G 165 -18.91 7.68 -20.91
C LYS G 165 -18.35 8.83 -21.72
N TRP G 166 -19.22 9.54 -22.44
CA TRP G 166 -18.77 10.54 -23.40
C TRP G 166 -18.25 11.78 -22.67
N TYR G 167 -17.20 12.38 -23.24
CA TYR G 167 -16.60 13.57 -22.65
C TYR G 167 -17.55 14.76 -22.78
N GLY G 168 -17.66 15.53 -21.70
CA GLY G 168 -18.52 16.68 -21.65
C GLY G 168 -19.97 16.38 -21.34
N GLU G 169 -20.37 15.12 -21.35
CA GLU G 169 -21.76 14.77 -21.01
C GLU G 169 -22.03 14.97 -19.53
N SER G 170 -21.08 14.60 -18.67
CA SER G 170 -21.26 14.76 -17.24
C SER G 170 -21.28 16.23 -16.84
N ASN G 171 -20.45 17.05 -17.49
CA ASN G 171 -20.45 18.48 -17.20
C ASN G 171 -21.75 19.14 -17.65
N LYS G 172 -22.27 18.74 -18.81
CA LYS G 172 -23.51 19.32 -19.31
C LYS G 172 -24.70 18.85 -18.49
N ILE G 173 -24.66 17.62 -17.98
CA ILE G 173 -25.73 17.13 -17.12
C ILE G 173 -25.75 17.90 -15.80
N VAL G 174 -24.57 18.14 -15.22
CA VAL G 174 -24.48 18.90 -13.98
C VAL G 174 -24.91 20.35 -14.20
N ASP G 175 -24.47 20.93 -15.33
CA ASP G 175 -24.85 22.31 -15.64
C ASP G 175 -26.36 22.43 -15.85
N ALA G 176 -26.97 21.46 -16.53
CA ALA G 176 -28.42 21.49 -16.71
C ALA G 176 -29.15 21.20 -15.42
N MET G 177 -28.52 20.47 -14.49
CA MET G 177 -29.13 20.21 -13.20
C MET G 177 -29.31 21.50 -12.40
N PHE G 178 -28.27 22.34 -12.38
CA PHE G 178 -28.37 23.62 -11.69
C PHE G 178 -29.26 24.59 -12.46
N SER G 179 -29.26 24.48 -13.80
CA SER G 179 -30.15 25.30 -14.61
C SER G 179 -31.61 24.94 -14.35
N LEU G 180 -31.91 23.64 -14.23
CA LEU G 180 -33.26 23.22 -13.89
C LEU G 180 -33.65 23.66 -12.48
N ALA G 181 -32.67 23.73 -11.57
CA ALA G 181 -32.94 24.26 -10.24
C ALA G 181 -33.31 25.73 -10.29
N ASN G 182 -32.70 26.49 -11.20
CA ASN G 182 -33.08 27.88 -11.37
C ASN G 182 -34.47 28.00 -11.99
N LYS G 183 -34.82 27.09 -12.89
CA LYS G 183 -36.13 27.12 -13.52
C LYS G 183 -37.23 26.79 -12.51
N LEU G 184 -37.02 25.73 -11.72
CA LEU G 184 -37.92 25.39 -10.62
C LEU G 184 -37.40 26.09 -9.37
N GLN G 185 -37.81 27.35 -9.20
CA GLN G 185 -37.18 28.24 -8.22
C GLN G 185 -37.18 27.71 -6.79
N PRO G 186 -38.28 27.16 -6.22
CA PRO G 186 -38.11 26.49 -4.91
C PRO G 186 -37.70 25.02 -5.06
N CYS G 187 -36.40 24.78 -5.27
CA CYS G 187 -35.89 23.44 -5.49
C CYS G 187 -34.91 23.03 -4.41
N ILE G 188 -34.81 21.72 -4.21
CA ILE G 188 -33.83 21.11 -3.32
C ILE G 188 -33.09 20.04 -4.11
N ILE G 189 -31.77 20.21 -4.25
CA ILE G 189 -30.94 19.24 -4.94
C ILE G 189 -30.35 18.32 -3.87
N PHE G 190 -31.00 17.18 -3.64
CA PHE G 190 -30.59 16.26 -2.60
C PHE G 190 -29.58 15.27 -3.13
N ILE G 191 -28.46 15.12 -2.41
CA ILE G 191 -27.44 14.14 -2.74
C ILE G 191 -27.28 13.20 -1.55
N ASP G 192 -27.79 11.99 -1.68
CA ASP G 192 -27.50 10.95 -0.70
C ASP G 192 -26.08 10.44 -0.91
N GLN G 193 -25.41 10.14 0.20
CA GLN G 193 -24.02 9.68 0.22
C GLN G 193 -23.09 10.69 -0.48
N ILE G 194 -22.97 11.84 0.19
CA ILE G 194 -22.13 12.94 -0.27
C ILE G 194 -20.66 12.52 -0.38
N ASP G 195 -20.26 11.53 0.43
CA ASP G 195 -18.84 11.16 0.56
C ASP G 195 -18.22 10.78 -0.78
N SER G 196 -18.97 10.07 -1.61
CA SER G 196 -18.46 9.67 -2.92
C SER G 196 -18.86 10.63 -4.03
N PHE G 197 -19.79 11.55 -3.77
CA PHE G 197 -20.25 12.50 -4.78
C PHE G 197 -19.29 13.68 -4.78
N LEU G 198 -18.21 13.54 -5.56
CA LEU G 198 -17.28 14.63 -5.88
C LEU G 198 -16.62 15.23 -4.63
N ARG G 199 -16.56 14.47 -3.53
CA ARG G 199 -15.93 14.92 -2.30
C ARG G 199 -14.78 13.96 -1.99
N GLU G 200 -13.63 14.21 -2.61
CA GLU G 200 -12.45 13.38 -2.44
C GLU G 200 -11.26 14.10 -3.07
N ARG G 201 -10.13 14.08 -2.37
CA ARG G 201 -8.88 14.66 -2.87
C ARG G 201 -7.85 13.53 -2.94
N SER G 202 -7.77 12.88 -4.09
CA SER G 202 -6.85 11.77 -4.28
C SER G 202 -6.25 11.87 -5.68
N SER G 203 -5.02 11.36 -5.82
CA SER G 203 -4.36 11.34 -7.11
C SER G 203 -4.94 10.28 -8.04
N THR G 204 -5.61 9.27 -7.50
CA THR G 204 -6.24 8.24 -8.32
C THR G 204 -7.53 8.72 -8.97
N ASP G 205 -8.03 9.90 -8.62
CA ASP G 205 -9.23 10.43 -9.23
C ASP G 205 -8.98 10.75 -10.70
N HIS G 206 -10.00 10.54 -11.52
CA HIS G 206 -9.88 10.76 -12.95
C HIS G 206 -9.93 12.25 -13.28
N GLU G 207 -9.60 12.58 -14.52
CA GLU G 207 -9.72 13.95 -15.00
C GLU G 207 -11.17 14.33 -15.28
N VAL G 208 -12.01 13.34 -15.60
CA VAL G 208 -13.43 13.61 -15.88
C VAL G 208 -14.13 14.09 -14.63
N THR G 209 -13.84 13.46 -13.48
CA THR G 209 -14.39 13.95 -12.23
C THR G 209 -13.63 15.16 -11.70
N ALA G 210 -12.42 15.41 -12.21
CA ALA G 210 -11.67 16.59 -11.80
C ALA G 210 -12.31 17.85 -12.36
N THR G 211 -12.71 17.82 -13.63
CA THR G 211 -13.46 18.95 -14.18
C THR G 211 -14.92 18.92 -13.71
N LEU G 212 -15.39 17.76 -13.27
CA LEU G 212 -16.70 17.70 -12.63
C LEU G 212 -16.64 18.27 -11.21
N LYS G 213 -15.46 18.18 -10.59
CA LYS G 213 -15.25 18.83 -9.29
C LYS G 213 -15.43 20.34 -9.42
N ALA G 214 -14.78 20.94 -10.42
CA ALA G 214 -14.85 22.38 -10.59
C ALA G 214 -16.22 22.85 -11.07
N GLU G 215 -16.82 22.10 -12.00
CA GLU G 215 -18.09 22.51 -12.57
C GLU G 215 -19.20 22.51 -11.53
N PHE G 216 -19.25 21.48 -10.69
CA PHE G 216 -20.24 21.43 -9.63
C PHE G 216 -20.02 22.53 -8.60
N MET G 217 -18.76 22.74 -8.20
CA MET G 217 -18.46 23.71 -7.15
C MET G 217 -18.46 25.15 -7.64
N THR G 218 -18.31 25.38 -8.94
CA THR G 218 -18.49 26.73 -9.47
C THR G 218 -19.97 27.11 -9.53
N LEU G 219 -20.82 26.17 -9.94
CA LEU G 219 -22.25 26.42 -9.93
C LEU G 219 -22.80 26.49 -8.51
N TRP G 220 -22.17 25.79 -7.57
CA TRP G 220 -22.57 25.89 -6.18
C TRP G 220 -22.29 27.28 -5.60
N ASP G 221 -21.19 27.91 -6.03
CA ASP G 221 -20.90 29.26 -5.59
C ASP G 221 -21.91 30.26 -6.14
N GLY G 222 -22.46 29.99 -7.32
CA GLY G 222 -23.51 30.83 -7.86
C GLY G 222 -24.88 30.60 -7.29
N LEU G 223 -25.03 29.60 -6.42
CA LEU G 223 -26.30 29.30 -5.77
C LEU G 223 -26.59 30.21 -4.59
N LEU G 224 -25.62 30.99 -4.13
CA LEU G 224 -25.81 31.90 -3.01
C LEU G 224 -26.49 33.20 -3.39
N ASN G 225 -26.72 33.44 -4.69
CA ASN G 225 -27.29 34.70 -5.12
C ASN G 225 -28.79 34.76 -4.86
N ASN G 226 -29.55 33.85 -5.50
CA ASN G 226 -31.00 33.85 -5.31
C ASN G 226 -31.38 33.40 -3.90
N GLY G 227 -30.79 32.29 -3.45
CA GLY G 227 -31.07 31.76 -2.12
C GLY G 227 -32.30 30.88 -2.03
N ARG G 228 -33.05 30.72 -3.11
CA ARG G 228 -34.25 29.89 -3.10
C ARG G 228 -33.97 28.44 -3.48
N VAL G 229 -32.73 28.08 -3.74
CA VAL G 229 -32.34 26.71 -4.05
C VAL G 229 -31.19 26.32 -3.14
N MET G 230 -31.30 25.17 -2.48
CA MET G 230 -30.22 24.65 -1.67
C MET G 230 -29.80 23.28 -2.18
N ILE G 231 -28.65 22.83 -1.69
CA ILE G 231 -28.19 21.46 -1.87
C ILE G 231 -28.21 20.79 -0.51
N ILE G 232 -29.04 19.76 -0.36
CA ILE G 232 -29.17 19.02 0.89
C ILE G 232 -28.36 17.74 0.76
N GLY G 233 -27.48 17.51 1.73
CA GLY G 233 -26.60 16.36 1.71
C GLY G 233 -26.88 15.40 2.85
N ALA G 234 -26.76 14.10 2.57
CA ALA G 234 -26.86 13.06 3.58
C ALA G 234 -25.60 12.21 3.52
N THR G 235 -25.04 11.92 4.68
CA THR G 235 -23.78 11.19 4.73
C THR G 235 -23.63 10.53 6.09
N ASN G 236 -22.86 9.44 6.12
CA ASN G 236 -22.51 8.77 7.37
C ASN G 236 -21.01 8.82 7.65
N ARG G 237 -20.23 9.49 6.80
CA ARG G 237 -18.78 9.63 6.99
C ARG G 237 -18.39 11.06 6.63
N ILE G 238 -18.42 11.95 7.63
CA ILE G 238 -18.03 13.33 7.38
C ILE G 238 -16.52 13.46 7.16
N ASN G 239 -15.74 12.46 7.58
CA ASN G 239 -14.30 12.51 7.34
C ASN G 239 -13.96 12.30 5.88
N ASP G 240 -14.83 11.63 5.12
CA ASP G 240 -14.57 11.43 3.69
C ASP G 240 -14.84 12.68 2.87
N ILE G 241 -15.71 13.56 3.36
CA ILE G 241 -15.97 14.81 2.65
C ILE G 241 -14.78 15.74 2.79
N ASP G 242 -14.39 16.37 1.69
CA ASP G 242 -13.24 17.26 1.70
C ASP G 242 -13.52 18.50 2.53
N ASP G 243 -12.50 18.93 3.31
CA ASP G 243 -12.66 20.10 4.16
C ASP G 243 -12.87 21.36 3.32
N ALA G 244 -12.14 21.49 2.21
CA ALA G 244 -12.36 22.62 1.30
C ALA G 244 -13.70 22.53 0.59
N PHE G 245 -14.29 21.34 0.54
CA PHE G 245 -15.62 21.16 -0.04
C PHE G 245 -16.73 21.15 1.01
N LEU G 246 -16.37 20.96 2.29
CA LEU G 246 -17.36 20.95 3.36
C LEU G 246 -17.84 22.35 3.72
N ARG G 247 -17.01 23.37 3.47
CA ARG G 247 -17.39 24.75 3.80
C ARG G 247 -18.55 25.25 2.96
N ARG G 248 -18.80 24.64 1.80
CA ARG G 248 -19.95 25.00 0.98
C ARG G 248 -21.24 24.38 1.49
N LEU G 249 -21.17 23.55 2.52
CA LEU G 249 -22.33 23.09 3.28
C LEU G 249 -22.25 23.73 4.66
N PRO G 250 -22.69 24.98 4.82
CA PRO G 250 -22.50 25.64 6.12
C PRO G 250 -23.41 25.11 7.21
N LYS G 251 -24.61 24.66 6.85
CA LYS G 251 -25.56 24.13 7.82
C LYS G 251 -25.32 22.64 7.99
N ARG G 252 -25.00 22.22 9.22
CA ARG G 252 -24.77 20.83 9.55
C ARG G 252 -25.83 20.36 10.53
N PHE G 253 -26.38 19.18 10.28
CA PHE G 253 -27.44 18.62 11.13
C PHE G 253 -26.98 17.24 11.61
N LEU G 254 -26.43 17.20 12.82
CA LEU G 254 -25.89 15.98 13.40
C LEU G 254 -27.04 15.12 13.92
N VAL G 255 -27.31 14.01 13.22
CA VAL G 255 -28.29 13.03 13.65
C VAL G 255 -27.51 11.90 14.29
N SER G 256 -27.31 11.99 15.60
CA SER G 256 -26.50 11.01 16.31
C SER G 256 -27.30 9.74 16.59
N LEU G 257 -26.66 8.79 17.26
CA LEU G 257 -27.37 7.59 17.70
C LEU G 257 -28.43 7.98 18.72
N PRO G 258 -29.59 7.32 18.70
CA PRO G 258 -30.68 7.71 19.61
C PRO G 258 -30.32 7.50 21.07
N GLY G 259 -30.80 8.40 21.92
CA GLY G 259 -30.62 8.28 23.34
C GLY G 259 -31.67 7.38 23.95
N SER G 260 -31.70 7.37 25.29
CA SER G 260 -32.68 6.56 26.00
C SER G 260 -34.09 7.06 25.76
N ASP G 261 -34.29 8.38 25.82
CA ASP G 261 -35.62 8.93 25.56
C ASP G 261 -35.92 8.97 24.07
N GLN G 262 -34.90 9.13 23.23
CA GLN G 262 -35.11 9.13 21.79
C GLN G 262 -35.50 7.74 21.29
N ARG G 263 -34.88 6.70 21.85
CA ARG G 263 -35.26 5.34 21.48
C ARG G 263 -36.67 5.00 21.93
N TYR G 264 -37.13 5.60 23.02
CA TYR G 264 -38.51 5.44 23.45
C TYR G 264 -39.47 6.01 22.41
N LYS G 265 -39.14 7.19 21.86
CA LYS G 265 -39.98 7.82 20.86
C LYS G 265 -39.93 7.07 19.53
N ILE G 266 -38.74 6.60 19.15
CA ILE G 266 -38.59 5.88 17.89
C ILE G 266 -39.32 4.53 17.96
N LEU G 267 -39.26 3.86 19.12
CA LEU G 267 -40.00 2.62 19.28
C LEU G 267 -41.50 2.84 19.24
N SER G 268 -41.96 4.04 19.64
CA SER G 268 -43.39 4.32 19.64
C SER G 268 -43.93 4.49 18.23
N VAL G 269 -43.22 5.25 17.39
CA VAL G 269 -43.69 5.47 16.02
C VAL G 269 -43.51 4.20 15.18
N LEU G 270 -42.48 3.42 15.47
CA LEU G 270 -42.29 2.16 14.74
C LEU G 270 -43.40 1.16 15.05
N LEU G 271 -43.96 1.23 16.26
CA LEU G 271 -45.00 0.28 16.68
C LEU G 271 -46.41 0.81 16.47
N LYS G 272 -46.57 1.98 15.85
CA LYS G 272 -47.91 2.44 15.51
C LYS G 272 -48.42 1.72 14.25
N ASP G 273 -49.75 1.78 14.07
CA ASP G 273 -50.54 0.92 13.18
C ASP G 273 -50.41 -0.56 13.53
N THR G 274 -49.83 -0.88 14.68
CA THR G 274 -49.79 -2.24 15.20
C THR G 274 -50.49 -2.25 16.55
N LYS G 275 -51.51 -3.09 16.71
CA LYS G 275 -52.27 -3.09 17.95
C LYS G 275 -51.52 -3.84 19.04
N LEU G 276 -51.50 -3.26 20.23
CA LEU G 276 -50.72 -3.78 21.35
C LEU G 276 -51.65 -4.08 22.53
N ASP G 277 -51.04 -4.46 23.64
CA ASP G 277 -51.73 -4.63 24.90
C ASP G 277 -51.27 -3.55 25.88
N GLU G 278 -52.14 -3.26 26.85
CA GLU G 278 -51.95 -2.10 27.72
C GLU G 278 -51.41 -2.43 29.10
N ASP G 279 -51.45 -3.70 29.51
CA ASP G 279 -51.06 -4.07 30.86
C ASP G 279 -49.66 -4.69 30.92
N GLU G 280 -49.42 -5.75 30.14
CA GLU G 280 -48.16 -6.47 30.18
C GLU G 280 -47.15 -5.95 29.16
N PHE G 281 -47.29 -4.70 28.71
CA PHE G 281 -46.34 -4.07 27.80
C PHE G 281 -45.65 -2.93 28.53
N ASP G 282 -44.32 -2.99 28.59
CA ASP G 282 -43.51 -1.92 29.17
C ASP G 282 -42.45 -1.54 28.14
N LEU G 283 -42.81 -0.60 27.27
CA LEU G 283 -41.90 -0.15 26.22
C LEU G 283 -40.71 0.62 26.78
N GLN G 284 -40.83 1.14 28.01
CA GLN G 284 -39.72 1.84 28.64
C GLN G 284 -38.55 0.91 28.90
N LEU G 285 -38.84 -0.35 29.29
CA LEU G 285 -37.79 -1.32 29.53
C LEU G 285 -37.00 -1.63 28.27
N ILE G 286 -37.69 -1.73 27.13
CA ILE G 286 -37.01 -2.02 25.87
C ILE G 286 -36.12 -0.86 25.45
N ALA G 287 -36.53 0.37 25.76
CA ALA G 287 -35.75 1.54 25.35
C ALA G 287 -34.38 1.56 26.01
N ASP G 288 -34.31 1.25 27.30
CA ASP G 288 -33.03 1.22 27.99
C ASP G 288 -32.23 -0.04 27.65
N ASN G 289 -32.92 -1.16 27.40
CA ASN G 289 -32.23 -2.40 27.10
C ASN G 289 -31.48 -2.32 25.77
N THR G 290 -32.07 -1.66 24.77
CA THR G 290 -31.43 -1.50 23.47
C THR G 290 -30.39 -0.39 23.57
N LYS G 291 -29.22 -0.74 24.10
CA LYS G 291 -28.11 0.21 24.23
C LYS G 291 -27.30 0.21 22.94
N GLY G 292 -27.13 1.39 22.36
CA GLY G 292 -26.42 1.54 21.10
C GLY G 292 -27.24 1.21 19.87
N PHE G 293 -28.54 0.94 20.02
CA PHE G 293 -29.37 0.60 18.88
C PHE G 293 -29.69 1.85 18.07
N SER G 294 -29.54 1.73 16.75
CA SER G 294 -29.96 2.79 15.84
C SER G 294 -31.44 2.64 15.52
N GLY G 295 -31.97 3.60 14.74
CA GLY G 295 -33.37 3.51 14.34
C GLY G 295 -33.65 2.32 13.43
N SER G 296 -32.69 1.99 12.57
CA SER G 296 -32.84 0.80 11.72
C SER G 296 -32.76 -0.48 12.54
N ASP G 297 -31.96 -0.47 13.60
CA ASP G 297 -31.87 -1.65 14.48
C ASP G 297 -33.17 -1.87 15.22
N LEU G 298 -33.83 -0.79 15.65
CA LEU G 298 -35.11 -0.93 16.33
C LEU G 298 -36.21 -1.35 15.37
N LYS G 299 -36.12 -0.90 14.11
CA LYS G 299 -37.10 -1.33 13.11
C LYS G 299 -37.00 -2.83 12.84
N GLU G 300 -35.78 -3.35 12.78
CA GLU G 300 -35.59 -4.79 12.64
C GLU G 300 -36.05 -5.53 13.90
N LEU G 301 -35.77 -4.95 15.07
CA LEU G 301 -36.25 -5.54 16.33
C LEU G 301 -37.76 -5.55 16.39
N CYS G 302 -38.41 -4.45 15.98
CA CYS G 302 -39.86 -4.42 15.93
C CYS G 302 -40.41 -5.41 14.91
N ARG G 303 -39.76 -5.51 13.74
CA ARG G 303 -40.23 -6.42 12.70
C ARG G 303 -40.08 -7.87 13.14
N GLU G 304 -38.94 -8.21 13.76
CA GLU G 304 -38.73 -9.58 14.21
C GLU G 304 -39.66 -9.95 15.36
N ALA G 305 -39.90 -9.01 16.27
CA ALA G 305 -40.81 -9.29 17.39
C ALA G 305 -42.24 -9.42 16.92
N ALA G 306 -42.63 -8.65 15.91
CA ALA G 306 -43.98 -8.76 15.35
C ALA G 306 -44.18 -10.10 14.66
N LEU G 307 -43.16 -10.59 13.96
CA LEU G 307 -43.26 -11.88 13.28
C LEU G 307 -43.42 -13.02 14.29
N ASP G 308 -42.65 -12.97 15.38
CA ASP G 308 -42.76 -14.01 16.41
C ASP G 308 -44.09 -13.92 17.16
N ALA G 309 -44.60 -12.71 17.36
CA ALA G 309 -45.89 -12.56 18.03
C ALA G 309 -47.04 -13.04 17.15
N ALA G 310 -46.90 -12.88 15.84
CA ALA G 310 -47.94 -13.28 14.90
C ALA G 310 -47.70 -14.65 14.30
N LYS G 311 -46.78 -15.44 14.88
CA LYS G 311 -46.43 -16.74 14.32
C LYS G 311 -47.61 -17.71 14.30
N GLU G 312 -48.39 -17.73 15.39
CA GLU G 312 -49.55 -18.61 15.45
C GLU G 312 -50.63 -18.20 14.45
N TYR G 313 -50.84 -16.89 14.30
CA TYR G 313 -51.84 -16.41 13.35
C TYR G 313 -51.39 -16.62 11.91
N ILE G 314 -50.09 -16.47 11.64
CA ILE G 314 -49.57 -16.73 10.31
C ILE G 314 -49.70 -18.20 9.94
N LYS G 315 -49.43 -19.09 10.91
CA LYS G 315 -49.54 -20.52 10.67
C LYS G 315 -50.96 -20.93 10.30
N GLN G 316 -51.95 -20.31 10.94
CA GLN G 316 -53.34 -20.60 10.61
C GLN G 316 -53.70 -20.13 9.20
N LYS G 317 -53.28 -18.91 8.86
CA LYS G 317 -53.66 -18.34 7.56
C LYS G 317 -52.82 -18.88 6.40
N ARG G 318 -51.63 -19.42 6.68
CA ARG G 318 -50.81 -19.97 5.60
C ARG G 318 -51.40 -21.29 5.08
N GLN G 319 -51.81 -22.17 5.99
CA GLN G 319 -52.39 -23.44 5.61
C GLN G 319 -53.88 -23.48 5.90
N LYS G 335 -56.98 -13.37 14.40
CA LYS G 335 -56.62 -12.09 15.00
C LYS G 335 -55.19 -12.14 15.51
N ILE G 336 -54.45 -11.04 15.32
CA ILE G 336 -53.05 -10.99 15.70
C ILE G 336 -52.92 -11.05 17.22
N ARG G 337 -52.02 -11.91 17.69
CA ARG G 337 -51.80 -12.08 19.11
C ARG G 337 -51.21 -10.79 19.71
N PRO G 338 -51.57 -10.43 20.94
CA PRO G 338 -51.03 -9.21 21.55
C PRO G 338 -49.51 -9.22 21.65
N LEU G 339 -48.91 -8.05 21.46
CA LEU G 339 -47.46 -7.89 21.48
C LEU G 339 -47.02 -7.58 22.90
N LYS G 340 -46.55 -8.59 23.62
CA LYS G 340 -45.99 -8.38 24.94
C LYS G 340 -44.54 -7.92 24.83
N THR G 341 -44.00 -7.46 25.96
CA THR G 341 -42.59 -7.09 26.01
C THR G 341 -41.67 -8.30 26.09
N LYS G 342 -42.22 -9.50 26.31
CA LYS G 342 -41.40 -10.70 26.32
C LYS G 342 -40.83 -11.00 24.94
N ASP G 343 -41.59 -10.72 23.88
CA ASP G 343 -41.11 -10.96 22.53
C ASP G 343 -39.94 -10.04 22.19
N PHE G 344 -40.01 -8.77 22.60
CA PHE G 344 -38.91 -7.86 22.37
C PHE G 344 -37.67 -8.26 23.19
N THR G 345 -37.85 -8.45 24.50
CA THR G 345 -36.73 -8.75 25.38
C THR G 345 -36.10 -10.11 25.10
N LYS G 346 -36.82 -11.01 24.41
CA LYS G 346 -36.20 -12.23 23.94
C LYS G 346 -35.11 -11.94 22.91
N LYS G 347 -35.32 -10.93 22.07
CA LYS G 347 -34.37 -10.64 21.00
C LYS G 347 -33.10 -9.97 21.53
N LEU G 348 -33.21 -9.07 22.50
CA LEU G 348 -32.02 -8.39 22.99
C LEU G 348 -31.20 -9.32 23.88
N ARG G 349 -29.99 -8.83 24.21
CA ARG G 349 -29.07 -9.61 25.03
C ARG G 349 -29.52 -9.69 26.49
N MET G 350 -30.35 -8.77 26.94
CA MET G 350 -30.83 -8.78 28.31
C MET G 350 -32.35 -8.96 28.37
#